data_7DXR
# 
_entry.id   7DXR 
# 
_audit_conform.dict_name       mmcif_pdbx.dic 
_audit_conform.dict_version    5.380 
_audit_conform.dict_location   http://mmcif.pdb.org/dictionaries/ascii/mmcif_pdbx.dic 
# 
loop_
_database_2.database_id 
_database_2.database_code 
_database_2.pdbx_database_accession 
_database_2.pdbx_DOI 
PDB   7DXR         pdb_00007dxr 10.2210/pdb7dxr/pdb 
WWPDB D_1300020270 ?            ?                   
# 
_pdbx_database_status.status_code                     REL 
_pdbx_database_status.status_code_sf                  REL 
_pdbx_database_status.status_code_mr                  ? 
_pdbx_database_status.entry_id                        7DXR 
_pdbx_database_status.recvd_initial_deposition_date   2021-01-20 
_pdbx_database_status.SG_entry                        N 
_pdbx_database_status.deposit_site                    PDBJ 
_pdbx_database_status.process_site                    PDBJ 
_pdbx_database_status.status_code_cs                  ? 
_pdbx_database_status.status_code_nmr_data            ? 
_pdbx_database_status.methods_development_category    ? 
_pdbx_database_status.pdb_format_compatible           Y 
# 
loop_
_audit_author.name 
_audit_author.pdbx_ordinal 
_audit_author.identifier_ORCID 
'Yagi, S.'   1 ? 
'Tagami, S.' 2 ? 
# 
loop_
_citation.abstract 
_citation.abstract_id_CAS 
_citation.book_id_ISBN 
_citation.book_publisher 
_citation.book_publisher_city 
_citation.book_title 
_citation.coordinate_linkage 
_citation.country 
_citation.database_id_Medline 
_citation.details 
_citation.id 
_citation.journal_abbrev 
_citation.journal_id_ASTM 
_citation.journal_id_CSD 
_citation.journal_id_ISSN 
_citation.journal_full 
_citation.journal_issue 
_citation.journal_volume 
_citation.language 
_citation.page_first 
_citation.page_last 
_citation.title 
_citation.year 
_citation.database_id_CSD 
_citation.pdbx_database_id_DOI 
_citation.pdbx_database_id_PubMed 
_citation.unpublished_flag 
? ? ? ? ? ? ? US ? ? primary J.Am.Chem.Soc. JACSAT ? 1520-5126 ? ? 143 ? 15998 16006 
'Seven Amino Acid Types Suffice to Create the Core Fold of RNA Polymerase.'      2021 ? 10.1021/jacs.1c05367      34559526 ? 
? ? ? ? ? ? ? US ? ? 1       Biorxiv        ?      ? 2692-8205 ? ? ?   ? ?     ?     
'Seven amino acid types suffice to reconstruct the core fold of RNA polymerase.' 2021 ? 10.1101/2021.02.22.432383 ?        ? 
# 
loop_
_citation_author.citation_id 
_citation_author.name 
_citation_author.ordinal 
_citation_author.identifier_ORCID 
primary 'Yagi, S.'      1  ?                   
primary 'Padhi, A.K.'   2  ?                   
primary 'Vucinic, J.'   3  ?                   
primary 'Barbe, S.'     4  ?                   
primary 'Schiex, T.'    5  ?                   
primary 'Nakagawa, R.'  6  0000-0002-6178-2945 
primary 'Simoncini, D.' 7  ?                   
primary 'Zhang, K.Y.J.' 8  0000-0002-9282-8045 
primary 'Tagami, S.'    9  0000-0002-1720-3627 
1       'Yagi, S.'      10 ?                   
1       'Padhi, A.K.'   11 ?                   
1       'Vucinic, J.'   12 ?                   
1       'Barbe, S.'     13 ?                   
1       'Schiex, T.'    14 ?                   
1       'Nakagawa, R.'  15 ?                   
1       'Simoncini, D.' 16 ?                   
1       'Zhang, K.Y.J.' 17 ?                   
1       'Tagami, S.'    18 ?                   
# 
_cell.angle_alpha                  90.000 
_cell.angle_alpha_esd              ? 
_cell.angle_beta                   90.000 
_cell.angle_beta_esd               ? 
_cell.angle_gamma                  90.000 
_cell.angle_gamma_esd              ? 
_cell.entry_id                     7DXR 
_cell.details                      ? 
_cell.formula_units_Z              ? 
_cell.length_a                     55.114 
_cell.length_a_esd                 ? 
_cell.length_b                     56.031 
_cell.length_b_esd                 ? 
_cell.length_c                     56.541 
_cell.length_c_esd                 ? 
_cell.volume                       ? 
_cell.volume_esd                   ? 
_cell.Z_PDB                        16 
_cell.reciprocal_angle_alpha       ? 
_cell.reciprocal_angle_beta        ? 
_cell.reciprocal_angle_gamma       ? 
_cell.reciprocal_angle_alpha_esd   ? 
_cell.reciprocal_angle_beta_esd    ? 
_cell.reciprocal_angle_gamma_esd   ? 
_cell.reciprocal_length_a          ? 
_cell.reciprocal_length_b          ? 
_cell.reciprocal_length_c          ? 
_cell.reciprocal_length_a_esd      ? 
_cell.reciprocal_length_b_esd      ? 
_cell.reciprocal_length_c_esd      ? 
_cell.pdbx_unique_axis             ? 
# 
_symmetry.entry_id                         7DXR 
_symmetry.cell_setting                     ? 
_symmetry.Int_Tables_number                19 
_symmetry.space_group_name_Hall            ? 
_symmetry.space_group_name_H-M             'P 21 21 21' 
_symmetry.pdbx_full_space_group_name_H-M   ? 
# 
loop_
_entity.id 
_entity.type 
_entity.src_method 
_entity.pdbx_description 
_entity.formula_weight 
_entity.pdbx_number_of_molecules 
_entity.pdbx_ec 
_entity.pdbx_mutation 
_entity.pdbx_fragment 
_entity.details 
1 polymer     man 'mk2h protein'                       5288.193 4   ? ? ? ? 
2 non-polymer syn 'SULFATE ION'                        96.063   5   ? ? ? ? 
3 non-polymer syn '3-CYCLOHEXYL-1-PROPYLSULFONIC ACID' 221.317  1   ? ? ? ? 
4 water       nat water                                18.015   119 ? ? ? ? 
# 
_entity_poly.entity_id                      1 
_entity_poly.type                           'polypeptide(L)' 
_entity_poly.nstd_linkage                   no 
_entity_poly.nstd_monomer                   no 
_entity_poly.pdbx_seq_one_letter_code       GPMPGKSVVARVAEAYPEDVGKRIVRMDKYERAKLGVSVGDYVEVKKV 
_entity_poly.pdbx_seq_one_letter_code_can   GPMPGKSVVARVAEAYPEDVGKRIVRMDKYERAKLGVSVGDYVEVKKV 
_entity_poly.pdbx_strand_id                 A,B,C,D 
_entity_poly.pdbx_target_identifier         ? 
# 
loop_
_entity_poly_seq.entity_id 
_entity_poly_seq.num 
_entity_poly_seq.mon_id 
_entity_poly_seq.hetero 
1 1  GLY n 
1 2  PRO n 
1 3  MET n 
1 4  PRO n 
1 5  GLY n 
1 6  LYS n 
1 7  SER n 
1 8  VAL n 
1 9  VAL n 
1 10 ALA n 
1 11 ARG n 
1 12 VAL n 
1 13 ALA n 
1 14 GLU n 
1 15 ALA n 
1 16 TYR n 
1 17 PRO n 
1 18 GLU n 
1 19 ASP n 
1 20 VAL n 
1 21 GLY n 
1 22 LYS n 
1 23 ARG n 
1 24 ILE n 
1 25 VAL n 
1 26 ARG n 
1 27 MET n 
1 28 ASP n 
1 29 LYS n 
1 30 TYR n 
1 31 GLU n 
1 32 ARG n 
1 33 ALA n 
1 34 LYS n 
1 35 LEU n 
1 36 GLY n 
1 37 VAL n 
1 38 SER n 
1 39 VAL n 
1 40 GLY n 
1 41 ASP n 
1 42 TYR n 
1 43 VAL n 
1 44 GLU n 
1 45 VAL n 
1 46 LYS n 
1 47 LYS n 
1 48 VAL n 
# 
_entity_src_gen.entity_id                          1 
_entity_src_gen.pdbx_src_id                        1 
_entity_src_gen.pdbx_alt_source_flag               sample 
_entity_src_gen.pdbx_seq_type                      'Biological sequence' 
_entity_src_gen.pdbx_beg_seq_num                   1 
_entity_src_gen.pdbx_end_seq_num                   48 
_entity_src_gen.gene_src_common_name               ? 
_entity_src_gen.gene_src_genus                     ? 
_entity_src_gen.pdbx_gene_src_gene                 ? 
_entity_src_gen.gene_src_species                   ? 
_entity_src_gen.gene_src_strain                    ? 
_entity_src_gen.gene_src_tissue                    ? 
_entity_src_gen.gene_src_tissue_fraction           ? 
_entity_src_gen.gene_src_details                   ? 
_entity_src_gen.pdbx_gene_src_fragment             ? 
_entity_src_gen.pdbx_gene_src_scientific_name      'synthetic construct' 
_entity_src_gen.pdbx_gene_src_ncbi_taxonomy_id     32630 
_entity_src_gen.pdbx_gene_src_variant              ? 
_entity_src_gen.pdbx_gene_src_cell_line            ? 
_entity_src_gen.pdbx_gene_src_atcc                 ? 
_entity_src_gen.pdbx_gene_src_organ                ? 
_entity_src_gen.pdbx_gene_src_organelle            ? 
_entity_src_gen.pdbx_gene_src_cell                 ? 
_entity_src_gen.pdbx_gene_src_cellular_location    ? 
_entity_src_gen.host_org_common_name               ? 
_entity_src_gen.pdbx_host_org_scientific_name      'Escherichia coli BL21(DE3)' 
_entity_src_gen.pdbx_host_org_ncbi_taxonomy_id     469008 
_entity_src_gen.host_org_genus                     ? 
_entity_src_gen.pdbx_host_org_gene                 ? 
_entity_src_gen.pdbx_host_org_organ                ? 
_entity_src_gen.host_org_species                   ? 
_entity_src_gen.pdbx_host_org_tissue               ? 
_entity_src_gen.pdbx_host_org_tissue_fraction      ? 
_entity_src_gen.pdbx_host_org_strain               'BL21(DE3)' 
_entity_src_gen.pdbx_host_org_variant              ? 
_entity_src_gen.pdbx_host_org_cell_line            ? 
_entity_src_gen.pdbx_host_org_atcc                 ? 
_entity_src_gen.pdbx_host_org_culture_collection   ? 
_entity_src_gen.pdbx_host_org_cell                 ? 
_entity_src_gen.pdbx_host_org_organelle            ? 
_entity_src_gen.pdbx_host_org_cellular_location    ? 
_entity_src_gen.pdbx_host_org_vector_type          ? 
_entity_src_gen.pdbx_host_org_vector               ? 
_entity_src_gen.host_org_details                   ? 
_entity_src_gen.expression_system_id               ? 
_entity_src_gen.plasmid_name                       ? 
_entity_src_gen.plasmid_details                    ? 
_entity_src_gen.pdbx_description                   ? 
# 
_struct_ref.id                         1 
_struct_ref.db_name                    PDB 
_struct_ref.db_code                    7DXR 
_struct_ref.pdbx_db_accession          7DXR 
_struct_ref.pdbx_db_isoform            ? 
_struct_ref.entity_id                  1 
_struct_ref.pdbx_seq_one_letter_code   ? 
_struct_ref.pdbx_align_begin           1 
# 
loop_
_struct_ref_seq.align_id 
_struct_ref_seq.ref_id 
_struct_ref_seq.pdbx_PDB_id_code 
_struct_ref_seq.pdbx_strand_id 
_struct_ref_seq.seq_align_beg 
_struct_ref_seq.pdbx_seq_align_beg_ins_code 
_struct_ref_seq.seq_align_end 
_struct_ref_seq.pdbx_seq_align_end_ins_code 
_struct_ref_seq.pdbx_db_accession 
_struct_ref_seq.db_align_beg 
_struct_ref_seq.pdbx_db_align_beg_ins_code 
_struct_ref_seq.db_align_end 
_struct_ref_seq.pdbx_db_align_end_ins_code 
_struct_ref_seq.pdbx_auth_seq_align_beg 
_struct_ref_seq.pdbx_auth_seq_align_end 
1 1 7DXR A 1 ? 48 ? 7DXR -1 ? 46 ? -1 46 
2 1 7DXR B 1 ? 48 ? 7DXR -1 ? 46 ? -1 46 
3 1 7DXR C 1 ? 48 ? 7DXR -1 ? 46 ? -1 46 
4 1 7DXR D 1 ? 48 ? 7DXR -1 ? 46 ? -1 46 
# 
loop_
_chem_comp.id 
_chem_comp.type 
_chem_comp.mon_nstd_flag 
_chem_comp.name 
_chem_comp.pdbx_synonyms 
_chem_comp.formula 
_chem_comp.formula_weight 
ALA 'L-peptide linking' y ALANINE                              ? 'C3 H7 N O2'     89.093  
ARG 'L-peptide linking' y ARGININE                             ? 'C6 H15 N4 O2 1' 175.209 
ASP 'L-peptide linking' y 'ASPARTIC ACID'                      ? 'C4 H7 N O4'     133.103 
CXS non-polymer         . '3-CYCLOHEXYL-1-PROPYLSULFONIC ACID' ? 'C9 H19 N O3 S'  221.317 
GLU 'L-peptide linking' y 'GLUTAMIC ACID'                      ? 'C5 H9 N O4'     147.129 
GLY 'peptide linking'   y GLYCINE                              ? 'C2 H5 N O2'     75.067  
HOH non-polymer         . WATER                                ? 'H2 O'           18.015  
ILE 'L-peptide linking' y ISOLEUCINE                           ? 'C6 H13 N O2'    131.173 
LEU 'L-peptide linking' y LEUCINE                              ? 'C6 H13 N O2'    131.173 
LYS 'L-peptide linking' y LYSINE                               ? 'C6 H15 N2 O2 1' 147.195 
MET 'L-peptide linking' y METHIONINE                           ? 'C5 H11 N O2 S'  149.211 
PRO 'L-peptide linking' y PROLINE                              ? 'C5 H9 N O2'     115.130 
SER 'L-peptide linking' y SERINE                               ? 'C3 H7 N O3'     105.093 
SO4 non-polymer         . 'SULFATE ION'                        ? 'O4 S -2'        96.063  
TYR 'L-peptide linking' y TYROSINE                             ? 'C9 H11 N O3'    181.189 
VAL 'L-peptide linking' y VALINE                               ? 'C5 H11 N O2'    117.146 
# 
_exptl.absorpt_coefficient_mu     ? 
_exptl.absorpt_correction_T_max   ? 
_exptl.absorpt_correction_T_min   ? 
_exptl.absorpt_correction_type    ? 
_exptl.absorpt_process_details    ? 
_exptl.entry_id                   7DXR 
_exptl.crystals_number            1 
_exptl.details                    ? 
_exptl.method                     'X-RAY DIFFRACTION' 
_exptl.method_details             ? 
# 
_exptl_crystal.colour                      ? 
_exptl_crystal.density_diffrn              ? 
_exptl_crystal.density_Matthews            2.06 
_exptl_crystal.density_method              ? 
_exptl_crystal.density_percent_sol         40.40 
_exptl_crystal.description                 ? 
_exptl_crystal.F_000                       ? 
_exptl_crystal.id                          1 
_exptl_crystal.preparation                 ? 
_exptl_crystal.size_max                    ? 
_exptl_crystal.size_mid                    ? 
_exptl_crystal.size_min                    ? 
_exptl_crystal.size_rad                    ? 
_exptl_crystal.colour_lustre               ? 
_exptl_crystal.colour_modifier             ? 
_exptl_crystal.colour_primary              ? 
_exptl_crystal.density_meas                ? 
_exptl_crystal.density_meas_esd            ? 
_exptl_crystal.density_meas_gt             ? 
_exptl_crystal.density_meas_lt             ? 
_exptl_crystal.density_meas_temp           ? 
_exptl_crystal.density_meas_temp_esd       ? 
_exptl_crystal.density_meas_temp_gt        ? 
_exptl_crystal.density_meas_temp_lt        ? 
_exptl_crystal.pdbx_crystal_image_url      ? 
_exptl_crystal.pdbx_crystal_image_format   ? 
_exptl_crystal.pdbx_mosaicity              ? 
_exptl_crystal.pdbx_mosaicity_esd          ? 
# 
_exptl_crystal_grow.apparatus       ? 
_exptl_crystal_grow.atmosphere      ? 
_exptl_crystal_grow.crystal_id      1 
_exptl_crystal_grow.details         ? 
_exptl_crystal_grow.method          'VAPOR DIFFUSION, SITTING DROP' 
_exptl_crystal_grow.method_ref      ? 
_exptl_crystal_grow.pH              ? 
_exptl_crystal_grow.pressure        ? 
_exptl_crystal_grow.pressure_esd    ? 
_exptl_crystal_grow.seeding         ? 
_exptl_crystal_grow.seeding_ref     ? 
_exptl_crystal_grow.temp            293 
_exptl_crystal_grow.temp_details    ? 
_exptl_crystal_grow.temp_esd        ? 
_exptl_crystal_grow.time            ? 
_exptl_crystal_grow.pdbx_details    
'1200mM Sodium phosphate monobasic/800mM Pottasium phosphate dibasic, 100 mM CAPS pH 10.5, 100mM Lithium sulfate' 
_exptl_crystal_grow.pdbx_pH_range   ? 
# 
_diffrn.ambient_environment              ? 
_diffrn.ambient_temp                     100 
_diffrn.ambient_temp_details             ? 
_diffrn.ambient_temp_esd                 ? 
_diffrn.crystal_id                       1 
_diffrn.crystal_support                  ? 
_diffrn.crystal_treatment                ? 
_diffrn.details                          ? 
_diffrn.id                               1 
_diffrn.ambient_pressure                 ? 
_diffrn.ambient_pressure_esd             ? 
_diffrn.ambient_pressure_gt              ? 
_diffrn.ambient_pressure_lt              ? 
_diffrn.ambient_temp_gt                  ? 
_diffrn.ambient_temp_lt                  ? 
_diffrn.pdbx_serial_crystal_experiment   N 
# 
_diffrn_detector.details                      ? 
_diffrn_detector.detector                     CCD 
_diffrn_detector.diffrn_id                    1 
_diffrn_detector.type                         'RAYONIX MX225-HS' 
_diffrn_detector.area_resol_mean              ? 
_diffrn_detector.dtime                        ? 
_diffrn_detector.pdbx_frames_total            ? 
_diffrn_detector.pdbx_collection_time_total   ? 
_diffrn_detector.pdbx_collection_date         2020-01-30 
_diffrn_detector.pdbx_frequency               ? 
# 
_diffrn_radiation.collimation                      ? 
_diffrn_radiation.diffrn_id                        1 
_diffrn_radiation.filter_edge                      ? 
_diffrn_radiation.inhomogeneity                    ? 
_diffrn_radiation.monochromator                    ? 
_diffrn_radiation.polarisn_norm                    ? 
_diffrn_radiation.polarisn_ratio                   ? 
_diffrn_radiation.probe                            ? 
_diffrn_radiation.type                             ? 
_diffrn_radiation.xray_symbol                      ? 
_diffrn_radiation.wavelength_id                    1 
_diffrn_radiation.pdbx_monochromatic_or_laue_m_l   M 
_diffrn_radiation.pdbx_wavelength_list             ? 
_diffrn_radiation.pdbx_wavelength                  ? 
_diffrn_radiation.pdbx_diffrn_protocol             'SINGLE WAVELENGTH' 
_diffrn_radiation.pdbx_analyzer                    ? 
_diffrn_radiation.pdbx_scattering_type             x-ray 
# 
_diffrn_radiation_wavelength.id           1 
_diffrn_radiation_wavelength.wavelength   1 
_diffrn_radiation_wavelength.wt           1.0 
# 
_diffrn_source.current                     ? 
_diffrn_source.details                     ? 
_diffrn_source.diffrn_id                   1 
_diffrn_source.power                       ? 
_diffrn_source.size                        ? 
_diffrn_source.source                      SYNCHROTRON 
_diffrn_source.target                      ? 
_diffrn_source.type                        'SPRING-8 BEAMLINE BL26B2' 
_diffrn_source.voltage                     ? 
_diffrn_source.take-off_angle              ? 
_diffrn_source.pdbx_wavelength_list        1 
_diffrn_source.pdbx_wavelength             ? 
_diffrn_source.pdbx_synchrotron_beamline   BL26B2 
_diffrn_source.pdbx_synchrotron_site       SPring-8 
# 
_reflns.B_iso_Wilson_estimate            ? 
_reflns.entry_id                         7DXR 
_reflns.data_reduction_details           ? 
_reflns.data_reduction_method            ? 
_reflns.d_resolution_high                1.60 
_reflns.d_resolution_low                 50 
_reflns.details                          ? 
_reflns.limit_h_max                      ? 
_reflns.limit_h_min                      ? 
_reflns.limit_k_max                      ? 
_reflns.limit_k_min                      ? 
_reflns.limit_l_max                      ? 
_reflns.limit_l_min                      ? 
_reflns.number_all                       ? 
_reflns.number_obs                       23802 
_reflns.observed_criterion               ? 
_reflns.observed_criterion_F_max         ? 
_reflns.observed_criterion_F_min         ? 
_reflns.observed_criterion_I_max         ? 
_reflns.observed_criterion_I_min         ? 
_reflns.observed_criterion_sigma_F       ? 
_reflns.observed_criterion_sigma_I       ? 
_reflns.percent_possible_obs             99.9 
_reflns.R_free_details                   ? 
_reflns.Rmerge_F_all                     ? 
_reflns.Rmerge_F_obs                     ? 
_reflns.Friedel_coverage                 ? 
_reflns.number_gt                        ? 
_reflns.threshold_expression             ? 
_reflns.pdbx_redundancy                  11.11 
_reflns.pdbx_Rmerge_I_obs                ? 
_reflns.pdbx_Rmerge_I_all                ? 
_reflns.pdbx_Rsym_value                  ? 
_reflns.pdbx_netI_over_av_sigmaI         ? 
_reflns.pdbx_netI_over_sigmaI            25.31 
_reflns.pdbx_res_netI_over_av_sigmaI_2   ? 
_reflns.pdbx_res_netI_over_sigmaI_2      ? 
_reflns.pdbx_chi_squared                 ? 
_reflns.pdbx_scaling_rejects             ? 
_reflns.pdbx_d_res_high_opt              ? 
_reflns.pdbx_d_res_low_opt               ? 
_reflns.pdbx_d_res_opt_method            ? 
_reflns.phase_calculation_details        ? 
_reflns.pdbx_Rrim_I_all                  ? 
_reflns.pdbx_Rpim_I_all                  ? 
_reflns.pdbx_d_opt                       ? 
_reflns.pdbx_number_measured_all         ? 
_reflns.pdbx_diffrn_id                   1 
_reflns.pdbx_ordinal                     1 
_reflns.pdbx_CC_half                     1 
_reflns.pdbx_CC_star                     ? 
_reflns.pdbx_R_split                     ? 
# 
_reflns_shell.d_res_high                  1.60 
_reflns_shell.d_res_low                   1.69 
_reflns_shell.meanI_over_sigI_all         ? 
_reflns_shell.meanI_over_sigI_obs         ? 
_reflns_shell.number_measured_all         ? 
_reflns_shell.number_measured_obs         ? 
_reflns_shell.number_possible             ? 
_reflns_shell.number_unique_all           ? 
_reflns_shell.number_unique_obs           3762 
_reflns_shell.percent_possible_all        ? 
_reflns_shell.percent_possible_obs        ? 
_reflns_shell.Rmerge_F_all                ? 
_reflns_shell.Rmerge_F_obs                ? 
_reflns_shell.Rmerge_I_all                ? 
_reflns_shell.Rmerge_I_obs                ? 
_reflns_shell.meanI_over_sigI_gt          ? 
_reflns_shell.meanI_over_uI_all           ? 
_reflns_shell.meanI_over_uI_gt            ? 
_reflns_shell.number_measured_gt          ? 
_reflns_shell.number_unique_gt            ? 
_reflns_shell.percent_possible_gt         ? 
_reflns_shell.Rmerge_F_gt                 ? 
_reflns_shell.Rmerge_I_gt                 ? 
_reflns_shell.pdbx_redundancy             ? 
_reflns_shell.pdbx_Rsym_value             ? 
_reflns_shell.pdbx_chi_squared            ? 
_reflns_shell.pdbx_netI_over_sigmaI_all   ? 
_reflns_shell.pdbx_netI_over_sigmaI_obs   ? 
_reflns_shell.pdbx_Rrim_I_all             ? 
_reflns_shell.pdbx_Rpim_I_all             ? 
_reflns_shell.pdbx_rejects                ? 
_reflns_shell.pdbx_ordinal                1 
_reflns_shell.pdbx_diffrn_id              1 
_reflns_shell.pdbx_CC_half                0.899 
_reflns_shell.pdbx_CC_star                ? 
_reflns_shell.pdbx_R_split                ? 
# 
_refine.aniso_B[1][1]                            ? 
_refine.aniso_B[1][2]                            ? 
_refine.aniso_B[1][3]                            ? 
_refine.aniso_B[2][2]                            ? 
_refine.aniso_B[2][3]                            ? 
_refine.aniso_B[3][3]                            ? 
_refine.B_iso_max                                70.500 
_refine.B_iso_mean                               29.7405 
_refine.B_iso_min                                12.020 
_refine.correlation_coeff_Fo_to_Fc               ? 
_refine.correlation_coeff_Fo_to_Fc_free          ? 
_refine.details                                  ? 
_refine.diff_density_max                         ? 
_refine.diff_density_max_esd                     ? 
_refine.diff_density_min                         ? 
_refine.diff_density_min_esd                     ? 
_refine.diff_density_rms                         ? 
_refine.diff_density_rms_esd                     ? 
_refine.entry_id                                 7DXR 
_refine.pdbx_refine_id                           'X-RAY DIFFRACTION' 
_refine.ls_abs_structure_details                 ? 
_refine.ls_abs_structure_Flack                   ? 
_refine.ls_abs_structure_Flack_esd               ? 
_refine.ls_abs_structure_Rogers                  ? 
_refine.ls_abs_structure_Rogers_esd              ? 
_refine.ls_d_res_high                            1.6000 
_refine.ls_d_res_low                             39.8000 
_refine.ls_extinction_coef                       ? 
_refine.ls_extinction_coef_esd                   ? 
_refine.ls_extinction_expression                 ? 
_refine.ls_extinction_method                     ? 
_refine.ls_goodness_of_fit_all                   ? 
_refine.ls_goodness_of_fit_all_esd               ? 
_refine.ls_goodness_of_fit_obs                   ? 
_refine.ls_goodness_of_fit_obs_esd               ? 
_refine.ls_hydrogen_treatment                    ? 
_refine.ls_matrix_type                           ? 
_refine.ls_number_constraints                    ? 
_refine.ls_number_parameters                     ? 
_refine.ls_number_reflns_all                     ? 
_refine.ls_number_reflns_obs                     23788 
_refine.ls_number_reflns_R_free                  2009 
_refine.ls_number_reflns_R_work                  21779 
_refine.ls_number_restraints                     ? 
_refine.ls_percent_reflns_obs                    99.8300 
_refine.ls_percent_reflns_R_free                 8.4500 
_refine.ls_R_factor_all                          ? 
_refine.ls_R_factor_obs                          0.2166 
_refine.ls_R_factor_R_free                       0.2488 
_refine.ls_R_factor_R_free_error                 ? 
_refine.ls_R_factor_R_free_error_details         ? 
_refine.ls_R_factor_R_work                       0.2137 
_refine.ls_R_Fsqd_factor_obs                     ? 
_refine.ls_R_I_factor_obs                        ? 
_refine.ls_redundancy_reflns_all                 ? 
_refine.ls_redundancy_reflns_obs                 ? 
_refine.ls_restrained_S_all                      ? 
_refine.ls_restrained_S_obs                      ? 
_refine.ls_shift_over_esd_max                    ? 
_refine.ls_shift_over_esd_mean                   ? 
_refine.ls_structure_factor_coef                 ? 
_refine.ls_weighting_details                     ? 
_refine.ls_weighting_scheme                      ? 
_refine.ls_wR_factor_all                         ? 
_refine.ls_wR_factor_obs                         ? 
_refine.ls_wR_factor_R_free                      ? 
_refine.ls_wR_factor_R_work                      ? 
_refine.occupancy_max                            ? 
_refine.occupancy_min                            ? 
_refine.solvent_model_details                    'FLAT BULK SOLVENT MODEL' 
_refine.solvent_model_param_bsol                 ? 
_refine.solvent_model_param_ksol                 ? 
_refine.pdbx_R_complete                          ? 
_refine.ls_R_factor_gt                           ? 
_refine.ls_goodness_of_fit_gt                    ? 
_refine.ls_goodness_of_fit_ref                   ? 
_refine.ls_shift_over_su_max                     ? 
_refine.ls_shift_over_su_max_lt                  ? 
_refine.ls_shift_over_su_mean                    ? 
_refine.ls_shift_over_su_mean_lt                 ? 
_refine.pdbx_ls_sigma_I                          ? 
_refine.pdbx_ls_sigma_F                          1.350 
_refine.pdbx_ls_sigma_Fsqd                       ? 
_refine.pdbx_data_cutoff_high_absF               ? 
_refine.pdbx_data_cutoff_high_rms_absF           ? 
_refine.pdbx_data_cutoff_low_absF                ? 
_refine.pdbx_isotropic_thermal_model             ? 
_refine.pdbx_ls_cross_valid_method               THROUGHOUT 
_refine.pdbx_method_to_determine_struct          'MOLECULAR REPLACEMENT' 
_refine.pdbx_starting_model                      7DU6 
_refine.pdbx_stereochemistry_target_values       ML 
_refine.pdbx_R_Free_selection_details            ? 
_refine.pdbx_stereochem_target_val_spec_case     ? 
_refine.pdbx_overall_ESU_R                       ? 
_refine.pdbx_overall_ESU_R_Free                  ? 
_refine.pdbx_solvent_vdw_probe_radii             1.1100 
_refine.pdbx_solvent_ion_probe_radii             ? 
_refine.pdbx_solvent_shrinkage_radii             0.9000 
_refine.pdbx_real_space_R                        ? 
_refine.pdbx_density_correlation                 ? 
_refine.pdbx_pd_number_of_powder_patterns        ? 
_refine.pdbx_pd_number_of_points                 ? 
_refine.pdbx_pd_meas_number_of_points            ? 
_refine.pdbx_pd_proc_ls_prof_R_factor            ? 
_refine.pdbx_pd_proc_ls_prof_wR_factor           ? 
_refine.pdbx_pd_Marquardt_correlation_coeff      ? 
_refine.pdbx_pd_Fsqrd_R_factor                   ? 
_refine.pdbx_pd_ls_matrix_band_width             ? 
_refine.pdbx_overall_phase_error                 27.6300 
_refine.pdbx_overall_SU_R_free_Cruickshank_DPI   ? 
_refine.pdbx_overall_SU_R_free_Blow_DPI          ? 
_refine.pdbx_overall_SU_R_Blow_DPI               ? 
_refine.pdbx_TLS_residual_ADP_flag               ? 
_refine.pdbx_diffrn_id                           1 
_refine.overall_SU_B                             ? 
_refine.overall_SU_ML                            0.2200 
_refine.overall_SU_R_Cruickshank_DPI             ? 
_refine.overall_SU_R_free                        ? 
_refine.overall_FOM_free_R_set                   ? 
_refine.overall_FOM_work_R_set                   ? 
_refine.pdbx_average_fsc_overall                 ? 
_refine.pdbx_average_fsc_work                    ? 
_refine.pdbx_average_fsc_free                    ? 
# 
_refine_hist.pdbx_refine_id                   'X-RAY DIFFRACTION' 
_refine_hist.cycle_id                         final 
_refine_hist.details                          ? 
_refine_hist.d_res_high                       1.6000 
_refine_hist.d_res_low                        39.8000 
_refine_hist.number_atoms_solvent             119 
_refine_hist.number_atoms_total               1539 
_refine_hist.number_reflns_all                ? 
_refine_hist.number_reflns_obs                ? 
_refine_hist.number_reflns_R_free             ? 
_refine_hist.number_reflns_R_work             ? 
_refine_hist.R_factor_all                     ? 
_refine_hist.R_factor_obs                     ? 
_refine_hist.R_factor_R_free                  ? 
_refine_hist.R_factor_R_work                  ? 
_refine_hist.pdbx_number_residues_total       176 
_refine_hist.pdbx_B_iso_mean_ligand           32.80 
_refine_hist.pdbx_B_iso_mean_solvent          37.67 
_refine_hist.pdbx_number_atoms_protein        1381 
_refine_hist.pdbx_number_atoms_nucleic_acid   0 
_refine_hist.pdbx_number_atoms_ligand         39 
_refine_hist.pdbx_number_atoms_lipid          ? 
_refine_hist.pdbx_number_atoms_carb           ? 
_refine_hist.pdbx_pseudo_atom_details         ? 
# 
loop_
_refine_ls_shell.pdbx_refine_id 
_refine_ls_shell.d_res_high 
_refine_ls_shell.d_res_low 
_refine_ls_shell.number_reflns_all 
_refine_ls_shell.number_reflns_obs 
_refine_ls_shell.number_reflns_R_free 
_refine_ls_shell.number_reflns_R_work 
_refine_ls_shell.percent_reflns_obs 
_refine_ls_shell.percent_reflns_R_free 
_refine_ls_shell.R_factor_all 
_refine_ls_shell.R_factor_obs 
_refine_ls_shell.R_factor_R_free 
_refine_ls_shell.R_factor_R_free_error 
_refine_ls_shell.R_factor_R_work 
_refine_ls_shell.redundancy_reflns_all 
_refine_ls_shell.redundancy_reflns_obs 
_refine_ls_shell.wR_factor_all 
_refine_ls_shell.wR_factor_obs 
_refine_ls_shell.wR_factor_R_free 
_refine_ls_shell.wR_factor_R_work 
_refine_ls_shell.pdbx_R_complete 
_refine_ls_shell.pdbx_total_number_of_bins_used 
_refine_ls_shell.pdbx_phase_error 
_refine_ls_shell.pdbx_fsc_work 
_refine_ls_shell.pdbx_fsc_free 
'X-RAY DIFFRACTION' 1.6000 1.6400  1663 . 146 1517 98.0000  . . . 0.3538 0.0000 0.2847 . . . . . . . 14 . . . 
'X-RAY DIFFRACTION' 1.6400 1.6800  1644 . 145 1499 100.0000 . . . 0.3712 0.0000 0.2838 . . . . . . . 14 . . . 
'X-RAY DIFFRACTION' 1.6800 1.7300  1679 . 143 1536 100.0000 . . . 0.2960 0.0000 0.2684 . . . . . . . 14 . . . 
'X-RAY DIFFRACTION' 1.7300 1.7900  1683 . 140 1543 100.0000 . . . 0.2789 0.0000 0.2469 . . . . . . . 14 . . . 
'X-RAY DIFFRACTION' 1.7900 1.8500  1676 . 137 1539 100.0000 . . . 0.2910 0.0000 0.2414 . . . . . . . 14 . . . 
'X-RAY DIFFRACTION' 1.8500 1.9300  1673 . 138 1535 100.0000 . . . 0.3482 0.0000 0.2514 . . . . . . . 14 . . . 
'X-RAY DIFFRACTION' 1.9300 2.0100  1695 . 136 1559 100.0000 . . . 0.3134 0.0000 0.2255 . . . . . . . 14 . . . 
'X-RAY DIFFRACTION' 2.0100 2.1200  1677 . 140 1537 100.0000 . . . 0.2566 0.0000 0.2228 . . . . . . . 14 . . . 
'X-RAY DIFFRACTION' 2.1200 2.2500  1701 . 151 1550 100.0000 . . . 0.2892 0.0000 0.2188 . . . . . . . 14 . . . 
'X-RAY DIFFRACTION' 2.2500 2.4300  1693 . 144 1549 100.0000 . . . 0.2677 0.0000 0.2282 . . . . . . . 14 . . . 
'X-RAY DIFFRACTION' 2.4300 2.6700  1706 . 137 1569 100.0000 . . . 0.2838 0.0000 0.2290 . . . . . . . 14 . . . 
'X-RAY DIFFRACTION' 2.6700 3.0600  1722 . 151 1571 100.0000 . . . 0.2584 0.0000 0.2151 . . . . . . . 14 . . . 
'X-RAY DIFFRACTION' 3.0600 3.8500  1731 . 147 1584 100.0000 . . . 0.2093 0.0000 0.1860 . . . . . . . 14 . . . 
'X-RAY DIFFRACTION' 3.8500 39.8000 1845 . 154 1691 100.0000 . . . 0.1984 0.0000 0.1941 . . . . . . . 14 . . . 
# 
_struct.entry_id                     7DXR 
_struct.title                        'Crystal structure of the mk2h peptide homodimer.' 
_struct.pdbx_model_details           ? 
_struct.pdbx_formula_weight          ? 
_struct.pdbx_formula_weight_method   ? 
_struct.pdbx_model_type_details      ? 
_struct.pdbx_CASP_flag               N 
# 
_struct_keywords.entry_id        7DXR 
_struct_keywords.text            'Double psi beta barrel, CHAPERONE' 
_struct_keywords.pdbx_keywords   CHAPERONE 
# 
loop_
_struct_asym.id 
_struct_asym.pdbx_blank_PDB_chainid_flag 
_struct_asym.pdbx_modified 
_struct_asym.entity_id 
_struct_asym.details 
A N N 1 ? 
B N N 1 ? 
C N N 1 ? 
D N N 1 ? 
E N N 2 ? 
F N N 2 ? 
G N N 2 ? 
H N N 2 ? 
I N N 2 ? 
J N N 3 ? 
K N N 4 ? 
L N N 4 ? 
M N N 4 ? 
N N N 4 ? 
# 
loop_
_struct_conf.conf_type_id 
_struct_conf.id 
_struct_conf.pdbx_PDB_helix_id 
_struct_conf.beg_label_comp_id 
_struct_conf.beg_label_asym_id 
_struct_conf.beg_label_seq_id 
_struct_conf.pdbx_beg_PDB_ins_code 
_struct_conf.end_label_comp_id 
_struct_conf.end_label_asym_id 
_struct_conf.end_label_seq_id 
_struct_conf.pdbx_end_PDB_ins_code 
_struct_conf.beg_auth_comp_id 
_struct_conf.beg_auth_asym_id 
_struct_conf.beg_auth_seq_id 
_struct_conf.end_auth_comp_id 
_struct_conf.end_auth_asym_id 
_struct_conf.end_auth_seq_id 
_struct_conf.pdbx_PDB_helix_class 
_struct_conf.details 
_struct_conf.pdbx_PDB_helix_length 
HELX_P HELX_P1 AA1 TYR A 16 ? VAL A 20 ? TYR A 14 VAL A 18 5 ? 5 
HELX_P HELX_P2 AA2 ASP A 28 ? GLY A 36 ? ASP A 26 GLY A 34 1 ? 9 
HELX_P HELX_P3 AA3 TYR B 16 ? VAL B 20 ? TYR B 14 VAL B 18 5 ? 5 
HELX_P HELX_P4 AA4 ASP B 28 ? GLY B 36 ? ASP B 26 GLY B 34 1 ? 9 
HELX_P HELX_P5 AA5 TYR C 16 ? VAL C 20 ? TYR C 14 VAL C 18 5 ? 5 
HELX_P HELX_P6 AA6 ASP C 28 ? GLY C 36 ? ASP C 26 GLY C 34 1 ? 9 
HELX_P HELX_P7 AA7 TYR D 16 ? VAL D 20 ? TYR D 14 VAL D 18 5 ? 5 
HELX_P HELX_P8 AA8 ASP D 28 ? GLY D 36 ? ASP D 26 GLY D 34 1 ? 9 
# 
_struct_conf_type.id          HELX_P 
_struct_conf_type.criteria    ? 
_struct_conf_type.reference   ? 
# 
loop_
_struct_sheet.id 
_struct_sheet.type 
_struct_sheet.number_strands 
_struct_sheet.details 
AA1 ? 7 ? 
AA2 ? 7 ? 
# 
loop_
_struct_sheet_order.sheet_id 
_struct_sheet_order.range_id_1 
_struct_sheet_order.range_id_2 
_struct_sheet_order.offset 
_struct_sheet_order.sense 
AA1 1 2 ? parallel      
AA1 2 3 ? anti-parallel 
AA1 3 4 ? parallel      
AA1 4 5 ? anti-parallel 
AA1 5 6 ? anti-parallel 
AA1 6 7 ? anti-parallel 
AA2 1 2 ? parallel      
AA2 2 3 ? anti-parallel 
AA2 3 4 ? parallel      
AA2 4 5 ? anti-parallel 
AA2 5 6 ? anti-parallel 
AA2 6 7 ? anti-parallel 
# 
loop_
_struct_sheet_range.sheet_id 
_struct_sheet_range.id 
_struct_sheet_range.beg_label_comp_id 
_struct_sheet_range.beg_label_asym_id 
_struct_sheet_range.beg_label_seq_id 
_struct_sheet_range.pdbx_beg_PDB_ins_code 
_struct_sheet_range.end_label_comp_id 
_struct_sheet_range.end_label_asym_id 
_struct_sheet_range.end_label_seq_id 
_struct_sheet_range.pdbx_end_PDB_ins_code 
_struct_sheet_range.beg_auth_comp_id 
_struct_sheet_range.beg_auth_asym_id 
_struct_sheet_range.beg_auth_seq_id 
_struct_sheet_range.end_auth_comp_id 
_struct_sheet_range.end_auth_asym_id 
_struct_sheet_range.end_auth_seq_id 
AA1 1 VAL A 8  ? GLU A 14 ? VAL A 6  GLU A 12 
AA1 2 ILE B 24 ? MET B 27 ? ILE B 22 MET B 25 
AA1 3 ILE A 24 ? ARG A 26 ? ILE A 22 ARG A 24 
AA1 4 VAL B 8  ? ALA B 13 ? VAL B 6  ALA B 11 
AA1 5 TYR A 42 ? LYS A 47 ? TYR A 40 LYS A 45 
AA1 6 TYR B 42 ? LYS B 47 ? TYR B 40 LYS B 45 
AA1 7 VAL A 8  ? GLU A 14 ? VAL A 6  GLU A 12 
AA2 1 VAL C 8  ? GLU C 14 ? VAL C 6  GLU C 12 
AA2 2 ILE D 24 ? MET D 27 ? ILE D 22 MET D 25 
AA2 3 ILE C 24 ? ARG C 26 ? ILE C 22 ARG C 24 
AA2 4 VAL D 8  ? ALA D 13 ? VAL D 6  ALA D 11 
AA2 5 TYR C 42 ? LYS C 47 ? TYR C 40 LYS C 45 
AA2 6 TYR D 42 ? LYS D 47 ? TYR D 40 LYS D 45 
AA2 7 VAL C 8  ? GLU C 14 ? VAL C 6  GLU C 12 
# 
loop_
_pdbx_struct_sheet_hbond.sheet_id 
_pdbx_struct_sheet_hbond.range_id_1 
_pdbx_struct_sheet_hbond.range_id_2 
_pdbx_struct_sheet_hbond.range_1_label_atom_id 
_pdbx_struct_sheet_hbond.range_1_label_comp_id 
_pdbx_struct_sheet_hbond.range_1_label_asym_id 
_pdbx_struct_sheet_hbond.range_1_label_seq_id 
_pdbx_struct_sheet_hbond.range_1_PDB_ins_code 
_pdbx_struct_sheet_hbond.range_1_auth_atom_id 
_pdbx_struct_sheet_hbond.range_1_auth_comp_id 
_pdbx_struct_sheet_hbond.range_1_auth_asym_id 
_pdbx_struct_sheet_hbond.range_1_auth_seq_id 
_pdbx_struct_sheet_hbond.range_2_label_atom_id 
_pdbx_struct_sheet_hbond.range_2_label_comp_id 
_pdbx_struct_sheet_hbond.range_2_label_asym_id 
_pdbx_struct_sheet_hbond.range_2_label_seq_id 
_pdbx_struct_sheet_hbond.range_2_PDB_ins_code 
_pdbx_struct_sheet_hbond.range_2_auth_atom_id 
_pdbx_struct_sheet_hbond.range_2_auth_comp_id 
_pdbx_struct_sheet_hbond.range_2_auth_asym_id 
_pdbx_struct_sheet_hbond.range_2_auth_seq_id 
AA1 1 2 N ALA A 13 ? N ALA A 11 O VAL B 25 ? O VAL B 23 
AA1 2 3 O ARG B 26 ? O ARG B 24 N ARG A 26 ? N ARG A 24 
AA1 3 4 N VAL A 25 ? N VAL A 23 O ALA B 13 ? O ALA B 11 
AA1 4 5 O ALA B 10 ? O ALA B 8  N VAL A 43 ? N VAL A 41 
AA1 5 6 N GLU A 44 ? N GLU A 42 O LYS B 46 ? O LYS B 44 
AA1 6 7 O VAL B 45 ? O VAL B 43 N VAL A 8  ? N VAL A 6  
AA2 1 2 N ALA C 13 ? N ALA C 11 O MET D 27 ? O MET D 25 
AA2 2 3 O ARG D 26 ? O ARG D 24 N ARG C 26 ? N ARG C 24 
AA2 3 4 N VAL C 25 ? N VAL C 23 O ALA D 13 ? O ALA D 11 
AA2 4 5 O VAL D 8  ? O VAL D 6  N VAL C 45 ? N VAL C 43 
AA2 5 6 N GLU C 44 ? N GLU C 42 O LYS D 46 ? O LYS D 44 
AA2 6 7 O VAL D 45 ? O VAL D 43 N VAL C 8  ? N VAL C 6  
# 
loop_
_struct_site.id 
_struct_site.pdbx_evidence_code 
_struct_site.pdbx_auth_asym_id 
_struct_site.pdbx_auth_comp_id 
_struct_site.pdbx_auth_seq_id 
_struct_site.pdbx_auth_ins_code 
_struct_site.pdbx_num_residues 
_struct_site.details 
AC1 Software B SO4 101 ? 6  'binding site for residue SO4 B 101' 
AC2 Software B SO4 102 ? 8  'binding site for residue SO4 B 102' 
AC3 Software B SO4 103 ? 6  'binding site for residue SO4 B 103' 
AC4 Software C SO4 101 ? 7  'binding site for residue SO4 C 101' 
AC5 Software C SO4 102 ? 6  'binding site for residue SO4 C 102' 
AC6 Software C CXS 103 ? 11 'binding site for residue CXS C 103' 
# 
loop_
_struct_site_gen.id 
_struct_site_gen.site_id 
_struct_site_gen.pdbx_num_res 
_struct_site_gen.label_comp_id 
_struct_site_gen.label_asym_id 
_struct_site_gen.label_seq_id 
_struct_site_gen.pdbx_auth_ins_code 
_struct_site_gen.auth_comp_id 
_struct_site_gen.auth_asym_id 
_struct_site_gen.auth_seq_id 
_struct_site_gen.label_atom_id 
_struct_site_gen.label_alt_id 
_struct_site_gen.symmetry 
_struct_site_gen.details 
1  AC1 6  LYS B 29 ? LYS B 27  . ? 1_555 ? 
2  AC1 6  ARG C 23 ? ARG C 21  . ? 4_445 ? 
3  AC1 6  SER D 7  ? SER D 5   . ? 4_445 ? 
4  AC1 6  VAL D 8  ? VAL D 6   . ? 4_445 ? 
5  AC1 6  VAL D 9  ? VAL D 7   . ? 4_445 ? 
6  AC1 6  LYS D 34 ? LYS D 32  . ? 4_445 ? 
7  AC2 8  GLU A 14 ? GLU A 12  . ? 1_555 ? 
8  AC2 8  ALA A 15 ? ALA A 13  . ? 1_555 ? 
9  AC2 8  VAL A 20 ? VAL A 18  . ? 1_555 ? 
10 AC2 8  MET B 27 ? MET B 25  . ? 1_555 ? 
11 AC2 8  ASP B 28 ? ASP B 26  . ? 1_555 ? 
12 AC2 8  LYS B 29 ? LYS B 27  . ? 1_555 ? 
13 AC2 8  ARG B 32 ? ARG B 30  . ? 1_555 ? 
14 AC2 8  HOH L .  ? HOH B 211 . ? 1_555 ? 
15 AC3 6  ARG B 32 ? ARG B 30  . ? 1_555 ? 
16 AC3 6  SER B 38 ? SER B 36  . ? 1_555 ? 
17 AC3 6  VAL B 39 ? VAL B 37  . ? 1_555 ? 
18 AC3 6  HOH L .  ? HOH B 202 . ? 1_555 ? 
19 AC3 6  HOH L .  ? HOH B 218 . ? 1_555 ? 
20 AC3 6  ARG C 23 ? ARG C 21  . ? 4_445 ? 
21 AC4 7  ASP A 28 ? ASP A 26  . ? 2_454 ? 
22 AC4 7  LYS A 29 ? LYS A 27  . ? 2_454 ? 
23 AC4 7  ARG A 32 ? ARG A 30  . ? 2_454 ? 
24 AC4 7  GLU B 14 ? GLU B 12  . ? 2_454 ? 
25 AC4 7  ALA B 15 ? ALA B 13  . ? 2_454 ? 
26 AC4 7  VAL B 20 ? VAL B 18  . ? 2_454 ? 
27 AC4 7  LYS C 22 ? LYS C 20  . ? 1_555 ? 
28 AC5 6  ASP C 28 ? ASP C 26  . ? 1_555 ? 
29 AC5 6  LYS C 29 ? LYS C 27  . ? 1_555 ? 
30 AC5 6  ARG C 32 ? ARG C 30  . ? 1_555 ? 
31 AC5 6  GLU D 14 ? GLU D 12  . ? 1_555 ? 
32 AC5 6  ALA D 15 ? ALA D 13  . ? 1_555 ? 
33 AC5 6  VAL D 20 ? VAL D 18  . ? 1_555 ? 
34 AC6 11 GLU A 14 ? GLU A 12  . ? 3_455 ? 
35 AC6 11 ALA A 15 ? ALA A 13  . ? 3_455 ? 
36 AC6 11 TYR A 16 ? TYR A 14  . ? 3_455 ? 
37 AC6 11 ARG B 26 ? ARG B 24  . ? 3_455 ? 
38 AC6 11 GLU C 14 ? GLU C 12  . ? 1_555 ? 
39 AC6 11 ALA C 15 ? ALA C 13  . ? 1_555 ? 
40 AC6 11 VAL C 20 ? VAL C 18  . ? 1_555 ? 
41 AC6 11 MET D 27 ? MET D 25  . ? 1_555 ? 
42 AC6 11 ASP D 28 ? ASP D 26  . ? 1_555 ? 
43 AC6 11 LYS D 29 ? LYS D 27  . ? 1_555 ? 
44 AC6 11 ARG D 32 ? ARG D 30  . ? 1_555 ? 
# 
_atom_sites.entry_id                    7DXR 
_atom_sites.Cartn_transf_matrix[1][1]   ? 
_atom_sites.Cartn_transf_matrix[1][2]   ? 
_atom_sites.Cartn_transf_matrix[1][3]   ? 
_atom_sites.Cartn_transf_matrix[2][1]   ? 
_atom_sites.Cartn_transf_matrix[2][2]   ? 
_atom_sites.Cartn_transf_matrix[2][3]   ? 
_atom_sites.Cartn_transf_matrix[3][1]   ? 
_atom_sites.Cartn_transf_matrix[3][2]   ? 
_atom_sites.Cartn_transf_matrix[3][3]   ? 
_atom_sites.Cartn_transf_vector[1]      ? 
_atom_sites.Cartn_transf_vector[2]      ? 
_atom_sites.Cartn_transf_vector[3]      ? 
_atom_sites.fract_transf_matrix[1][1]   -0.00817644 
_atom_sites.fract_transf_matrix[1][2]   -0.00941944 
_atom_sites.fract_transf_matrix[1][3]   0.01317668 
_atom_sites.fract_transf_matrix[2][1]   0.00813148 
_atom_sites.fract_transf_matrix[2][2]   -0.01487251 
_atom_sites.fract_transf_matrix[2][3]   -0.00558595 
_atom_sites.fract_transf_matrix[3][1]   0.01357717 
_atom_sites.fract_transf_matrix[3][2]   0.00335748 
_atom_sites.fract_transf_matrix[3][3]   0.01082507 
_atom_sites.fract_transf_vector[1]      -0.277459 
_atom_sites.fract_transf_vector[2]      -0.214261 
_atom_sites.fract_transf_vector[3]      0.207556 
_atom_sites.solution_primary            ? 
_atom_sites.solution_secondary          ? 
_atom_sites.solution_hydrogens          ? 
_atom_sites.special_details             ? 
# 
loop_
_atom_type.symbol 
C 
N 
O 
S 
# 
loop_
_atom_site.group_PDB 
_atom_site.id 
_atom_site.type_symbol 
_atom_site.label_atom_id 
_atom_site.label_alt_id 
_atom_site.label_comp_id 
_atom_site.label_asym_id 
_atom_site.label_entity_id 
_atom_site.label_seq_id 
_atom_site.pdbx_PDB_ins_code 
_atom_site.Cartn_x 
_atom_site.Cartn_y 
_atom_site.Cartn_z 
_atom_site.occupancy 
_atom_site.B_iso_or_equiv 
_atom_site.pdbx_formal_charge 
_atom_site.auth_seq_id 
_atom_site.auth_comp_id 
_atom_site.auth_asym_id 
_atom_site.auth_atom_id 
_atom_site.pdbx_PDB_model_num 
ATOM   1    N N   . GLY A 1 1  ? 8.840   2.926   25.483  1.00 48.03 ? -1  GLY A N   1 
ATOM   2    C CA  . GLY A 1 1  ? 8.060   1.720   25.269  1.00 46.33 ? -1  GLY A CA  1 
ATOM   3    C C   . GLY A 1 1  ? 7.173   1.800   24.041  1.00 48.76 ? -1  GLY A C   1 
ATOM   4    O O   . GLY A 1 1  ? 7.150   2.828   23.363  1.00 51.75 ? -1  GLY A O   1 
ATOM   5    N N   . PRO A 1 2  ? 6.438   0.725   23.755  1.00 48.46 ? 0   PRO A N   1 
ATOM   6    C CA  . PRO A 1 2  ? 5.592   0.709   22.551  1.00 50.53 ? 0   PRO A CA  1 
ATOM   7    C C   . PRO A 1 2  ? 4.386   1.629   22.702  1.00 58.16 ? 0   PRO A C   1 
ATOM   8    O O   . PRO A 1 2  ? 3.662   1.579   23.699  1.00 50.03 ? 0   PRO A O   1 
ATOM   9    C CB  . PRO A 1 2  ? 5.173   -0.760  22.429  1.00 46.66 ? 0   PRO A CB  1 
ATOM   10   C CG  . PRO A 1 2  ? 5.229   -1.277  23.831  1.00 47.71 ? 0   PRO A CG  1 
ATOM   11   C CD  . PRO A 1 2  ? 6.355   -0.540  24.509  1.00 45.78 ? 0   PRO A CD  1 
ATOM   12   N N   . MET A 1 3  ? 4.185   2.475   21.701  1.00 54.91 ? 1   MET A N   1 
ATOM   13   C CA  . MET A 1 3  ? 3.042   3.357   21.584  1.00 53.18 ? 1   MET A CA  1 
ATOM   14   C C   . MET A 1 3  ? 2.177   2.933   20.402  1.00 54.95 ? 1   MET A C   1 
ATOM   15   O O   . MET A 1 3  ? 2.686   2.380   19.421  1.00 48.15 ? 1   MET A O   1 
ATOM   16   C CB  . MET A 1 3  ? 3.481   4.816   21.395  1.00 56.90 ? 1   MET A CB  1 
ATOM   17   C CG  . MET A 1 3  ? 3.917   5.511   22.676  1.00 57.72 ? 1   MET A CG  1 
ATOM   18   S SD  . MET A 1 3  ? 2.564   5.687   23.863  1.00 65.83 ? 1   MET A SD  1 
ATOM   19   C CE  . MET A 1 3  ? 1.474   6.815   22.991  1.00 49.69 ? 1   MET A CE  1 
ATOM   20   N N   . PRO A 1 4  ? 0.868   3.157   20.464  1.00 50.58 ? 2   PRO A N   1 
ATOM   21   C CA  . PRO A 1 4  ? 0.024   2.869   19.302  1.00 49.05 ? 2   PRO A CA  1 
ATOM   22   C C   . PRO A 1 4  ? 0.264   3.887   18.198  1.00 40.53 ? 2   PRO A C   1 
ATOM   23   O O   . PRO A 1 4  ? 0.721   5.007   18.433  1.00 39.75 ? 2   PRO A O   1 
ATOM   24   C CB  . PRO A 1 4  ? -1.398  2.978   19.857  1.00 45.04 ? 2   PRO A CB  1 
ATOM   25   C CG  . PRO A 1 4  ? -1.265  3.951   20.984  1.00 46.89 ? 2   PRO A CG  1 
ATOM   26   C CD  . PRO A 1 4  ? 0.094   3.709   21.589  1.00 43.46 ? 2   PRO A CD  1 
ATOM   27   N N   . GLY A 1 5  ? -0.043  3.471   16.974  1.00 43.35 ? 3   GLY A N   1 
ATOM   28   C CA  . GLY A 1 5  ? 0.049   4.385   15.851  1.00 45.15 ? 3   GLY A CA  1 
ATOM   29   C C   . GLY A 1 5  ? -1.023  5.459   15.933  1.00 42.94 ? 3   GLY A C   1 
ATOM   30   O O   . GLY A 1 5  ? -2.165  5.200   16.314  1.00 41.62 ? 3   GLY A O   1 
ATOM   31   N N   . LYS A 1 6  ? -0.641  6.683   15.579  1.00 34.76 ? 4   LYS A N   1 
ATOM   32   C CA  . LYS A 1 6  ? -1.540  7.825   15.634  1.00 33.52 ? 4   LYS A CA  1 
ATOM   33   C C   . LYS A 1 6  ? -1.567  8.508   14.273  1.00 42.33 ? 4   LYS A C   1 
ATOM   34   O O   . LYS A 1 6  ? -0.631  8.385   13.477  1.00 40.29 ? 4   LYS A O   1 
ATOM   35   C CB  . LYS A 1 6  ? -1.107  8.822   16.722  1.00 33.69 ? 4   LYS A CB  1 
ATOM   36   C CG  . LYS A 1 6  ? -0.950  8.191   18.098  1.00 40.62 ? 4   LYS A CG  1 
ATOM   37   C CD  . LYS A 1 6  ? -0.222  9.106   19.071  1.00 53.93 ? 4   LYS A CD  1 
ATOM   38   C CE  . LYS A 1 6  ? 1.240   8.703   19.224  1.00 50.68 ? 4   LYS A CE  1 
ATOM   39   N NZ  . LYS A 1 6  ? 1.883   9.378   20.388  1.00 55.51 ? 4   LYS A NZ  1 
ATOM   40   N N   . SER A 1 7  ? -2.664  9.213   14.001  1.00 35.26 ? 5   SER A N   1 
ATOM   41   C CA  . SER A 1 7  ? -2.700  10.077  12.832  1.00 33.70 ? 5   SER A CA  1 
ATOM   42   C C   . SER A 1 7  ? -1.628  11.150  12.952  1.00 38.76 ? 5   SER A C   1 
ATOM   43   O O   . SER A 1 7  ? -1.271  11.589  14.051  1.00 33.05 ? 5   SER A O   1 
ATOM   44   C CB  . SER A 1 7  ? -4.071  10.731  12.679  1.00 35.62 ? 5   SER A CB  1 
ATOM   45   O OG  . SER A 1 7  ? -5.064  9.762   12.418  1.00 46.48 ? 5   SER A OG  1 
ATOM   46   N N   . VAL A 1 8  ? -1.087  11.558  11.813  1.00 27.35 ? 6   VAL A N   1 
ATOM   47   C CA  . VAL A 1 8  ? -0.142  12.659  11.777  1.00 28.13 ? 6   VAL A CA  1 
ATOM   48   C C   . VAL A 1 8  ? -0.647  13.699  10.793  1.00 31.62 ? 6   VAL A C   1 
ATOM   49   O O   . VAL A 1 8  ? -1.222  13.370  9.749   1.00 27.32 ? 6   VAL A O   1 
ATOM   50   C CB  . VAL A 1 8  ? 1.290   12.206  11.427  1.00 31.12 ? 6   VAL A CB  1 
ATOM   51   C CG1 . VAL A 1 8  ? 1.779   11.142  12.429  1.00 29.98 ? 6   VAL A CG1 1 
ATOM   52   C CG2 . VAL A 1 8  ? 1.367   11.691  10.011  1.00 35.70 ? 6   VAL A CG2 1 
ATOM   53   N N   . VAL A 1 9  ? -0.463  14.954  11.154  1.00 29.50 ? 7   VAL A N   1 
ATOM   54   C CA  . VAL A 1 9  ? -0.755  16.069  10.272  1.00 29.77 ? 7   VAL A CA  1 
ATOM   55   C C   . VAL A 1 9  ? 0.576   16.567  9.738   1.00 25.37 ? 7   VAL A C   1 
ATOM   56   O O   . VAL A 1 9  ? 1.513   16.810  10.509  1.00 28.20 ? 7   VAL A O   1 
ATOM   57   C CB  . VAL A 1 9  ? -1.531  17.171  11.012  1.00 28.40 ? 7   VAL A CB  1 
ATOM   58   C CG1 . VAL A 1 9  ? -1.761  18.366  10.103  1.00 29.82 ? 7   VAL A CG1 1 
ATOM   59   C CG2 . VAL A 1 9  ? -2.849  16.605  11.521  1.00 30.66 ? 7   VAL A CG2 1 
ATOM   60   N N   . ALA A 1 10 ? 0.694   16.651  8.416   1.00 25.30 ? 8   ALA A N   1 
ATOM   61   C CA  . ALA A 1 10 ? 1.948   17.055  7.803   1.00 22.96 ? 8   ALA A CA  1 
ATOM   62   C C   . ALA A 1 10 ? 1.652   18.020  6.668   1.00 25.37 ? 8   ALA A C   1 
ATOM   63   O O   . ALA A 1 10 ? 0.551   18.033  6.112   1.00 25.68 ? 8   ALA A O   1 
ATOM   64   C CB  . ALA A 1 10 ? 2.743   15.854  7.274   1.00 26.13 ? 8   ALA A CB  1 
ATOM   65   N N   . ARG A 1 11 ? 2.671   18.799  6.316   1.00 24.93 ? 9   ARG A N   1 
ATOM   66   C CA  . ARG A 1 11 ? 2.584   19.793  5.255   1.00 30.98 ? 9   ARG A CA  1 
ATOM   67   C C   . ARG A 1 11 ? 2.961   19.147  3.925   1.00 26.30 ? 9   ARG A C   1 
ATOM   68   O O   . ARG A 1 11 ? 4.007   18.498  3.816   1.00 26.23 ? 9   ARG A O   1 
ATOM   69   C CB  . ARG A 1 11 ? 3.510   20.970  5.558   1.00 36.65 ? 9   ARG A CB  1 
ATOM   70   C CG  . ARG A 1 11 ? 3.165   22.280  4.866   1.00 42.05 ? 9   ARG A CG  1 
ATOM   71   C CD  . ARG A 1 11 ? 3.589   23.464  5.750   1.00 49.11 ? 9   ARG A CD  1 
ATOM   72   N NE  . ARG A 1 11 ? 3.948   24.663  4.994   1.00 62.06 ? 9   ARG A NE  1 
ATOM   73   C CZ  . ARG A 1 11 ? 3.095   25.626  4.654   1.00 57.61 ? 9   ARG A CZ  1 
ATOM   74   N NH1 . ARG A 1 11 ? 1.816   25.541  4.996   1.00 55.44 ? 9   ARG A NH1 1 
ATOM   75   N NH2 . ARG A 1 11 ? 3.521   26.679  3.968   1.00 51.66 ? 9   ARG A NH2 1 
ATOM   76   N N   . VAL A 1 12 ? 2.103   19.322  2.918   1.00 24.53 ? 10  VAL A N   1 
ATOM   77   C CA  . VAL A 1 12 ? 2.385   18.769  1.597   1.00 27.43 ? 10  VAL A CA  1 
ATOM   78   C C   . VAL A 1 12 ? 3.600   19.459  0.990   1.00 25.16 ? 10  VAL A C   1 
ATOM   79   O O   . VAL A 1 12 ? 3.697   20.693  0.988   1.00 26.64 ? 10  VAL A O   1 
ATOM   80   C CB  . VAL A 1 12 ? 1.159   18.923  0.688   1.00 22.70 ? 10  VAL A CB  1 
ATOM   81   C CG1 . VAL A 1 12 ? 1.503   18.519  -0.754  1.00 25.62 ? 10  VAL A CG1 1 
ATOM   82   C CG2 . VAL A 1 12 ? -0.004  18.108  1.223   1.00 26.66 ? 10  VAL A CG2 1 
ATOM   83   N N   . ALA A 1 13 ? 4.525   18.663  0.445   1.00 21.81 ? 11  ALA A N   1 
ATOM   84   C CA  . ALA A 1 13 ? 5.669   19.163  -0.307  1.00 17.84 ? 11  ALA A CA  1 
ATOM   85   C C   . ALA A 1 13 ? 5.724   18.454  -1.654  1.00 22.17 ? 11  ALA A C   1 
ATOM   86   O O   . ALA A 1 13 ? 5.204   17.351  -1.804  1.00 20.49 ? 11  ALA A O   1 
ATOM   87   C CB  . ALA A 1 13 ? 6.988   18.959  0.458   1.00 24.27 ? 11  ALA A CB  1 
ATOM   88   N N   . GLU A 1 14 ? 6.336   19.094  -2.644  1.00 26.23 ? 12  GLU A N   1 
ATOM   89   C CA  . GLU A 1 14 ? 6.299   18.503  -3.972  1.00 25.85 ? 12  GLU A CA  1 
ATOM   90   C C   . GLU A 1 14 ? 7.229   17.288  -4.069  1.00 24.71 ? 12  GLU A C   1 
ATOM   91   O O   . GLU A 1 14 ? 8.178   17.106  -3.296  1.00 23.15 ? 12  GLU A O   1 
ATOM   92   C CB  . GLU A 1 14 ? 6.647   19.538  -5.043  1.00 32.04 ? 12  GLU A CB  1 
ATOM   93   C CG  . GLU A 1 14 ? 8.060   20.009  -4.997  1.00 27.32 ? 12  GLU A CG  1 
ATOM   94   C CD  . GLU A 1 14 ? 8.418   20.956  -6.142  1.00 31.79 ? 12  GLU A CD  1 
ATOM   95   O OE1 . GLU A 1 14 ? 8.057   20.689  -7.304  1.00 29.88 ? 12  GLU A OE1 1 
ATOM   96   O OE2 . GLU A 1 14 ? 9.093   21.966  -5.875  1.00 31.47 ? 12  GLU A OE2 1 
ATOM   97   N N   . ALA A 1 15 ? 6.933   16.433  -5.039  1.00 19.63 ? 13  ALA A N   1 
ATOM   98   C CA  . ALA A 1 15 ? 7.614   15.159  -5.139  1.00 21.53 ? 13  ALA A CA  1 
ATOM   99   C C   . ALA A 1 15 ? 8.941   15.306  -5.850  1.00 24.17 ? 13  ALA A C   1 
ATOM   100  O O   . ALA A 1 15 ? 9.115   16.169  -6.716  1.00 28.10 ? 13  ALA A O   1 
ATOM   101  C CB  . ALA A 1 15 ? 6.765   14.144  -5.897  1.00 18.16 ? 13  ALA A CB  1 
ATOM   102  N N   . TYR A 1 16 ? 9.870   14.436  -5.490  1.00 25.09 ? 14  TYR A N   1 
ATOM   103  C CA  . TYR A 1 16 ? 11.093  14.336  -6.255  1.00 30.09 ? 14  TYR A CA  1 
ATOM   104  C C   . TYR A 1 16 ? 10.771  13.805  -7.646  1.00 26.95 ? 14  TYR A C   1 
ATOM   105  O O   . TYR A 1 16 ? 9.861   12.976  -7.805  1.00 27.98 ? 14  TYR A O   1 
ATOM   106  C CB  . TYR A 1 16 ? 12.106  13.431  -5.556  1.00 31.18 ? 14  TYR A CB  1 
ATOM   107  C CG  . TYR A 1 16 ? 12.704  14.066  -4.317  1.00 33.60 ? 14  TYR A CG  1 
ATOM   108  C CD1 . TYR A 1 16 ? 13.879  14.806  -4.387  1.00 37.55 ? 14  TYR A CD1 1 
ATOM   109  C CD2 . TYR A 1 16 ? 12.081  13.940  -3.085  1.00 27.93 ? 14  TYR A CD2 1 
ATOM   110  C CE1 . TYR A 1 16 ? 14.420  15.391  -3.262  1.00 36.75 ? 14  TYR A CE1 1 
ATOM   111  C CE2 . TYR A 1 16 ? 12.622  14.515  -1.956  1.00 46.92 ? 14  TYR A CE2 1 
ATOM   112  C CZ  . TYR A 1 16 ? 13.784  15.242  -2.045  1.00 36.72 ? 14  TYR A CZ  1 
ATOM   113  O OH  . TYR A 1 16 ? 14.300  15.811  -0.900  1.00 43.81 ? 14  TYR A OH  1 
ATOM   114  N N   . PRO A 1 17 ? 11.480  14.272  -8.675  1.00 34.87 ? 15  PRO A N   1 
ATOM   115  C CA  . PRO A 1 17 ? 11.085  13.926  -10.052 1.00 33.37 ? 15  PRO A CA  1 
ATOM   116  C C   . PRO A 1 17 ? 11.056  12.430  -10.332 1.00 30.42 ? 15  PRO A C   1 
ATOM   117  O O   . PRO A 1 17 ? 10.203  11.965  -11.102 1.00 31.52 ? 15  PRO A O   1 
ATOM   118  C CB  . PRO A 1 17 ? 12.140  14.650  -10.905 1.00 36.78 ? 15  PRO A CB  1 
ATOM   119  C CG  . PRO A 1 17 ? 13.277  14.934  -9.972  1.00 43.20 ? 15  PRO A CG  1 
ATOM   120  C CD  . PRO A 1 17 ? 12.661  15.153  -8.631  1.00 34.37 ? 15  PRO A CD  1 
ATOM   121  N N   . GLU A 1 18 ? 11.950  11.655  -9.713  1.00 35.65 ? 16  GLU A N   1 
ATOM   122  C CA  . GLU A 1 18 ? 11.986  10.219  -9.973  1.00 29.32 ? 16  GLU A CA  1 
ATOM   123  C C   . GLU A 1 18 ? 10.779  9.498   -9.384  1.00 26.31 ? 16  GLU A C   1 
ATOM   124  O O   . GLU A 1 18 ? 10.482  8.369   -9.792  1.00 30.00 ? 16  GLU A O   1 
ATOM   125  C CB  . GLU A 1 18 ? 13.285  9.618   -9.419  1.00 33.97 ? 16  GLU A CB  1 
ATOM   126  C CG  . GLU A 1 18 ? 13.267  9.285   -7.922  1.00 37.85 ? 16  GLU A CG  1 
ATOM   127  C CD  . GLU A 1 18 ? 13.778  10.410  -7.023  1.00 48.06 ? 16  GLU A CD  1 
ATOM   128  O OE1 . GLU A 1 18 ? 13.805  10.204  -5.785  1.00 41.27 ? 16  GLU A OE1 1 
ATOM   129  O OE2 . GLU A 1 18 ? 14.156  11.490  -7.547  1.00 48.31 ? 16  GLU A OE2 1 
ATOM   130  N N   . ASP A 1 19 ? 10.072  10.131  -8.460  1.00 21.59 ? 17  ASP A N   1 
ATOM   131  C CA  . ASP A 1 19 ? 8.953   9.517   -7.766  1.00 20.39 ? 17  ASP A CA  1 
ATOM   132  C C   . ASP A 1 19 ? 7.617   9.753   -8.448  1.00 23.12 ? 17  ASP A C   1 
ATOM   133  O O   . ASP A 1 19 ? 6.618   9.150   -8.037  1.00 23.02 ? 17  ASP A O   1 
ATOM   134  C CB  . ASP A 1 19 ? 8.874   10.057  -6.335  1.00 21.73 ? 17  ASP A CB  1 
ATOM   135  C CG  . ASP A 1 19 ? 10.125  9.745   -5.526  1.00 27.12 ? 17  ASP A CG  1 
ATOM   136  O OD1 . ASP A 1 19 ? 10.777  8.726   -5.830  1.00 28.39 ? 17  ASP A OD1 1 
ATOM   137  O OD2 . ASP A 1 19 ? 10.445  10.506  -4.592  1.00 28.87 ? 17  ASP A OD2 1 
ATOM   138  N N   . VAL A 1 20 ? 7.570   10.616  -9.462  1.00 21.69 ? 18  VAL A N   1 
ATOM   139  C CA  . VAL A 1 20 ? 6.292   11.064  -9.998  1.00 20.49 ? 18  VAL A CA  1 
ATOM   140  C C   . VAL A 1 20 ? 5.588   9.897   -10.678 1.00 19.50 ? 18  VAL A C   1 
ATOM   141  O O   . VAL A 1 20 ? 6.184   9.177   -11.494 1.00 21.61 ? 18  VAL A O   1 
ATOM   142  C CB  . VAL A 1 20 ? 6.496   12.241  -10.963 1.00 19.64 ? 18  VAL A CB  1 
ATOM   143  C CG1 . VAL A 1 20 ? 5.197   12.577  -11.682 1.00 23.74 ? 18  VAL A CG1 1 
ATOM   144  C CG2 . VAL A 1 20 ? 7.013   13.454  -10.210 1.00 24.99 ? 18  VAL A CG2 1 
ATOM   145  N N   . GLY A 1 21 ? 4.319   9.697   -10.328 1.00 19.88 ? 19  GLY A N   1 
ATOM   146  C CA  . GLY A 1 21 ? 3.503   8.652   -10.903 1.00 23.96 ? 19  GLY A CA  1 
ATOM   147  C C   . GLY A 1 21 ? 3.562   7.325   -10.189 1.00 21.34 ? 19  GLY A C   1 
ATOM   148  O O   . GLY A 1 21 ? 2.908   6.372   -10.638 1.00 26.08 ? 19  GLY A O   1 
ATOM   149  N N   . LYS A 1 22 ? 4.302   7.236   -9.084  1.00 21.03 ? 20  LYS A N   1 
ATOM   150  C CA  . LYS A 1 22 ? 4.536   5.973   -8.409  1.00 19.50 ? 20  LYS A CA  1 
ATOM   151  C C   . LYS A 1 22 ? 3.654   5.777   -7.187  1.00 19.32 ? 20  LYS A C   1 
ATOM   152  O O   . LYS A 1 22 ? 3.780   4.746   -6.514  1.00 20.29 ? 20  LYS A O   1 
ATOM   153  C CB  . LYS A 1 22 ? 6.016   5.864   -8.014  1.00 22.40 ? 20  LYS A CB  1 
ATOM   154  C CG  . LYS A 1 22 ? 6.955   5.897   -9.217  1.00 27.32 ? 20  LYS A CG  1 
ATOM   155  C CD  . LYS A 1 22 ? 8.348   5.473   -8.840  1.00 37.82 ? 20  LYS A CD  1 
ATOM   156  C CE  . LYS A 1 22 ? 9.266   5.492   -10.049 1.00 39.11 ? 20  LYS A CE  1 
ATOM   157  N NZ  . LYS A 1 22 ? 10.702  5.308   -9.649  1.00 38.30 ? 20  LYS A NZ  1 
ATOM   158  N N   . ARG A 1 23 ? 2.747   6.713   -6.906  1.00 17.99 ? 21  ARG A N   1 
ATOM   159  C CA  . ARG A 1 23 ? 1.837   6.600   -5.771  1.00 17.27 ? 21  ARG A CA  1 
ATOM   160  C C   . ARG A 1 23 ? 2.611   6.344   -4.477  1.00 18.74 ? 21  ARG A C   1 
ATOM   161  O O   . ARG A 1 23 ? 2.288   5.450   -3.691  1.00 17.35 ? 21  ARG A O   1 
ATOM   162  C CB  . ARG A 1 23 ? 0.804   5.499   -6.022  1.00 18.51 ? 21  ARG A CB  1 
ATOM   163  C CG  . ARG A 1 23 ? -0.088  5.811   -7.223  1.00 23.46 ? 21  ARG A CG  1 
ATOM   164  C CD  . ARG A 1 23 ? -1.249  4.820   -7.315  1.00 24.46 ? 21  ARG A CD  1 
ATOM   165  N NE  . ARG A 1 23 ? -2.168  4.994   -6.200  1.00 24.70 ? 21  ARG A NE  1 
ATOM   166  C CZ  . ARG A 1 23 ? -3.172  4.167   -5.927  1.00 30.32 ? 21  ARG A CZ  1 
ATOM   167  N NH1 . ARG A 1 23 ? -3.965  4.399   -4.890  1.00 27.12 ? 21  ARG A NH1 1 
ATOM   168  N NH2 . ARG A 1 23 ? -3.378  3.104   -6.693  1.00 21.75 ? 21  ARG A NH2 1 
ATOM   169  N N   . ILE A 1 24 ? 3.636   7.152   -4.240  1.00 16.35 ? 22  ILE A N   1 
ATOM   170  C CA  . ILE A 1 24 ? 4.344   7.060   -2.973  1.00 15.24 ? 22  ILE A CA  1 
ATOM   171  C C   . ILE A 1 24 ? 4.225   8.394   -2.245  1.00 13.92 ? 22  ILE A C   1 
ATOM   172  O O   . ILE A 1 24 ? 3.931   9.438   -2.832  1.00 18.25 ? 22  ILE A O   1 
ATOM   173  C CB  . ILE A 1 24 ? 5.826   6.645   -3.127  1.00 20.70 ? 22  ILE A CB  1 
ATOM   174  C CG1 . ILE A 1 24 ? 6.627   7.725   -3.839  1.00 20.35 ? 22  ILE A CG1 1 
ATOM   175  C CG2 . ILE A 1 24 ? 5.954   5.308   -3.849  1.00 22.66 ? 22  ILE A CG2 1 
ATOM   176  C CD1 . ILE A 1 24 ? 8.147   7.540   -3.724  1.00 26.81 ? 22  ILE A CD1 1 
ATOM   177  N N   . VAL A 1 25 ? 4.426   8.335   -0.932  1.00 15.17 ? 23  VAL A N   1 
ATOM   178  C CA  . VAL A 1 25 ? 4.593   9.518   -0.099  1.00 14.72 ? 23  VAL A CA  1 
ATOM   179  C C   . VAL A 1 25 ? 5.873   9.305   0.681   1.00 16.32 ? 23  VAL A C   1 
ATOM   180  O O   . VAL A 1 25 ? 6.060   8.242   1.278   1.00 17.94 ? 23  VAL A O   1 
ATOM   181  C CB  . VAL A 1 25 ? 3.407   9.750   0.856   1.00 16.45 ? 23  VAL A CB  1 
ATOM   182  C CG1 . VAL A 1 25 ? 2.188   10.261  0.060   1.00 20.91 ? 23  VAL A CG1 1 
ATOM   183  C CG2 . VAL A 1 25 ? 3.032   8.482   1.645   1.00 17.77 ? 23  VAL A CG2 1 
ATOM   184  N N   . ARG A 1 26 ? 6.753   10.293  0.667   1.00 14.14 ? 24  ARG A N   1 
ATOM   185  C CA  . ARG A 1 26 ? 7.978   10.202  1.443   1.00 14.51 ? 24  ARG A CA  1 
ATOM   186  C C   . ARG A 1 26 ? 7.742   10.878  2.784   1.00 20.55 ? 24  ARG A C   1 
ATOM   187  O O   . ARG A 1 26 ? 7.320   12.041  2.836   1.00 19.30 ? 24  ARG A O   1 
ATOM   188  C CB  . ARG A 1 26 ? 9.150   10.839  0.706   1.00 17.99 ? 24  ARG A CB  1 
ATOM   189  C CG  . ARG A 1 26 ? 9.587   10.055  -0.491  1.00 20.87 ? 24  ARG A CG  1 
ATOM   190  C CD  . ARG A 1 26 ? 10.938  10.514  -1.049  1.00 21.67 ? 24  ARG A CD  1 
ATOM   191  N NE  . ARG A 1 26 ? 11.283  9.701   -2.210  1.00 21.19 ? 24  ARG A NE  1 
ATOM   192  C CZ  . ARG A 1 26 ? 11.864  8.501   -2.162  1.00 26.26 ? 24  ARG A CZ  1 
ATOM   193  N NH1 . ARG A 1 26 ? 12.237  7.958   -1.001  1.00 21.59 ? 24  ARG A NH1 1 
ATOM   194  N NH2 . ARG A 1 26 ? 12.090  7.841   -3.285  1.00 25.55 ? 24  ARG A NH2 1 
ATOM   195  N N   . MET A 1 27 ? 7.979   10.137  3.867   1.00 15.98 ? 25  MET A N   1 
ATOM   196  C CA  A MET A 1 27 ? 7.832   10.640  5.225   0.85 18.14 ? 25  MET A CA  1 
ATOM   197  C CA  B MET A 1 27 ? 7.853   10.665  5.215   0.15 18.35 ? 25  MET A CA  1 
ATOM   198  C C   . MET A 1 27 ? 8.981   10.094  6.058   1.00 19.30 ? 25  MET A C   1 
ATOM   199  O O   . MET A 1 27 ? 9.399   8.949   5.857   1.00 18.71 ? 25  MET A O   1 
ATOM   200  C CB  A MET A 1 27 ? 6.496   10.229  5.847   0.85 20.27 ? 25  MET A CB  1 
ATOM   201  C CB  B MET A 1 27 ? 6.487   10.339  5.841   0.15 20.37 ? 25  MET A CB  1 
ATOM   202  C CG  A MET A 1 27 ? 5.309   10.837  5.119   0.85 21.33 ? 25  MET A CG  1 
ATOM   203  C CG  B MET A 1 27 ? 5.911   8.995   5.448   0.15 20.50 ? 25  MET A CG  1 
ATOM   204  S SD  A MET A 1 27 ? 3.740   10.391  5.852   0.85 27.90 ? 25  MET A SD  1 
ATOM   205  S SD  B MET A 1 27 ? 4.173   8.817   5.902   0.15 25.74 ? 25  MET A SD  1 
ATOM   206  C CE  A MET A 1 27 ? 3.748   8.617   5.685   0.85 24.01 ? 25  MET A CE  1 
ATOM   207  C CE  B MET A 1 27 ? 3.415   10.125  4.944   0.15 21.33 ? 25  MET A CE  1 
ATOM   208  N N   . ASP A 1 28 ? 9.475   10.908  6.989   1.00 17.50 ? 26  ASP A N   1 
ATOM   209  C CA  . ASP A 1 28 ? 10.693  10.562  7.706   1.00 20.49 ? 26  ASP A CA  1 
ATOM   210  C C   . ASP A 1 28 ? 10.403  9.595   8.846   1.00 19.87 ? 26  ASP A C   1 
ATOM   211  O O   . ASP A 1 28 ? 9.261   9.202   9.095   1.00 19.38 ? 26  ASP A O   1 
ATOM   212  C CB  . ASP A 1 28 ? 11.403  11.830  8.202   1.00 24.42 ? 26  ASP A CB  1 
ATOM   213  C CG  . ASP A 1 28 ? 10.659  12.561  9.327   1.00 23.24 ? 26  ASP A CG  1 
ATOM   214  O OD1 . ASP A 1 28 ? 9.812   11.994  10.045  1.00 23.77 ? 26  ASP A OD1 1 
ATOM   215  O OD2 . ASP A 1 28 ? 10.960  13.759  9.510   1.00 32.97 ? 26  ASP A OD2 1 
ATOM   216  N N   . LYS A 1 29 ? 11.472  9.216   9.562   1.00 20.68 ? 27  LYS A N   1 
ATOM   217  C CA  . LYS A 1 29 ? 11.331  8.206   10.603  1.00 18.76 ? 27  LYS A CA  1 
ATOM   218  C C   . LYS A 1 29 ? 10.483  8.694   11.767  1.00 18.48 ? 27  LYS A C   1 
ATOM   219  O O   . LYS A 1 29 ? 9.881   7.880   12.469  1.00 19.48 ? 27  LYS A O   1 
ATOM   220  C CB  . LYS A 1 29 ? 12.713  7.780   11.101  1.00 18.62 ? 27  LYS A CB  1 
ATOM   221  C CG  . LYS A 1 29 ? 13.489  8.936   11.765  1.00 22.98 ? 27  LYS A CG  1 
ATOM   222  C CD  . LYS A 1 29 ? 14.960  8.568   11.919  1.00 24.84 ? 27  LYS A CD  1 
ATOM   223  C CE  . LYS A 1 29 ? 15.729  9.649   12.653  1.00 37.72 ? 27  LYS A CE  1 
ATOM   224  N NZ  . LYS A 1 29 ? 17.158  9.269   12.816  1.00 42.43 ? 27  LYS A NZ  1 
ATOM   225  N N   . TYR A 1 30 ? 10.456  10.002  12.026  1.00 25.06 ? 28  TYR A N   1 
ATOM   226  C CA  . TYR A 1 30 ? 9.644   10.489  13.136  1.00 25.72 ? 28  TYR A CA  1 
ATOM   227  C C   . TYR A 1 30 ? 8.164   10.383  12.812  1.00 22.97 ? 28  TYR A C   1 
ATOM   228  O O   . TYR A 1 30 ? 7.372   9.909   13.633  1.00 23.95 ? 28  TYR A O   1 
ATOM   229  C CB  . TYR A 1 30 ? 10.016  11.929  13.477  1.00 24.90 ? 28  TYR A CB  1 
ATOM   230  C CG  . TYR A 1 30 ? 11.478  12.090  13.796  1.00 27.14 ? 28  TYR A CG  1 
ATOM   231  C CD1 . TYR A 1 30 ? 12.000  11.613  14.988  1.00 28.58 ? 28  TYR A CD1 1 
ATOM   232  C CD2 . TYR A 1 30 ? 12.338  12.714  12.904  1.00 24.98 ? 28  TYR A CD2 1 
ATOM   233  C CE1 . TYR A 1 30 ? 13.340  11.751  15.275  1.00 32.16 ? 28  TYR A CE1 1 
ATOM   234  C CE2 . TYR A 1 30 ? 13.675  12.859  13.183  1.00 33.82 ? 28  TYR A CE2 1 
ATOM   235  C CZ  . TYR A 1 30 ? 14.174  12.378  14.372  1.00 35.12 ? 28  TYR A CZ  1 
ATOM   236  O OH  . TYR A 1 30 ? 15.517  12.523  14.652  1.00 36.35 ? 28  TYR A OH  1 
ATOM   237  N N   . GLU A 1 31 ? 7.773   10.776  11.598  1.00 22.84 ? 29  GLU A N   1 
ATOM   238  C CA  . GLU A 1 31 ? 6.383   10.603  11.204  1.00 24.36 ? 29  GLU A CA  1 
ATOM   239  C C   . GLU A 1 31 ? 6.009   9.130   11.130  1.00 21.42 ? 29  GLU A C   1 
ATOM   240  O O   . GLU A 1 31 ? 4.930   8.739   11.582  1.00 22.59 ? 29  GLU A O   1 
ATOM   241  C CB  . GLU A 1 31 ? 6.126   11.302  9.871   1.00 23.22 ? 29  GLU A CB  1 
ATOM   242  C CG  . GLU A 1 31 ? 6.288   12.812  9.953   1.00 28.57 ? 29  GLU A CG  1 
ATOM   243  C CD  . GLU A 1 31 ? 6.438   13.453  8.584   1.00 34.08 ? 29  GLU A CD  1 
ATOM   244  O OE1 . GLU A 1 31 ? 5.678   14.396  8.289   1.00 46.88 ? 29  GLU A OE1 1 
ATOM   245  O OE2 . GLU A 1 31 ? 7.321   13.022  7.808   1.00 31.40 ? 29  GLU A OE2 1 
ATOM   246  N N   . ARG A 1 32 ? 6.892   8.285   10.580  1.00 20.04 ? 30  ARG A N   1 
ATOM   247  C CA  . ARG A 1 32 ? 6.561   6.863   10.516  1.00 21.10 ? 30  ARG A CA  1 
ATOM   248  C C   . ARG A 1 32 ? 6.418   6.267   11.909  1.00 23.83 ? 30  ARG A C   1 
ATOM   249  O O   . ARG A 1 32 ? 5.511   5.462   12.156  1.00 23.42 ? 30  ARG A O   1 
ATOM   250  C CB  . ARG A 1 32 ? 7.612   6.090   9.725   1.00 22.17 ? 30  ARG A CB  1 
ATOM   251  C CG  . ARG A 1 32 ? 7.743   6.481   8.260   1.00 16.49 ? 30  ARG A CG  1 
ATOM   252  C CD  . ARG A 1 32 ? 8.544   5.392   7.525   1.00 15.92 ? 30  ARG A CD  1 
ATOM   253  N NE  . ARG A 1 32 ? 9.868   5.111   8.113   1.00 16.82 ? 30  ARG A NE  1 
ATOM   254  C CZ  . ARG A 1 32 ? 10.957  5.814   7.828   1.00 16.31 ? 30  ARG A CZ  1 
ATOM   255  N NH1 . ARG A 1 32 ? 10.889  6.873   7.023   1.00 15.93 ? 30  ARG A NH1 1 
ATOM   256  N NH2 . ARG A 1 32 ? 12.133  5.475   8.369   1.00 19.59 ? 30  ARG A NH2 1 
ATOM   257  N N   . ALA A 1 33 ? 7.299   6.664   12.833  1.00 22.14 ? 31  ALA A N   1 
ATOM   258  C CA  . ALA A 1 33 ? 7.205   6.189   14.211  1.00 23.50 ? 31  ALA A CA  1 
ATOM   259  C C   . ALA A 1 33 ? 5.864   6.559   14.831  1.00 24.67 ? 31  ALA A C   1 
ATOM   260  O O   . ALA A 1 33 ? 5.196   5.715   15.440  1.00 30.44 ? 31  ALA A O   1 
ATOM   261  C CB  . ALA A 1 33 ? 8.359   6.754   15.033  1.00 22.92 ? 31  ALA A CB  1 
ATOM   262  N N   . LYS A 1 34 ? 5.440   7.814   14.663  1.00 26.13 ? 32  LYS A N   1 
ATOM   263  C CA  . LYS A 1 34 ? 4.153   8.234   15.205  1.00 24.60 ? 32  LYS A CA  1 
ATOM   264  C C   . LYS A 1 34 ? 3.000   7.501   14.535  1.00 28.38 ? 32  LYS A C   1 
ATOM   265  O O   . LYS A 1 34 ? 2.025   7.132   15.199  1.00 32.09 ? 32  LYS A O   1 
ATOM   266  C CB  . LYS A 1 34 ? 3.996   9.744   15.058  1.00 25.67 ? 32  LYS A CB  1 
ATOM   267  C CG  . LYS A 1 34 ? 2.876   10.331  15.884  1.00 39.65 ? 32  LYS A CG  1 
ATOM   268  C CD  . LYS A 1 34 ? 2.991   11.844  15.949  1.00 41.82 ? 32  LYS A CD  1 
ATOM   269  C CE  . LYS A 1 34 ? 1.890   12.443  16.807  1.00 52.75 ? 32  LYS A CE  1 
ATOM   270  N NZ  . LYS A 1 34 ? 0.558   12.263  16.173  1.00 47.15 ? 32  LYS A NZ  1 
ATOM   271  N N   . LEU A 1 35 ? 3.096   7.273   13.219  1.00 27.82 ? 33  LEU A N   1 
ATOM   272  C CA  . LEU A 1 35 ? 2.067   6.528   12.501  1.00 30.41 ? 33  LEU A CA  1 
ATOM   273  C C   . LEU A 1 35 ? 2.064   5.053   12.869  1.00 28.97 ? 33  LEU A C   1 
ATOM   274  O O   . LEU A 1 35 ? 1.027   4.390   12.758  1.00 31.28 ? 33  LEU A O   1 
ATOM   275  C CB  . LEU A 1 35 ? 2.274   6.665   10.991  1.00 27.39 ? 33  LEU A CB  1 
ATOM   276  C CG  . LEU A 1 35 ? 1.954   8.019   10.365  1.00 26.89 ? 33  LEU A CG  1 
ATOM   277  C CD1 . LEU A 1 35 ? 2.635   8.147   9.017   1.00 23.87 ? 33  LEU A CD1 1 
ATOM   278  C CD2 . LEU A 1 35 ? 0.452   8.138   10.208  1.00 26.75 ? 33  LEU A CD2 1 
ATOM   279  N N   . GLY A 1 36 ? 3.208   4.515   13.272  1.00 27.09 ? 34  GLY A N   1 
ATOM   280  C CA  . GLY A 1 36 ? 3.309   3.089   13.477  1.00 30.73 ? 34  GLY A CA  1 
ATOM   281  C C   . GLY A 1 36 ? 3.511   2.310   12.201  1.00 28.63 ? 34  GLY A C   1 
ATOM   282  O O   . GLY A 1 36 ? 3.027   1.181   12.093  1.00 30.43 ? 34  GLY A O   1 
ATOM   283  N N   . VAL A 1 37 ? 4.205   2.888   11.220  1.00 22.14 ? 35  VAL A N   1 
ATOM   284  C CA  . VAL A 1 37 ? 4.397   2.223   9.940   1.00 21.80 ? 35  VAL A CA  1 
ATOM   285  C C   . VAL A 1 37 ? 5.884   2.106   9.666   1.00 20.21 ? 35  VAL A C   1 
ATOM   286  O O   . VAL A 1 37 ? 6.721   2.798   10.266  1.00 23.49 ? 35  VAL A O   1 
ATOM   287  C CB  . VAL A 1 37 ? 3.691   2.949   8.767   1.00 20.00 ? 35  VAL A CB  1 
ATOM   288  C CG1 . VAL A 1 37 ? 2.220   3.147   9.057   1.00 26.61 ? 35  VAL A CG1 1 
ATOM   289  C CG2 . VAL A 1 37 ? 4.342   4.281   8.490   1.00 21.66 ? 35  VAL A CG2 1 
ATOM   290  N N   . SER A 1 38 ? 6.213   1.186   8.771   1.00 18.91 ? 36  SER A N   1 
ATOM   291  C CA  A SER A 1 38 ? 7.558   1.033   8.250   0.55 17.86 ? 36  SER A CA  1 
ATOM   292  C CA  B SER A 1 38 ? 7.557   1.019   8.245   0.45 18.14 ? 36  SER A CA  1 
ATOM   293  C C   . SER A 1 38 ? 7.599   1.488   6.798   1.00 18.32 ? 36  SER A C   1 
ATOM   294  O O   . SER A 1 38 ? 6.566   1.702   6.159   1.00 17.98 ? 36  SER A O   1 
ATOM   295  C CB  A SER A 1 38 ? 8.015   -0.424  8.378   0.55 20.95 ? 36  SER A CB  1 
ATOM   296  C CB  B SER A 1 38 ? 8.010   -0.446  8.335   0.45 20.93 ? 36  SER A CB  1 
ATOM   297  O OG  A SER A 1 38 ? 7.905   -0.834  9.729   0.55 23.44 ? 36  SER A OG  1 
ATOM   298  O OG  B SER A 1 38 ? 7.315   -1.262  7.411   0.45 22.89 ? 36  SER A OG  1 
ATOM   299  N N   . VAL A 1 39 ? 8.815   1.649   6.287   1.00 18.35 ? 37  VAL A N   1 
ATOM   300  C CA  . VAL A 1 39 ? 8.978   1.918   4.867   1.00 18.00 ? 37  VAL A CA  1 
ATOM   301  C C   . VAL A 1 39 ? 8.357   0.762   4.096   1.00 16.90 ? 37  VAL A C   1 
ATOM   302  O O   . VAL A 1 39 ? 8.573   -0.405  4.437   1.00 17.00 ? 37  VAL A O   1 
ATOM   303  C CB  . VAL A 1 39 ? 10.463  2.098   4.543   1.00 18.97 ? 37  VAL A CB  1 
ATOM   304  C CG1 . VAL A 1 39 ? 10.696  2.206   3.048   1.00 18.72 ? 37  VAL A CG1 1 
ATOM   305  C CG2 . VAL A 1 39 ? 10.994  3.330   5.263   1.00 18.40 ? 37  VAL A CG2 1 
ATOM   306  N N   . GLY A 1 40 ? 7.531   1.077   3.088   1.00 15.48 ? 38  GLY A N   1 
ATOM   307  C CA  . GLY A 1 40 ? 6.857   0.044   2.332   1.00 16.49 ? 38  GLY A CA  1 
ATOM   308  C C   . GLY A 1 40 ? 5.462   -0.294  2.803   1.00 16.75 ? 38  GLY A C   1 
ATOM   309  O O   . GLY A 1 40 ? 4.760   -1.059  2.116   1.00 21.09 ? 38  GLY A O   1 
ATOM   310  N N   . ASP A 1 41 ? 5.031   0.242   3.940   1.00 17.99 ? 39  ASP A N   1 
ATOM   311  C CA  . ASP A 1 41 ? 3.656   0.140   4.387   1.00 16.01 ? 39  ASP A CA  1 
ATOM   312  C C   . ASP A 1 41 ? 2.789   1.134   3.627   1.00 15.82 ? 39  ASP A C   1 
ATOM   313  O O   . ASP A 1 41 ? 3.283   2.002   2.905   1.00 19.40 ? 39  ASP A O   1 
ATOM   314  C CB  . ASP A 1 41 ? 3.553   0.383   5.888   1.00 17.93 ? 39  ASP A CB  1 
ATOM   315  C CG  . ASP A 1 41 ? 3.954   -0.833  6.702   1.00 28.40 ? 39  ASP A CG  1 
ATOM   316  O OD1 . ASP A 1 41 ? 4.173   -1.914  6.097   1.00 26.87 ? 39  ASP A OD1 1 
ATOM   317  O OD2 . ASP A 1 41 ? 4.053   -0.691  7.945   1.00 27.07 ? 39  ASP A OD2 1 
ATOM   318  N N   . TYR A 1 42 ? 1.478   0.980   3.777   1.00 17.23 ? 40  TYR A N   1 
ATOM   319  C CA  . TYR A 1 42 ? 0.526   1.846   3.103   1.00 16.44 ? 40  TYR A CA  1 
ATOM   320  C C   . TYR A 1 42 ? -0.169  2.755   4.098   1.00 20.18 ? 40  TYR A C   1 
ATOM   321  O O   . TYR A 1 42 ? -0.404  2.390   5.259   1.00 21.31 ? 40  TYR A O   1 
ATOM   322  C CB  . TYR A 1 42 ? -0.501  1.023   2.313   1.00 16.60 ? 40  TYR A CB  1 
ATOM   323  C CG  . TYR A 1 42 ? 0.154   0.321   1.164   1.00 18.48 ? 40  TYR A CG  1 
ATOM   324  C CD1 . TYR A 1 42 ? 0.166   0.906   -0.088  1.00 21.48 ? 40  TYR A CD1 1 
ATOM   325  C CD2 . TYR A 1 42 ? 0.807   -0.899  1.333   1.00 17.49 ? 40  TYR A CD2 1 
ATOM   326  C CE1 . TYR A 1 42 ? 0.788   0.295   -1.144  1.00 19.17 ? 40  TYR A CE1 1 
ATOM   327  C CE2 . TYR A 1 42 ? 1.430   -1.521  0.275   1.00 15.79 ? 40  TYR A CE2 1 
ATOM   328  C CZ  . TYR A 1 42 ? 1.408   -0.915  -0.962  1.00 21.91 ? 40  TYR A CZ  1 
ATOM   329  O OH  . TYR A 1 42 ? 2.025   -1.501  -2.035  1.00 23.89 ? 40  TYR A OH  1 
ATOM   330  N N   . VAL A 1 43 ? -0.464  3.964   3.631   1.00 16.71 ? 41  VAL A N   1 
ATOM   331  C CA  . VAL A 1 43 ? -1.181  4.956   4.414   1.00 18.47 ? 41  VAL A CA  1 
ATOM   332  C C   . VAL A 1 43 ? -2.339  5.509   3.602   1.00 19.08 ? 41  VAL A C   1 
ATOM   333  O O   . VAL A 1 43 ? -2.396  5.398   2.373   1.00 19.23 ? 41  VAL A O   1 
ATOM   334  C CB  . VAL A 1 43 ? -0.270  6.111   4.872   1.00 19.38 ? 41  VAL A CB  1 
ATOM   335  C CG1 . VAL A 1 43 ? 0.726   5.605   5.916   1.00 21.48 ? 41  VAL A CG1 1 
ATOM   336  C CG2 . VAL A 1 43 ? 0.451   6.725   3.669   1.00 18.76 ? 41  VAL A CG2 1 
ATOM   337  N N   . GLU A 1 44 ? -3.254  6.131   4.323   1.00 21.88 ? 42  GLU A N   1 
ATOM   338  C CA  . GLU A 1 44 ? -4.392  6.834   3.762   1.00 24.24 ? 42  GLU A CA  1 
ATOM   339  C C   . GLU A 1 44 ? -4.161  8.311   4.041   1.00 28.54 ? 42  GLU A C   1 
ATOM   340  O O   . GLU A 1 44 ? -3.776  8.671   5.158   1.00 27.88 ? 42  GLU A O   1 
ATOM   341  C CB  . GLU A 1 44 ? -5.674  6.322   4.412   1.00 27.63 ? 42  GLU A CB  1 
ATOM   342  C CG  . GLU A 1 44 ? -6.947  6.967   3.986   1.00 45.40 ? 42  GLU A CG  1 
ATOM   343  C CD  . GLU A 1 44 ? -8.107  6.018   4.167   1.00 47.75 ? 42  GLU A CD  1 
ATOM   344  O OE1 . GLU A 1 44 ? -8.890  5.841   3.212   1.00 53.62 ? 42  GLU A OE1 1 
ATOM   345  O OE2 . GLU A 1 44 ? -8.206  5.417   5.257   1.00 60.48 ? 42  GLU A OE2 1 
ATOM   346  N N   . VAL A 1 45 ? -4.310  9.151   3.020   1.00 23.55 ? 43  VAL A N   1 
ATOM   347  C CA  . VAL A 1 45 ? -4.093  10.586  3.153   1.00 20.30 ? 43  VAL A CA  1 
ATOM   348  C C   . VAL A 1 45 ? -5.397  11.311  2.848   1.00 24.71 ? 43  VAL A C   1 
ATOM   349  O O   . VAL A 1 45 ? -6.077  10.993  1.866   1.00 27.11 ? 43  VAL A O   1 
ATOM   350  C CB  . VAL A 1 45 ? -2.959  11.088  2.240   1.00 21.37 ? 43  VAL A CB  1 
ATOM   351  C CG1 . VAL A 1 45 ? -2.613  12.522  2.579   1.00 23.26 ? 43  VAL A CG1 1 
ATOM   352  C CG2 . VAL A 1 45 ? -1.717  10.191  2.402   1.00 22.70 ? 43  VAL A CG2 1 
ATOM   353  N N   . LYS A 1 46 ? -5.744  12.282  3.694   1.00 28.32 ? 44  LYS A N   1 
ATOM   354  C CA  . LYS A 1 46 ? -6.963  13.060  3.528   1.00 32.34 ? 44  LYS A CA  1 
ATOM   355  C C   . LYS A 1 46 ? -6.679  14.535  3.768   1.00 34.76 ? 44  LYS A C   1 
ATOM   356  O O   . LYS A 1 46 ? -5.806  14.900  4.559   1.00 29.56 ? 44  LYS A O   1 
ATOM   357  C CB  . LYS A 1 46 ? -8.065  12.611  4.492   1.00 35.73 ? 44  LYS A CB  1 
ATOM   358  C CG  . LYS A 1 46 ? -8.353  11.121  4.459   1.00 47.19 ? 44  LYS A CG  1 
ATOM   359  C CD  . LYS A 1 46 ? -8.672  10.621  5.855   1.00 53.42 ? 44  LYS A CD  1 
ATOM   360  C CE  . LYS A 1 46 ? -7.584  11.049  6.826   1.00 54.47 ? 44  LYS A CE  1 
ATOM   361  N NZ  . LYS A 1 46 ? -6.298  10.331  6.585   1.00 41.31 ? 44  LYS A NZ  1 
ATOM   362  N N   . LYS A 1 47 ? -7.437  15.383  3.082   1.00 37.73 ? 45  LYS A N   1 
ATOM   363  C CA  . LYS A 1 47 ? -7.376  16.816  3.327   1.00 45.71 ? 45  LYS A CA  1 
ATOM   364  C C   . LYS A 1 47 ? -7.874  17.135  4.735   1.00 44.37 ? 45  LYS A C   1 
ATOM   365  O O   . LYS A 1 47 ? -8.762  16.465  5.269   1.00 45.36 ? 45  LYS A O   1 
ATOM   366  C CB  . LYS A 1 47 ? -8.219  17.566  2.288   1.00 48.67 ? 45  LYS A CB  1 
ATOM   367  C CG  . LYS A 1 47 ? -9.686  17.137  2.276   1.00 56.09 ? 45  LYS A CG  1 
ATOM   368  C CD  . LYS A 1 47 ? -10.240 17.050  0.861   1.00 69.49 ? 45  LYS A CD  1 
ATOM   369  C CE  . LYS A 1 47 ? -11.357 16.006  0.748   1.00 66.43 ? 45  LYS A CE  1 
ATOM   370  N NZ  . LYS A 1 47 ? -12.620 16.407  1.433   1.00 67.22 ? 45  LYS A NZ  1 
ATOM   371  N N   . VAL A 1 48 ? -7.274  18.156  5.346   1.00 49.60 ? 46  VAL A N   1 
ATOM   372  C CA  . VAL A 1 48 ? -7.775  18.676  6.618   1.00 55.84 ? 46  VAL A CA  1 
ATOM   373  C C   . VAL A 1 48 ? -8.147  20.147  6.472   1.00 56.06 ? 46  VAL A C   1 
ATOM   374  O O   . VAL A 1 48 ? -8.467  20.615  5.380   1.00 52.79 ? 46  VAL A O   1 
ATOM   375  C CB  . VAL A 1 48 ? -6.763  18.484  7.774   1.00 51.61 ? 46  VAL A CB  1 
ATOM   376  C CG1 . VAL A 1 48 ? -6.452  17.022  7.957   1.00 50.57 ? 46  VAL A CG1 1 
ATOM   377  C CG2 . VAL A 1 48 ? -5.483  19.278  7.539   1.00 51.14 ? 46  VAL A CG2 1 
ATOM   378  O OXT . VAL A 1 48 ? -8.147  20.901  7.445   1.00 66.21 ? 46  VAL A OXT 1 
ATOM   379  N N   . LYS B 1 6  ? -11.934 12.739  0.049   1.00 51.82 ? 4   LYS B N   1 
ATOM   380  C CA  . LYS B 1 6  ? -11.236 12.217  -1.123  1.00 53.46 ? 4   LYS B CA  1 
ATOM   381  C C   . LYS B 1 6  ? -9.961  11.483  -0.718  1.00 56.58 ? 4   LYS B C   1 
ATOM   382  O O   . LYS B 1 6  ? -8.900  11.756  -1.272  1.00 59.52 ? 4   LYS B O   1 
ATOM   383  C CB  . LYS B 1 6  ? -10.879 13.347  -2.099  1.00 53.53 ? 4   LYS B CB  1 
ATOM   384  C CG  . LYS B 1 6  ? -12.064 14.151  -2.626  1.00 62.15 ? 4   LYS B CG  1 
ATOM   385  C CD  . LYS B 1 6  ? -12.800 13.426  -3.746  1.00 57.62 ? 4   LYS B CD  1 
ATOM   386  C CE  . LYS B 1 6  ? -14.046 14.201  -4.170  1.00 57.21 ? 4   LYS B CE  1 
ATOM   387  N NZ  . LYS B 1 6  ? -14.736 13.595  -5.340  1.00 55.86 ? 4   LYS B NZ  1 
ATOM   388  N N   . SER B 1 7  ? -10.067 10.561  0.238   1.00 44.78 ? 5   SER B N   1 
ATOM   389  C CA  . SER B 1 7  ? -8.889  9.860   0.740   1.00 42.47 ? 5   SER B CA  1 
ATOM   390  C C   . SER B 1 7  ? -8.159  9.135   -0.384  1.00 37.96 ? 5   SER B C   1 
ATOM   391  O O   . SER B 1 7  ? -8.780  8.541   -1.269  1.00 46.58 ? 5   SER B O   1 
ATOM   392  C CB  . SER B 1 7  ? -9.291  8.857   1.818   1.00 50.80 ? 5   SER B CB  1 
ATOM   393  O OG  . SER B 1 7  ? -8.720  7.587   1.548   1.00 55.07 ? 5   SER B OG  1 
ATOM   394  N N   . VAL B 1 8  ? -6.827  9.176   -0.345  1.00 29.44 ? 6   VAL B N   1 
ATOM   395  C CA  . VAL B 1 8  ? -6.003  8.456   -1.305  1.00 29.18 ? 6   VAL B CA  1 
ATOM   396  C C   . VAL B 1 8  ? -5.028  7.561   -0.551  1.00 20.93 ? 6   VAL B C   1 
ATOM   397  O O   . VAL B 1 8  ? -4.510  7.928   0.511   1.00 26.94 ? 6   VAL B O   1 
ATOM   398  C CB  . VAL B 1 8  ? -5.252  9.402   -2.269  1.00 29.19 ? 6   VAL B CB  1 
ATOM   399  C CG1 . VAL B 1 8  ? -6.251  10.189  -3.114  1.00 34.76 ? 6   VAL B CG1 1 
ATOM   400  C CG2 . VAL B 1 8  ? -4.337  10.342  -1.518  1.00 29.18 ? 6   VAL B CG2 1 
ATOM   401  N N   . VAL B 1 9  ? -4.815  6.390   -1.085  1.00 25.15 ? 7   VAL B N   1 
ATOM   402  C CA  . VAL B 1 9  ? -3.877  5.419   -0.536  1.00 22.91 ? 7   VAL B CA  1 
ATOM   403  C C   . VAL B 1 9  ? -2.524  5.631   -1.204  1.00 20.31 ? 7   VAL B C   1 
ATOM   404  O O   . VAL B 1 9  ? -2.444  5.844   -2.419  1.00 19.24 ? 7   VAL B O   1 
ATOM   405  C CB  . VAL B 1 9  ? -4.425  3.996   -0.761  1.00 23.99 ? 7   VAL B CB  1 
ATOM   406  C CG1 . VAL B 1 9  ? -3.406  2.934   -0.425  1.00 21.72 ? 7   VAL B CG1 1 
ATOM   407  C CG2 . VAL B 1 9  ? -5.697  3.793   0.060   1.00 31.05 ? 7   VAL B CG2 1 
ATOM   408  N N   . ALA B 1 10 ? -1.447  5.628   -0.409  1.00 16.11 ? 8   ALA B N   1 
ATOM   409  C CA  . ALA B 1 10 ? -0.111  5.761   -0.968  1.00 15.98 ? 8   ALA B CA  1 
ATOM   410  C C   . ALA B 1 10 ? 0.828   4.880   -0.165  1.00 15.11 ? 8   ALA B C   1 
ATOM   411  O O   . ALA B 1 10 ? 0.534   4.519   0.971   1.00 16.83 ? 8   ALA B O   1 
ATOM   412  C CB  . ALA B 1 10 ? 0.396   7.211   -0.946  1.00 17.01 ? 8   ALA B CB  1 
ATOM   413  N N   . ARG B 1 11 ? 1.919   4.483   -0.800  1.00 13.77 ? 9   ARG B N   1 
ATOM   414  C CA  . ARG B 1 11 ? 2.928   3.643   -0.178  1.00 15.52 ? 9   ARG B CA  1 
ATOM   415  C C   . ARG B 1 11 ? 3.991   4.542   0.435   1.00 15.66 ? 9   ARG B C   1 
ATOM   416  O O   . ARG B 1 11 ? 4.420   5.516   -0.186  1.00 15.16 ? 9   ARG B O   1 
ATOM   417  C CB  . ARG B 1 11 ? 3.553   2.705   -1.214  1.00 16.23 ? 9   ARG B CB  1 
ATOM   418  C CG  . ARG B 1 11 ? 4.571   1.736   -0.655  1.00 21.35 ? 9   ARG B CG  1 
ATOM   419  C CD  . ARG B 1 11 ? 4.932   0.653   -1.691  1.00 29.02 ? 9   ARG B CD  1 
ATOM   420  N NE  . ARG B 1 11 ? 5.085   1.195   -3.039  1.00 38.86 ? 9   ARG B NE  1 
ATOM   421  C CZ  . ARG B 1 11 ? 6.248   1.541   -3.586  1.00 44.49 ? 9   ARG B CZ  1 
ATOM   422  N NH1 . ARG B 1 11 ? 7.376   1.398   -2.903  1.00 49.45 ? 9   ARG B NH1 1 
ATOM   423  N NH2 . ARG B 1 11 ? 6.287   2.028   -4.818  1.00 43.86 ? 9   ARG B NH2 1 
ATOM   424  N N   . VAL B 1 12 ? 4.394   4.216   1.666   1.00 13.86 ? 10  VAL B N   1 
ATOM   425  C CA  . VAL B 1 12 ? 5.361   5.021   2.402   1.00 15.81 ? 10  VAL B CA  1 
ATOM   426  C C   . VAL B 1 12 ? 6.761   4.708   1.904   1.00 18.93 ? 10  VAL B C   1 
ATOM   427  O O   . VAL B 1 12 ? 7.150   3.536   1.816   1.00 16.97 ? 10  VAL B O   1 
ATOM   428  C CB  . VAL B 1 12 ? 5.249   4.739   3.903   1.00 17.95 ? 10  VAL B CB  1 
ATOM   429  C CG1 . VAL B 1 12 ? 6.314   5.515   4.663   1.00 18.82 ? 10  VAL B CG1 1 
ATOM   430  C CG2 . VAL B 1 12 ? 3.862   5.075   4.415   1.00 21.11 ? 10  VAL B CG2 1 
ATOM   431  N N   . ALA B 1 13 ? 7.512   5.754   1.566   1.00 16.71 ? 11  ALA B N   1 
ATOM   432  C CA  . ALA B 1 13 ? 8.925   5.664   1.227   1.00 15.82 ? 11  ALA B CA  1 
ATOM   433  C C   . ALA B 1 13 ? 9.706   6.541   2.189   1.00 17.14 ? 11  ALA B C   1 
ATOM   434  O O   . ALA B 1 13 ? 9.148   7.437   2.830   1.00 17.76 ? 11  ALA B O   1 
ATOM   435  C CB  . ALA B 1 13 ? 9.198   6.103   -0.219  1.00 20.40 ? 11  ALA B CB  1 
ATOM   436  N N   . GLU B 1 14 ? 11.003  6.260   2.303   1.00 16.69 ? 12  GLU B N   1 
ATOM   437  C CA  . GLU B 1 14 ? 11.783  6.981   3.296   1.00 17.84 ? 12  GLU B CA  1 
ATOM   438  C C   . GLU B 1 14 ? 12.047  8.416   2.848   1.00 20.05 ? 12  GLU B C   1 
ATOM   439  O O   . GLU B 1 14 ? 11.963  8.756   1.664   1.00 19.15 ? 12  GLU B O   1 
ATOM   440  C CB  . GLU B 1 14 ? 13.104  6.266   3.578   1.00 22.97 ? 12  GLU B CB  1 
ATOM   441  C CG  . GLU B 1 14 ? 14.205  6.538   2.582   1.00 29.49 ? 12  GLU B CG  1 
ATOM   442  C CD  . GLU B 1 14 ? 15.532  5.917   3.025   1.00 38.18 ? 12  GLU B CD  1 
ATOM   443  O OE1 . GLU B 1 14 ? 16.316  6.593   3.726   1.00 43.73 ? 12  GLU B OE1 1 
ATOM   444  O OE2 . GLU B 1 14 ? 15.772  4.740   2.692   1.00 44.74 ? 12  GLU B OE2 1 
ATOM   445  N N   . ALA B 1 15 ? 12.400  9.258   3.824   1.00 19.99 ? 13  ALA B N   1 
ATOM   446  C CA  . ALA B 1 15 ? 12.674  10.663  3.563   1.00 22.97 ? 13  ALA B CA  1 
ATOM   447  C C   . ALA B 1 15 ? 14.101  10.858  3.083   1.00 27.23 ? 13  ALA B C   1 
ATOM   448  O O   . ALA B 1 15 ? 15.011  10.104  3.444   1.00 22.75 ? 13  ALA B O   1 
ATOM   449  C CB  . ALA B 1 15 ? 12.464  11.508  4.824   1.00 19.69 ? 13  ALA B CB  1 
ATOM   450  N N   . TYR B 1 16 ? 14.289  11.884  2.264   1.00 28.58 ? 14  TYR B N   1 
ATOM   451  C CA  . TYR B 1 16 ? 15.633  12.366  1.993   1.00 30.66 ? 14  TYR B CA  1 
ATOM   452  C C   . TYR B 1 16 ? 16.213  12.966  3.268   1.00 25.35 ? 14  TYR B C   1 
ATOM   453  O O   . TYR B 1 16 ? 15.479  13.566  4.060   1.00 27.26 ? 14  TYR B O   1 
ATOM   454  C CB  . TYR B 1 16 ? 15.620  13.406  0.873   1.00 31.81 ? 14  TYR B CB  1 
ATOM   455  C CG  . TYR B 1 16 ? 15.605  12.781  -0.501  1.00 34.12 ? 14  TYR B CG  1 
ATOM   456  C CD1 . TYR B 1 16 ? 14.486  12.100  -0.963  1.00 29.18 ? 14  TYR B CD1 1 
ATOM   457  C CD2 . TYR B 1 16 ? 16.712  12.858  -1.331  1.00 38.57 ? 14  TYR B CD2 1 
ATOM   458  C CE1 . TYR B 1 16 ? 14.471  11.524  -2.214  1.00 34.06 ? 14  TYR B CE1 1 
ATOM   459  C CE2 . TYR B 1 16 ? 16.705  12.279  -2.581  1.00 42.40 ? 14  TYR B CE2 1 
ATOM   460  C CZ  . TYR B 1 16 ? 15.581  11.614  -3.017  1.00 41.61 ? 14  TYR B CZ  1 
ATOM   461  O OH  . TYR B 1 16 ? 15.580  11.043  -4.265  1.00 40.29 ? 14  TYR B OH  1 
ATOM   462  N N   . PRO B 1 17 ? 17.516  12.803  3.508   1.00 33.95 ? 15  PRO B N   1 
ATOM   463  C CA  . PRO B 1 17 ? 18.098  13.286  4.775   1.00 32.28 ? 15  PRO B CA  1 
ATOM   464  C C   . PRO B 1 17 ? 17.771  14.736  5.080   1.00 28.97 ? 15  PRO B C   1 
ATOM   465  O O   . PRO B 1 17 ? 17.397  15.058  6.215   1.00 33.47 ? 15  PRO B O   1 
ATOM   466  C CB  . PRO B 1 17 ? 19.605  13.060  4.580   1.00 39.40 ? 15  PRO B CB  1 
ATOM   467  C CG  . PRO B 1 17 ? 19.792  12.733  3.136   1.00 31.59 ? 15  PRO B CG  1 
ATOM   468  C CD  . PRO B 1 17 ? 18.511  12.155  2.644   1.00 29.00 ? 15  PRO B CD  1 
ATOM   469  N N   . GLU B 1 18 ? 17.841  15.611  4.072   1.00 32.51 ? 16  GLU B N   1 
ATOM   470  C CA  . GLU B 1 18 ? 17.528  17.023  4.265   1.00 35.09 ? 16  GLU B CA  1 
ATOM   471  C C   . GLU B 1 18 ? 16.086  17.254  4.702   1.00 37.25 ? 16  GLU B C   1 
ATOM   472  O O   . GLU B 1 18 ? 15.778  18.320  5.249   1.00 35.46 ? 16  GLU B O   1 
ATOM   473  C CB  . GLU B 1 18 ? 17.826  17.797  2.977   1.00 39.24 ? 16  GLU B CB  1 
ATOM   474  C CG  . GLU B 1 18 ? 17.346  17.118  1.689   1.00 42.54 ? 16  GLU B CG  1 
ATOM   475  C CD  . GLU B 1 18 ? 18.274  16.008  1.204   1.00 39.27 ? 16  GLU B CD  1 
ATOM   476  O OE1 . GLU B 1 18 ? 19.196  15.627  1.953   1.00 50.88 ? 16  GLU B OE1 1 
ATOM   477  O OE2 . GLU B 1 18 ? 18.078  15.514  0.073   1.00 51.47 ? 16  GLU B OE2 1 
ATOM   478  N N   . ASP B 1 19 ? 15.190  16.285  4.495   1.00 30.49 ? 17  ASP B N   1 
ATOM   479  C CA  . ASP B 1 19 ? 13.805  16.472  4.891   1.00 25.38 ? 17  ASP B CA  1 
ATOM   480  C C   . ASP B 1 19 ? 13.495  15.917  6.270   1.00 25.18 ? 17  ASP B C   1 
ATOM   481  O O   . ASP B 1 19 ? 12.381  16.117  6.762   1.00 31.97 ? 17  ASP B O   1 
ATOM   482  C CB  . ASP B 1 19 ? 12.866  15.832  3.852   1.00 28.69 ? 17  ASP B CB  1 
ATOM   483  C CG  . ASP B 1 19 ? 12.971  16.502  2.493   1.00 33.45 ? 17  ASP B CG  1 
ATOM   484  O OD1 . ASP B 1 19 ? 12.908  17.752  2.456   1.00 30.31 ? 17  ASP B OD1 1 
ATOM   485  O OD2 . ASP B 1 19 ? 13.139  15.790  1.475   1.00 38.61 ? 17  ASP B OD2 1 
ATOM   486  N N   . VAL B 1 20 ? 14.462  15.269  6.928   1.00 25.51 ? 18  VAL B N   1 
ATOM   487  C CA  . VAL B 1 20 ? 14.192  14.635  8.213   1.00 28.09 ? 18  VAL B CA  1 
ATOM   488  C C   . VAL B 1 20 ? 13.939  15.701  9.270   1.00 30.66 ? 18  VAL B C   1 
ATOM   489  O O   . VAL B 1 20 ? 14.697  16.673  9.393   1.00 32.80 ? 18  VAL B O   1 
ATOM   490  C CB  . VAL B 1 20 ? 15.347  13.704  8.598   1.00 27.26 ? 18  VAL B CB  1 
ATOM   491  C CG1 . VAL B 1 20 ? 15.122  13.130  9.984   1.00 27.88 ? 18  VAL B CG1 1 
ATOM   492  C CG2 . VAL B 1 20 ? 15.464  12.591  7.568   1.00 27.49 ? 18  VAL B CG2 1 
ATOM   493  N N   . GLY B 1 21 ? 12.850  15.537  10.019  1.00 31.30 ? 19  GLY B N   1 
ATOM   494  C CA  . GLY B 1 21 ? 12.484  16.452  11.079  1.00 34.02 ? 19  GLY B CA  1 
ATOM   495  C C   . GLY B 1 21 ? 11.631  17.634  10.675  1.00 39.25 ? 19  GLY B C   1 
ATOM   496  O O   . GLY B 1 21 ? 11.350  18.482  11.528  1.00 38.52 ? 19  GLY B O   1 
ATOM   497  N N   . LYS B 1 22 ? 11.181  17.709  9.420   1.00 34.22 ? 20  LYS B N   1 
ATOM   498  C CA  . LYS B 1 22 ? 10.505  18.903  8.922   1.00 39.44 ? 20  LYS B CA  1 
ATOM   499  C C   . LYS B 1 22 ? 8.983   18.787  8.863   1.00 40.38 ? 20  LYS B C   1 
ATOM   500  O O   . LYS B 1 22 ? 8.327   19.746  8.446   1.00 49.58 ? 20  LYS B O   1 
ATOM   501  C CB  . LYS B 1 22 ? 11.052  19.274  7.540   1.00 41.99 ? 20  LYS B CB  1 
ATOM   502  C CG  . LYS B 1 22 ? 12.545  19.597  7.539   1.00 44.73 ? 20  LYS B CG  1 
ATOM   503  C CD  . LYS B 1 22 ? 12.967  20.480  6.361   1.00 49.21 ? 20  LYS B CD  1 
ATOM   504  C CE  . LYS B 1 22 ? 12.585  19.863  5.019   1.00 51.53 ? 20  LYS B CE  1 
ATOM   505  N NZ  . LYS B 1 22 ? 13.192  20.576  3.850   1.00 47.78 ? 20  LYS B NZ  1 
ATOM   506  N N   . ARG B 1 23 ? 8.404   17.660  9.280   1.00 33.41 ? 21  ARG B N   1 
ATOM   507  C CA  . ARG B 1 23 ? 6.947   17.494  9.348   1.00 35.04 ? 21  ARG B CA  1 
ATOM   508  C C   . ARG B 1 23 ? 6.294   17.699  7.984   1.00 28.73 ? 21  ARG B C   1 
ATOM   509  O O   . ARG B 1 23 ? 5.225   18.306  7.873   1.00 28.86 ? 21  ARG B O   1 
ATOM   510  C CB  . ARG B 1 23 ? 6.319   18.427  10.388  1.00 40.48 ? 21  ARG B CB  1 
ATOM   511  C CG  . ARG B 1 23 ? 6.549   17.985  11.827  1.00 48.79 ? 21  ARG B CG  1 
ATOM   512  C CD  . ARG B 1 23 ? 6.199   19.079  12.827  1.00 51.84 ? 21  ARG B CD  1 
ATOM   513  N NE  . ARG B 1 23 ? 6.157   18.561  14.195  1.00 70.50 ? 21  ARG B NE  1 
ATOM   514  C CZ  . ARG B 1 23 ? 7.233   18.311  14.939  1.00 65.71 ? 21  ARG B CZ  1 
ATOM   515  N NH1 . ARG B 1 23 ? 8.448   18.530  14.453  1.00 60.45 ? 21  ARG B NH1 1 
ATOM   516  N NH2 . ARG B 1 23 ? 7.094   17.838  16.170  1.00 58.57 ? 21  ARG B NH2 1 
ATOM   517  N N   . ILE B 1 24 ? 6.923   17.168  6.943   1.00 29.46 ? 22  ILE B N   1 
ATOM   518  C CA  . ILE B 1 24 ? 6.363   17.257  5.603   1.00 26.99 ? 22  ILE B CA  1 
ATOM   519  C C   . ILE B 1 24 ? 6.072   15.856  5.079   1.00 27.24 ? 22  ILE B C   1 
ATOM   520  O O   . ILE B 1 24 ? 6.566   14.843  5.589   1.00 26.73 ? 22  ILE B O   1 
ATOM   521  C CB  . ILE B 1 24 ? 7.291   18.005  4.627   1.00 28.65 ? 22  ILE B CB  1 
ATOM   522  C CG1 . ILE B 1 24 ? 8.561   17.194  4.372   1.00 25.02 ? 22  ILE B CG1 1 
ATOM   523  C CG2 . ILE B 1 24 ? 7.618   19.410  5.154   1.00 35.83 ? 22  ILE B CG2 1 
ATOM   524  C CD1 . ILE B 1 24 ? 9.415   17.716  3.242   1.00 34.58 ? 22  ILE B CD1 1 
ATOM   525  N N   . VAL B 1 25 ? 5.255   15.816  4.035   1.00 25.30 ? 23  VAL B N   1 
ATOM   526  C CA  . VAL B 1 25 ? 4.995   14.602  3.278   1.00 18.13 ? 23  VAL B CA  1 
ATOM   527  C C   . VAL B 1 25 ? 5.133   14.968  1.808   1.00 20.14 ? 23  VAL B C   1 
ATOM   528  O O   . VAL B 1 25 ? 4.417   15.852  1.315   1.00 20.94 ? 23  VAL B O   1 
ATOM   529  C CB  . VAL B 1 25 ? 3.606   14.012  3.583   1.00 19.95 ? 23  VAL B CB  1 
ATOM   530  C CG1 . VAL B 1 25 ? 2.514   15.067  3.529   1.00 24.78 ? 23  VAL B CG1 1 
ATOM   531  C CG2 . VAL B 1 25 ? 3.273   12.873  2.633   1.00 23.39 ? 23  VAL B CG2 1 
ATOM   532  N N   . ARG B 1 26 ? 6.067   14.323  1.115   1.00 19.53 ? 24  ARG B N   1 
ATOM   533  C CA  . ARG B 1 26 ? 6.282   14.586  -0.302  1.00 17.66 ? 24  ARG B CA  1 
ATOM   534  C C   . ARG B 1 26 ? 5.316   13.747  -1.119  1.00 20.01 ? 24  ARG B C   1 
ATOM   535  O O   . ARG B 1 26 ? 5.286   12.519  -0.977  1.00 19.16 ? 24  ARG B O   1 
ATOM   536  C CB  . ARG B 1 26 ? 7.712   14.270  -0.712  1.00 15.43 ? 24  ARG B CB  1 
ATOM   537  C CG  . ARG B 1 26 ? 8.711   15.268  -0.094  1.00 17.44 ? 24  ARG B CG  1 
ATOM   538  C CD  . ARG B 1 26 ? 9.764   15.604  -1.077  1.00 23.55 ? 24  ARG B CD  1 
ATOM   539  N NE  . ARG B 1 26 ? 10.761  16.473  -0.451  1.00 29.10 ? 24  ARG B NE  1 
ATOM   540  C CZ  . ARG B 1 26 ? 10.836  17.783  -0.657  1.00 33.52 ? 24  ARG B CZ  1 
ATOM   541  N NH1 . ARG B 1 26 ? 9.988   18.376  -1.488  1.00 23.76 ? 24  ARG B NH1 1 
ATOM   542  N NH2 . ARG B 1 26 ? 11.770  18.501  -0.036  1.00 29.90 ? 24  ARG B NH2 1 
ATOM   543  N N   . MET B 1 27 ? 4.530   14.405  -1.975  1.00 15.60 ? 25  MET B N   1 
ATOM   544  C CA  . MET B 1 27 ? 3.565   13.701  -2.809  1.00 17.28 ? 25  MET B CA  1 
ATOM   545  C C   . MET B 1 27 ? 3.465   14.413  -4.151  1.00 18.76 ? 25  MET B C   1 
ATOM   546  O O   . MET B 1 27 ? 3.663   15.629  -4.245  1.00 19.41 ? 25  MET B O   1 
ATOM   547  C CB  . MET B 1 27 ? 2.188   13.611  -2.142  1.00 24.75 ? 25  MET B CB  1 
ATOM   548  C CG  . MET B 1 27 ? 1.610   14.940  -1.766  1.00 28.65 ? 25  MET B CG  1 
ATOM   549  S SD  . MET B 1 27 ? -0.096  14.772  -1.194  1.00 42.41 ? 25  MET B SD  1 
ATOM   550  C CE  . MET B 1 27 ? 0.081   13.454  0.003   1.00 31.24 ? 25  MET B CE  1 
ATOM   551  N N   . ASP B 1 28 ? 3.171   13.644  -5.195  1.00 16.95 ? 26  ASP B N   1 
ATOM   552  C CA  . ASP B 1 28 ? 3.298   14.191  -6.537  1.00 15.19 ? 26  ASP B CA  1 
ATOM   553  C C   . ASP B 1 28 ? 1.988   14.851  -6.993  1.00 18.84 ? 26  ASP B C   1 
ATOM   554  O O   . ASP B 1 28 ? 0.999   14.919  -6.267  1.00 16.92 ? 26  ASP B O   1 
ATOM   555  C CB  . ASP B 1 28 ? 3.783   13.107  -7.511  1.00 15.39 ? 26  ASP B CB  1 
ATOM   556  C CG  . ASP B 1 28 ? 2.743   12.032  -7.793  1.00 16.39 ? 26  ASP B CG  1 
ATOM   557  O OD1 . ASP B 1 28 ? 1.549   12.278  -7.615  1.00 15.56 ? 26  ASP B OD1 1 
ATOM   558  O OD2 . ASP B 1 28 ? 3.153   10.926  -8.196  1.00 17.69 ? 26  ASP B OD2 1 
ATOM   559  N N   . LYS B 1 29 ? 1.985   15.335  -8.232  1.00 16.84 ? 27  LYS B N   1 
ATOM   560  C CA  . LYS B 1 29 ? 0.859   16.136  -8.690  1.00 20.38 ? 27  LYS B CA  1 
ATOM   561  C C   . LYS B 1 29 ? -0.410  15.304  -8.847  1.00 20.15 ? 27  LYS B C   1 
ATOM   562  O O   . LYS B 1 29 ? -1.518  15.854  -8.744  1.00 21.37 ? 27  LYS B O   1 
ATOM   563  C CB  . LYS B 1 29 ? 1.217   16.821  -10.008 1.00 20.87 ? 27  LYS B CB  1 
ATOM   564  C CG  . LYS B 1 29 ? 1.599   15.870  -11.131 1.00 21.54 ? 27  LYS B CG  1 
ATOM   565  C CD  . LYS B 1 29 ? 1.742   16.669  -12.429 1.00 25.45 ? 27  LYS B CD  1 
ATOM   566  C CE  . LYS B 1 29 ? 2.201   15.807  -13.582 1.00 30.35 ? 27  LYS B CE  1 
ATOM   567  N NZ  . LYS B 1 29 ? 2.400   16.668  -14.783 1.00 28.86 ? 27  LYS B NZ  1 
ATOM   568  N N   . TYR B 1 30 ? -0.283  13.996  -9.094  1.00 17.74 ? 28  TYR B N   1 
ATOM   569  C CA  . TYR B 1 30 ? -1.471  13.151  -9.166  1.00 20.43 ? 28  TYR B CA  1 
ATOM   570  C C   . TYR B 1 30 ? -2.124  13.013  -7.799  1.00 25.54 ? 28  TYR B C   1 
ATOM   571  O O   . TYR B 1 30 ? -3.333  13.205  -7.659  1.00 22.72 ? 28  TYR B O   1 
ATOM   572  C CB  . TYR B 1 30 ? -1.130  11.770  -9.735  1.00 16.33 ? 28  TYR B CB  1 
ATOM   573  C CG  . TYR B 1 30 ? -0.455  11.837  -11.067 1.00 16.82 ? 28  TYR B CG  1 
ATOM   574  C CD1 . TYR B 1 30 ? -1.192  12.044  -12.227 1.00 19.36 ? 28  TYR B CD1 1 
ATOM   575  C CD2 . TYR B 1 30 ? 0.914   11.675  -11.183 1.00 20.78 ? 28  TYR B CD2 1 
ATOM   576  C CE1 . TYR B 1 30 ? -0.574  12.104  -13.467 1.00 22.07 ? 28  TYR B CE1 1 
ATOM   577  C CE2 . TYR B 1 30 ? 1.536   11.730  -12.412 1.00 23.14 ? 28  TYR B CE2 1 
ATOM   578  C CZ  . TYR B 1 30 ? 0.790   11.946  -13.546 1.00 27.47 ? 28  TYR B CZ  1 
ATOM   579  O OH  . TYR B 1 30 ? 1.405   11.998  -14.771 1.00 31.92 ? 28  TYR B OH  1 
ATOM   580  N N   . GLU B 1 31 ? -1.336  12.688  -6.773  1.00 17.33 ? 29  GLU B N   1 
ATOM   581  C CA  . GLU B 1 31 ? -1.910  12.577  -5.441  1.00 21.72 ? 29  GLU B CA  1 
ATOM   582  C C   . GLU B 1 31 ? -2.528  13.890  -4.996  1.00 18.71 ? 29  GLU B C   1 
ATOM   583  O O   . GLU B 1 31 ? -3.601  13.897  -4.386  1.00 22.82 ? 29  GLU B O   1 
ATOM   584  C CB  . GLU B 1 31 ? -0.841  12.136  -4.443  1.00 22.72 ? 29  GLU B CB  1 
ATOM   585  C CG  . GLU B 1 31 ? -0.916  10.672  -4.132  1.00 27.54 ? 29  GLU B CG  1 
ATOM   586  C CD  . GLU B 1 31 ? -0.737  9.847   -5.372  1.00 30.65 ? 29  GLU B CD  1 
ATOM   587  O OE1 . GLU B 1 31 ? 0.384   9.872   -5.917  1.00 29.00 ? 29  GLU B OE1 1 
ATOM   588  O OE2 . GLU B 1 31 ? -1.715  9.204   -5.827  1.00 32.04 ? 29  GLU B OE2 1 
ATOM   589  N N   . ARG B 1 32 ? -1.847  15.005  -5.250  1.00 20.10 ? 30  ARG B N   1 
ATOM   590  C CA  . ARG B 1 32 ? -2.376  16.283  -4.790  1.00 19.37 ? 30  ARG B CA  1 
ATOM   591  C C   . ARG B 1 32 ? -3.702  16.577  -5.481  1.00 26.76 ? 30  ARG B C   1 
ATOM   592  O O   . ARG B 1 32 ? -4.666  17.010  -4.842  1.00 28.47 ? 30  ARG B O   1 
ATOM   593  C CB  . ARG B 1 32 ? -1.362  17.410  -5.036  1.00 18.97 ? 30  ARG B CB  1 
ATOM   594  C CG  . ARG B 1 32 ? -0.024  17.279  -4.278  1.00 21.86 ? 30  ARG B CG  1 
ATOM   595  C CD  . ARG B 1 32 ? 0.759   18.586  -4.230  1.00 27.13 ? 30  ARG B CD  1 
ATOM   596  N NE  . ARG B 1 32 ? 1.097   19.140  -5.544  1.00 25.82 ? 30  ARG B NE  1 
ATOM   597  C CZ  . ARG B 1 32 ? 2.148   18.788  -6.283  1.00 22.38 ? 30  ARG B CZ  1 
ATOM   598  N NH1 . ARG B 1 32 ? 2.994   17.841  -5.876  1.00 23.53 ? 30  ARG B NH1 1 
ATOM   599  N NH2 . ARG B 1 32 ? 2.366   19.390  -7.444  1.00 25.49 ? 30  ARG B NH2 1 
ATOM   600  N N   . ALA B 1 33 ? -3.792  16.267  -6.770  1.00 23.93 ? 31  ALA B N   1 
ATOM   601  C CA  . ALA B 1 33 ? -5.050  16.472  -7.486  1.00 23.11 ? 31  ALA B CA  1 
ATOM   602  C C   . ALA B 1 33 ? -6.163  15.576  -6.945  1.00 27.80 ? 31  ALA B C   1 
ATOM   603  O O   . ALA B 1 33 ? -7.282  16.045  -6.700  1.00 33.52 ? 31  ALA B O   1 
ATOM   604  C CB  . ALA B 1 33 ? -4.834  16.231  -8.979  1.00 23.74 ? 31  ALA B CB  1 
ATOM   605  N N   . LYS B 1 34 ? -5.883  14.279  -6.772  1.00 26.81 ? 32  LYS B N   1 
ATOM   606  C CA  . LYS B 1 34 ? -6.891  13.359  -6.254  1.00 27.38 ? 32  LYS B CA  1 
ATOM   607  C C   . LYS B 1 34 ? -7.380  13.771  -4.875  1.00 34.18 ? 32  LYS B C   1 
ATOM   608  O O   . LYS B 1 34 ? -8.552  13.556  -4.545  1.00 38.69 ? 32  LYS B O   1 
ATOM   609  C CB  . LYS B 1 34 ? -6.340  11.939  -6.191  1.00 29.05 ? 32  LYS B CB  1 
ATOM   610  C CG  . LYS B 1 34 ? -6.275  11.222  -7.521  1.00 31.94 ? 32  LYS B CG  1 
ATOM   611  C CD  . LYS B 1 34 ? -5.843  9.777   -7.330  1.00 40.43 ? 32  LYS B CD  1 
ATOM   612  C CE  . LYS B 1 34 ? -5.735  9.050   -8.662  1.00 41.83 ? 32  LYS B CE  1 
ATOM   613  N NZ  . LYS B 1 34 ? -5.201  7.662   -8.499  1.00 46.48 ? 32  LYS B NZ  1 
ATOM   614  N N   . LEU B 1 35 ? -6.500  14.347  -4.062  1.00 31.60 ? 33  LEU B N   1 
ATOM   615  C CA  . LEU B 1 35 ? -6.860  14.855  -2.747  1.00 32.01 ? 33  LEU B CA  1 
ATOM   616  C C   . LEU B 1 35 ? -7.431  16.260  -2.791  1.00 40.70 ? 33  LEU B C   1 
ATOM   617  O O   . LEU B 1 35 ? -8.001  16.710  -1.790  1.00 40.54 ? 33  LEU B O   1 
ATOM   618  C CB  . LEU B 1 35 ? -5.635  14.848  -1.833  1.00 35.32 ? 33  LEU B CB  1 
ATOM   619  C CG  . LEU B 1 35 ? -5.626  13.702  -0.834  1.00 43.88 ? 33  LEU B CG  1 
ATOM   620  C CD1 . LEU B 1 35 ? -4.455  13.880  0.068   1.00 37.96 ? 33  LEU B CD1 1 
ATOM   621  C CD2 . LEU B 1 35 ? -6.920  13.715  -0.043  1.00 39.46 ? 33  LEU B CD2 1 
ATOM   622  N N   . GLY B 1 36 ? -7.278  16.959  -3.910  1.00 36.42 ? 34  GLY B N   1 
ATOM   623  C CA  . GLY B 1 36 ? -7.687  18.346  -3.995  1.00 39.81 ? 34  GLY B CA  1 
ATOM   624  C C   . GLY B 1 36 ? -6.875  19.261  -3.108  1.00 32.47 ? 34  GLY B C   1 
ATOM   625  O O   . GLY B 1 36 ? -7.436  20.170  -2.484  1.00 37.26 ? 34  GLY B O   1 
ATOM   626  N N   . VAL B 1 37 ? -5.565  19.040  -3.023  1.00 33.11 ? 35  VAL B N   1 
ATOM   627  C CA  . VAL B 1 37 ? -4.698  19.852  -2.185  1.00 30.08 ? 35  VAL B CA  1 
ATOM   628  C C   . VAL B 1 37 ? -3.597  20.449  -3.049  1.00 30.03 ? 35  VAL B C   1 
ATOM   629  O O   . VAL B 1 37 ? -3.385  20.051  -4.197  1.00 32.30 ? 35  VAL B O   1 
ATOM   630  C CB  . VAL B 1 37 ? -4.105  19.048  -1.010  1.00 34.61 ? 35  VAL B CB  1 
ATOM   631  C CG1 . VAL B 1 37 ? -5.222  18.362  -0.232  1.00 31.86 ? 35  VAL B CG1 1 
ATOM   632  C CG2 . VAL B 1 37 ? -3.107  18.013  -1.521  1.00 30.35 ? 35  VAL B CG2 1 
ATOM   633  N N   . SER B 1 38 ? -2.898  21.426  -2.479  1.00 31.91 ? 36  SER B N   1 
ATOM   634  C CA  A SER B 1 38 ? -1.751  22.062  -3.104  0.58 33.71 ? 36  SER B CA  1 
ATOM   635  C CA  B SER B 1 38 ? -1.796  22.011  -3.031  0.42 33.73 ? 36  SER B CA  1 
ATOM   636  C C   . SER B 1 38 ? -0.555  21.974  -2.168  1.00 33.27 ? 36  SER B C   1 
ATOM   637  O O   . SER B 1 38 ? -0.698  21.708  -0.970  1.00 33.48 ? 36  SER B O   1 
ATOM   638  C CB  A SER B 1 38 ? -2.024  23.535  -3.448  0.58 39.89 ? 36  SER B CB  1 
ATOM   639  C CB  B SER B 1 38 ? -2.069  23.483  -3.375  0.42 39.82 ? 36  SER B CB  1 
ATOM   640  O OG  A SER B 1 38 ? -3.157  23.666  -4.292  0.58 32.26 ? 36  SER B OG  1 
ATOM   641  O OG  B SER B 1 38 ? -0.915  24.112  -3.909  0.42 37.66 ? 36  SER B OG  1 
ATOM   642  N N   . VAL B 1 39 ? 0.632   22.199  -2.735  1.00 32.77 ? 37  VAL B N   1 
ATOM   643  C CA  . VAL B 1 39 ? 1.845   22.278  -1.933  1.00 36.15 ? 37  VAL B CA  1 
ATOM   644  C C   . VAL B 1 39 ? 1.643   23.316  -0.843  1.00 36.88 ? 37  VAL B C   1 
ATOM   645  O O   . VAL B 1 39 ? 1.115   24.403  -1.096  1.00 38.49 ? 37  VAL B O   1 
ATOM   646  C CB  . VAL B 1 39 ? 3.057   22.616  -2.822  1.00 27.82 ? 37  VAL B CB  1 
ATOM   647  C CG1 . VAL B 1 39 ? 4.264   22.936  -1.969  1.00 33.86 ? 37  VAL B CG1 1 
ATOM   648  C CG2 . VAL B 1 39 ? 3.361   21.464  -3.780  1.00 32.23 ? 37  VAL B CG2 1 
ATOM   649  N N   . GLY B 1 40 ? 2.034   22.974  0.382   1.00 30.11 ? 38  GLY B N   1 
ATOM   650  C CA  . GLY B 1 40 ? 1.811   23.836  1.516   1.00 31.26 ? 38  GLY B CA  1 
ATOM   651  C C   . GLY B 1 40 ? 0.529   23.579  2.276   1.00 37.14 ? 38  GLY B C   1 
ATOM   652  O O   . GLY B 1 40 ? 0.429   23.982  3.442   1.00 46.71 ? 38  GLY B O   1 
ATOM   653  N N   . ASP B 1 41 ? -0.458  22.934  1.662   1.00 30.68 ? 39  ASP B N   1 
ATOM   654  C CA  . ASP B 1 41 ? -1.646  22.540  2.399   1.00 32.07 ? 39  ASP B CA  1 
ATOM   655  C C   . ASP B 1 41 ? -1.274  21.503  3.458   1.00 37.45 ? 39  ASP B C   1 
ATOM   656  O O   . ASP B 1 41 ? -0.192  20.911  3.439   1.00 33.57 ? 39  ASP B O   1 
ATOM   657  C CB  . ASP B 1 41 ? -2.714  21.976  1.458   1.00 35.59 ? 39  ASP B CB  1 
ATOM   658  C CG  . ASP B 1 41 ? -3.442  23.059  0.670   1.00 38.02 ? 39  ASP B CG  1 
ATOM   659  O OD1 . ASP B 1 41 ? -3.216  24.257  0.936   1.00 38.54 ? 39  ASP B OD1 1 
ATOM   660  O OD2 . ASP B 1 41 ? -4.237  22.700  -0.217  1.00 38.60 ? 39  ASP B OD2 1 
ATOM   661  N N   . TYR B 1 42 ? -2.188  21.283  4.393   1.00 34.87 ? 40  TYR B N   1 
ATOM   662  C CA  . TYR B 1 42 ? -1.988  20.281  5.423   1.00 35.36 ? 40  TYR B CA  1 
ATOM   663  C C   . TYR B 1 42 ? -2.893  19.089  5.168   1.00 33.50 ? 40  TYR B C   1 
ATOM   664  O O   . TYR B 1 42 ? -4.049  19.246  4.763   1.00 34.33 ? 40  TYR B O   1 
ATOM   665  C CB  . TYR B 1 42 ? -2.232  20.866  6.816   1.00 37.03 ? 40  TYR B CB  1 
ATOM   666  C CG  . TYR B 1 42 ? -1.155  21.847  7.211   1.00 31.69 ? 40  TYR B CG  1 
ATOM   667  C CD1 . TYR B 1 42 ? 0.075   21.403  7.677   1.00 38.94 ? 40  TYR B CD1 1 
ATOM   668  C CD2 . TYR B 1 42 ? -1.359  23.215  7.094   1.00 47.63 ? 40  TYR B CD2 1 
ATOM   669  C CE1 . TYR B 1 42 ? 1.067   22.292  8.026   1.00 47.21 ? 40  TYR B CE1 1 
ATOM   670  C CE2 . TYR B 1 42 ? -0.370  24.116  7.441   1.00 47.46 ? 40  TYR B CE2 1 
ATOM   671  C CZ  . TYR B 1 42 ? 0.840   23.649  7.908   1.00 48.18 ? 40  TYR B CZ  1 
ATOM   672  O OH  . TYR B 1 42 ? 1.830   24.539  8.258   1.00 57.28 ? 40  TYR B OH  1 
ATOM   673  N N   . VAL B 1 43 ? -2.348  17.892  5.376   1.00 27.45 ? 41  VAL B N   1 
ATOM   674  C CA  . VAL B 1 43 ? -3.112  16.670  5.213   1.00 24.91 ? 41  VAL B CA  1 
ATOM   675  C C   . VAL B 1 43 ? -2.962  15.836  6.473   1.00 20.61 ? 41  VAL B C   1 
ATOM   676  O O   . VAL B 1 43 ? -2.016  16.002  7.248   1.00 28.42 ? 41  VAL B O   1 
ATOM   677  C CB  . VAL B 1 43 ? -2.663  15.868  3.974   1.00 25.98 ? 41  VAL B CB  1 
ATOM   678  C CG1 . VAL B 1 43 ? -2.886  16.688  2.717   1.00 28.38 ? 41  VAL B CG1 1 
ATOM   679  C CG2 . VAL B 1 43 ? -1.207  15.479  4.098   1.00 24.98 ? 41  VAL B CG2 1 
ATOM   680  N N   . GLU B 1 44 ? -3.922  14.945  6.671   1.00 28.64 ? 42  GLU B N   1 
ATOM   681  C CA  . GLU B 1 44 ? -3.890  13.969  7.746   1.00 34.17 ? 42  GLU B CA  1 
ATOM   682  C C   . GLU B 1 44 ? -3.513  12.626  7.148   1.00 29.95 ? 42  GLU B C   1 
ATOM   683  O O   . GLU B 1 44 ? -4.087  12.212  6.139   1.00 27.38 ? 42  GLU B O   1 
ATOM   684  C CB  . GLU B 1 44 ? -5.241  13.865  8.448   1.00 35.68 ? 42  GLU B CB  1 
ATOM   685  C CG  . GLU B 1 44 ? -5.163  13.282  9.843   1.00 42.59 ? 42  GLU B CG  1 
ATOM   686  C CD  . GLU B 1 44 ? -6.433  13.526  10.636  1.00 51.35 ? 42  GLU B CD  1 
ATOM   687  O OE1 . GLU B 1 44 ? -7.532  13.262  10.101  1.00 54.72 ? 42  GLU B OE1 1 
ATOM   688  O OE2 . GLU B 1 44 ? -6.333  13.992  11.793  1.00 60.48 ? 42  GLU B OE2 1 
ATOM   689  N N   . VAL B 1 45 ? -2.557  11.950  7.773   1.00 24.47 ? 43  VAL B N   1 
ATOM   690  C CA  . VAL B 1 45 ? -2.063  10.659  7.312   1.00 22.28 ? 43  VAL B CA  1 
ATOM   691  C C   . VAL B 1 45 ? -2.352  9.638   8.402   1.00 28.51 ? 43  VAL B C   1 
ATOM   692  O O   . VAL B 1 45 ? -2.114  9.914   9.583   1.00 28.49 ? 43  VAL B O   1 
ATOM   693  C CB  . VAL B 1 45 ? -0.554  10.721  7.007   1.00 21.05 ? 43  VAL B CB  1 
ATOM   694  C CG1 . VAL B 1 45 ? -0.064  9.399   6.415   1.00 22.02 ? 43  VAL B CG1 1 
ATOM   695  C CG2 . VAL B 1 45 ? -0.243  11.897  6.088   1.00 20.24 ? 43  VAL B CG2 1 
ATOM   696  N N   . LYS B 1 46 ? -2.885  8.476   8.012   1.00 24.55 ? 44  LYS B N   1 
ATOM   697  C CA  . LYS B 1 46 ? -3.119  7.378   8.940   1.00 29.79 ? 44  LYS B CA  1 
ATOM   698  C C   . LYS B 1 46 ? -2.744  6.058   8.285   1.00 25.10 ? 44  LYS B C   1 
ATOM   699  O O   . LYS B 1 46 ? -2.869  5.892   7.071   1.00 26.72 ? 44  LYS B O   1 
ATOM   700  C CB  . LYS B 1 46 ? -4.579  7.285   9.408   1.00 34.52 ? 44  LYS B CB  1 
ATOM   701  C CG  . LYS B 1 46 ? -5.388  8.569   9.399   1.00 40.33 ? 44  LYS B CG  1 
ATOM   702  C CD  . LYS B 1 46 ? -6.769  8.278   9.975   1.00 54.44 ? 44  LYS B CD  1 
ATOM   703  C CE  . LYS B 1 46 ? -7.736  9.439   9.822   1.00 58.71 ? 44  LYS B CE  1 
ATOM   704  N NZ  . LYS B 1 46 ? -7.317  10.642  10.592  1.00 55.94 ? 44  LYS B NZ  1 
ATOM   705  N N   . LYS B 1 47 ? -2.289  5.121   9.109   1.00 26.09 ? 45  LYS B N   1 
ATOM   706  C CA  . LYS B 1 47 ? -1.926  3.787   8.650   1.00 23.62 ? 45  LYS B CA  1 
ATOM   707  C C   . LYS B 1 47 ? -3.153  3.057   8.117   1.00 30.10 ? 45  LYS B C   1 
ATOM   708  O O   . LYS B 1 47 ? -4.255  3.203   8.652   1.00 32.50 ? 45  LYS B O   1 
ATOM   709  C CB  . LYS B 1 47 ? -1.299  3.016   9.823   1.00 25.94 ? 45  LYS B CB  1 
ATOM   710  C CG  . LYS B 1 47 ? -1.020  1.549   9.582   1.00 34.98 ? 45  LYS B CG  1 
ATOM   711  C CD  . LYS B 1 47 ? -0.007  1.043   10.603  1.00 40.28 ? 45  LYS B CD  1 
ATOM   712  C CE  . LYS B 1 47 ? -0.524  -0.095  11.457  1.00 43.51 ? 45  LYS B CE  1 
ATOM   713  N NZ  . LYS B 1 47 ? 0.597   -0.664  12.265  1.00 47.90 ? 45  LYS B NZ  1 
ATOM   714  N N   . VAL B 1 48 ? -2.948  2.263   7.074   1.00 27.51 ? 46  VAL B N   1 
ATOM   715  C CA  . VAL B 1 48 ? -4.001  1.442   6.520   1.00 29.88 ? 46  VAL B CA  1 
ATOM   716  C C   . VAL B 1 48 ? -4.042  0.194   7.384   1.00 43.22 ? 46  VAL B C   1 
ATOM   717  O O   . VAL B 1 48 ? -5.103  -0.317  7.718   1.00 46.11 ? 46  VAL B O   1 
ATOM   718  C CB  . VAL B 1 48 ? -3.694  1.019   5.076   1.00 35.38 ? 46  VAL B CB  1 
ATOM   719  C CG1 . VAL B 1 48 ? -4.363  -0.306  4.753   1.00 35.76 ? 46  VAL B CG1 1 
ATOM   720  C CG2 . VAL B 1 48 ? -4.121  2.102   4.105   1.00 28.74 ? 46  VAL B CG2 1 
ATOM   721  O OXT . VAL B 1 48 ? -2.998  -0.323  7.775   1.00 38.15 ? 46  VAL B OXT 1 
ATOM   722  N N   . SER C 1 7  ? -8.788  -4.944  6.380   1.00 35.02 ? 5   SER C N   1 
ATOM   723  C CA  . SER C 1 7  ? -8.245  -4.873  5.027   1.00 32.47 ? 5   SER C CA  1 
ATOM   724  C C   . SER C 1 7  ? -6.734  -4.757  5.040   1.00 31.26 ? 5   SER C C   1 
ATOM   725  O O   . SER C 1 7  ? -6.151  -4.218  5.976   1.00 34.90 ? 5   SER C O   1 
ATOM   726  C CB  . SER C 1 7  ? -8.821  -3.679  4.266   1.00 34.27 ? 5   SER C CB  1 
ATOM   727  O OG  . SER C 1 7  ? -10.199 -3.846  3.990   1.00 47.63 ? 5   SER C OG  1 
ATOM   728  N N   . VAL C 1 8  ? -6.096  -5.251  3.986   1.00 24.44 ? 6   VAL C N   1 
ATOM   729  C CA  . VAL C 1 8  ? -4.674  -5.014  3.767   1.00 22.79 ? 6   VAL C CA  1 
ATOM   730  C C   . VAL C 1 8  ? -4.520  -4.483  2.355   1.00 23.13 ? 6   VAL C C   1 
ATOM   731  O O   . VAL C 1 8  ? -5.319  -4.793  1.463   1.00 24.06 ? 6   VAL C O   1 
ATOM   732  C CB  . VAL C 1 8  ? -3.812  -6.279  3.965   1.00 24.10 ? 6   VAL C CB  1 
ATOM   733  C CG1 . VAL C 1 8  ? -3.979  -6.833  5.368   1.00 30.73 ? 6   VAL C CG1 1 
ATOM   734  C CG2 . VAL C 1 8  ? -4.163  -7.327  2.946   1.00 27.19 ? 6   VAL C CG2 1 
ATOM   735  N N   . VAL C 1 9  ? -3.500  -3.657  2.155   1.00 18.91 ? 7   VAL C N   1 
ATOM   736  C CA  . VAL C 1 9  ? -3.122  -3.179  0.833   1.00 20.68 ? 7   VAL C CA  1 
ATOM   737  C C   . VAL C 1 9  ? -1.780  -3.795  0.470   1.00 17.99 ? 7   VAL C C   1 
ATOM   738  O O   . VAL C 1 9  ? -0.889  -3.933  1.321   1.00 20.41 ? 7   VAL C O   1 
ATOM   739  C CB  . VAL C 1 9  ? -3.060  -1.640  0.772   1.00 20.45 ? 7   VAL C CB  1 
ATOM   740  C CG1 . VAL C 1 9  ? -2.652  -1.166  -0.630  1.00 19.59 ? 7   VAL C CG1 1 
ATOM   741  C CG2 . VAL C 1 9  ? -4.399  -1.053  1.160   1.00 23.86 ? 7   VAL C CG2 1 
ATOM   742  N N   . ALA C 1 10 ? -1.648  -4.187  -0.795  1.00 19.51 ? 8   ALA C N   1 
ATOM   743  C CA  . ALA C 1 10 ? -0.429  -4.808  -1.280  1.00 19.00 ? 8   ALA C CA  1 
ATOM   744  C C   . ALA C 1 10 ? -0.278  -4.483  -2.758  1.00 18.58 ? 8   ALA C C   1 
ATOM   745  O O   . ALA C 1 10 ? -1.214  -4.008  -3.404  1.00 21.97 ? 8   ALA C O   1 
ATOM   746  C CB  . ALA C 1 10 ? -0.444  -6.320  -1.032  1.00 23.88 ? 8   ALA C CB  1 
ATOM   747  N N   . ARG C 1 11 ? 0.929   -4.700  -3.275  1.00 19.89 ? 9   ARG C N   1 
ATOM   748  C CA  . ARG C 1 11 ? 1.180   -4.514  -4.695  1.00 19.15 ? 9   ARG C CA  1 
ATOM   749  C C   . ARG C 1 11 ? 0.902   -5.808  -5.448  1.00 17.70 ? 9   ARG C C   1 
ATOM   750  O O   . ARG C 1 11 ? 1.219   -6.906  -4.977  1.00 17.39 ? 9   ARG C O   1 
ATOM   751  C CB  . ARG C 1 11 ? 2.622   -4.059  -4.958  1.00 20.51 ? 9   ARG C CB  1 
ATOM   752  C CG  . ARG C 1 11 ? 2.751   -2.546  -5.113  1.00 33.54 ? 9   ARG C CG  1 
ATOM   753  C CD  . ARG C 1 11 ? 4.182   -2.131  -5.411  1.00 32.88 ? 9   ARG C CD  1 
ATOM   754  N NE  . ARG C 1 11 ? 5.099   -2.582  -4.372  1.00 37.44 ? 9   ARG C NE  1 
ATOM   755  C CZ  . ARG C 1 11 ? 6.379   -2.225  -4.299  1.00 45.78 ? 9   ARG C CZ  1 
ATOM   756  N NH1 . ARG C 1 11 ? 6.895   -1.410  -5.210  1.00 48.47 ? 9   ARG C NH1 1 
ATOM   757  N NH2 . ARG C 1 11 ? 7.143   -2.680  -3.315  1.00 57.34 ? 9   ARG C NH2 1 
ATOM   758  N N   . VAL C 1 12 ? 0.318   -5.654  -6.632  1.00 17.41 ? 10  VAL C N   1 
ATOM   759  C CA  . VAL C 1 12 ? 0.053   -6.776  -7.530  1.00 21.12 ? 10  VAL C CA  1 
ATOM   760  C C   . VAL C 1 12 ? 1.361   -7.268  -8.127  1.00 23.08 ? 10  VAL C C   1 
ATOM   761  O O   . VAL C 1 12 ? 2.143   -6.475  -8.664  1.00 20.93 ? 10  VAL C O   1 
ATOM   762  C CB  . VAL C 1 12 ? -0.913  -6.330  -8.636  1.00 19.73 ? 10  VAL C CB  1 
ATOM   763  C CG1 . VAL C 1 12 ? -1.065  -7.403  -9.712  1.00 20.26 ? 10  VAL C CG1 1 
ATOM   764  C CG2 . VAL C 1 12 ? -2.238  -5.975  -8.044  1.00 21.73 ? 10  VAL C CG2 1 
ATOM   765  N N   . ALA C 1 13 ? 1.592   -8.581  -8.057  1.00 16.34 ? 11  ALA C N   1 
ATOM   766  C CA  . ALA C 1 13 ? 2.695   -9.238  -8.742  1.00 18.59 ? 11  ALA C CA  1 
ATOM   767  C C   . ALA C 1 13 ? 2.152   -10.409 -9.560  1.00 16.72 ? 11  ALA C C   1 
ATOM   768  O O   . ALA C 1 13 ? 1.044   -10.898 -9.314  1.00 15.47 ? 11  ALA C O   1 
ATOM   769  C CB  . ALA C 1 13 ? 3.760   -9.717  -7.744  1.00 21.84 ? 11  ALA C CB  1 
ATOM   770  N N   . GLU C 1 14 ? 2.958   -10.864 -10.522 1.00 18.49 ? 12  GLU C N   1 
ATOM   771  C CA  . GLU C 1 14 ? 2.573   -11.964 -11.400 1.00 18.33 ? 12  GLU C CA  1 
ATOM   772  C C   . GLU C 1 14 ? 2.479   -13.283 -10.645 1.00 17.63 ? 12  GLU C C   1 
ATOM   773  O O   . GLU C 1 14 ? 3.098   -13.491 -9.607  1.00 18.65 ? 12  GLU C O   1 
ATOM   774  C CB  . GLU C 1 14 ? 3.582   -12.121 -12.540 1.00 21.68 ? 12  GLU C CB  1 
ATOM   775  C CG  . GLU C 1 14 ? 3.498   -11.044 -13.577 1.00 26.15 ? 12  GLU C CG  1 
ATOM   776  C CD  . GLU C 1 14 ? 4.663   -11.108 -14.544 1.00 28.87 ? 12  GLU C CD  1 
ATOM   777  O OE1 . GLU C 1 14 ? 5.715   -10.528 -14.242 1.00 31.95 ? 12  GLU C OE1 1 
ATOM   778  O OE2 . GLU C 1 14 ? 4.530   -11.738 -15.609 1.00 30.12 ? 12  GLU C OE2 1 
ATOM   779  N N   . ALA C 1 15 ? 1.705   -14.217 -11.205 1.00 15.26 ? 13  ALA C N   1 
ATOM   780  C CA  . ALA C 1 15 ? 1.652   -15.559 -10.646 1.00 12.42 ? 13  ALA C CA  1 
ATOM   781  C C   . ALA C 1 15 ? 2.736   -16.415 -11.287 1.00 12.02 ? 13  ALA C C   1 
ATOM   782  O O   . ALA C 1 15 ? 3.136   -16.181 -12.427 1.00 20.15 ? 13  ALA C O   1 
ATOM   783  C CB  . ALA C 1 15 ? 0.276   -16.191 -10.910 1.00 18.47 ? 13  ALA C CB  1 
ATOM   784  N N   . TYR C 1 16 ? 3.193   -17.412 -10.558 1.00 16.60 ? 14  TYR C N   1 
ATOM   785  C CA  . TYR C 1 16 ? 4.055   -18.399 -11.176 1.00 19.43 ? 14  TYR C CA  1 
ATOM   786  C C   . TYR C 1 16 ? 3.241   -19.205 -12.193 1.00 21.26 ? 14  TYR C C   1 
ATOM   787  O O   . TYR C 1 16 ? 2.021   -19.318 -12.064 1.00 21.87 ? 14  TYR C O   1 
ATOM   788  C CB  . TYR C 1 16 ? 4.663   -19.308 -10.120 1.00 18.72 ? 14  TYR C CB  1 
ATOM   789  C CG  . TYR C 1 16 ? 5.669   -18.583 -9.245  1.00 22.43 ? 14  TYR C CG  1 
ATOM   790  C CD1 . TYR C 1 16 ? 7.005   -18.556 -9.583  1.00 28.59 ? 14  TYR C CD1 1 
ATOM   791  C CD2 . TYR C 1 16 ? 5.264   -17.903 -8.111  1.00 22.29 ? 14  TYR C CD2 1 
ATOM   792  C CE1 . TYR C 1 16 ? 7.934   -17.880 -8.787  1.00 29.22 ? 14  TYR C CE1 1 
ATOM   793  C CE2 . TYR C 1 16 ? 6.183   -17.229 -7.305  1.00 24.52 ? 14  TYR C CE2 1 
ATOM   794  C CZ  . TYR C 1 16 ? 7.507   -17.220 -7.655  1.00 32.44 ? 14  TYR C CZ  1 
ATOM   795  O OH  . TYR C 1 16 ? 8.407   -16.547 -6.850  1.00 32.92 ? 14  TYR C OH  1 
ATOM   796  N N   . PRO C 1 17 ? 3.885   -19.715 -13.246 1.00 23.45 ? 15  PRO C N   1 
ATOM   797  C CA  . PRO C 1 17 ? 3.109   -20.403 -14.298 1.00 25.97 ? 15  PRO C CA  1 
ATOM   798  C C   . PRO C 1 17 ? 2.288   -21.570 -13.780 1.00 24.10 ? 15  PRO C C   1 
ATOM   799  O O   . PRO C 1 17 ? 1.160   -21.782 -14.255 1.00 25.81 ? 15  PRO C O   1 
ATOM   800  C CB  . PRO C 1 17 ? 4.190   -20.858 -15.294 1.00 27.08 ? 15  PRO C CB  1 
ATOM   801  C CG  . PRO C 1 17 ? 5.482   -20.803 -14.533 1.00 34.55 ? 15  PRO C CG  1 
ATOM   802  C CD  . PRO C 1 17 ? 5.329   -19.694 -13.541 1.00 30.67 ? 15  PRO C CD  1 
ATOM   803  N N   . GLU C 1 18 ? 2.817   -22.329 -12.821 1.00 23.65 ? 16  GLU C N   1 
ATOM   804  C CA  . GLU C 1 18 ? 2.121   -23.482 -12.256 1.00 24.53 ? 16  GLU C CA  1 
ATOM   805  C C   . GLU C 1 18 ? 0.890   -23.100 -11.448 1.00 26.83 ? 16  GLU C C   1 
ATOM   806  O O   . GLU C 1 18 ? 0.120   -23.988 -11.072 1.00 25.99 ? 16  GLU C O   1 
ATOM   807  C CB  . GLU C 1 18 ? 3.073   -24.292 -11.373 1.00 25.37 ? 16  GLU C CB  1 
ATOM   808  C CG  . GLU C 1 18 ? 3.693   -23.482 -10.232 1.00 24.19 ? 16  GLU C CG  1 
ATOM   809  C CD  . GLU C 1 18 ? 5.100   -22.994 -10.535 1.00 31.48 ? 16  GLU C CD  1 
ATOM   810  O OE1 . GLU C 1 18 ? 5.389   -22.622 -11.693 1.00 32.67 ? 16  GLU C OE1 1 
ATOM   811  O OE2 . GLU C 1 18 ? 5.922   -22.981 -9.590  1.00 42.82 ? 16  GLU C OE2 1 
ATOM   812  N N   . ASP C 1 19 ? 0.691   -21.816 -11.158 1.00 20.88 ? 17  ASP C N   1 
ATOM   813  C CA  . ASP C 1 19 ? -0.503  -21.363 -10.462 1.00 21.33 ? 17  ASP C CA  1 
ATOM   814  C C   . ASP C 1 19 ? -1.537  -20.710 -11.371 1.00 20.85 ? 17  ASP C C   1 
ATOM   815  O O   . ASP C 1 19 ? -2.634  -20.399 -10.895 1.00 19.88 ? 17  ASP C O   1 
ATOM   816  C CB  . ASP C 1 19 ? -0.107  -20.385 -9.364  1.00 24.07 ? 17  ASP C CB  1 
ATOM   817  C CG  . ASP C 1 19 ? 0.792   -21.026 -8.336  1.00 23.08 ? 17  ASP C CG  1 
ATOM   818  O OD1 . ASP C 1 19 ? 0.537   -22.204 -7.987  1.00 25.42 ? 17  ASP C OD1 1 
ATOM   819  O OD2 . ASP C 1 19 ? 1.751   -20.360 -7.872  1.00 23.63 ? 17  ASP C OD2 1 
ATOM   820  N N   . VAL C 1 20 ? -1.219  -20.486 -12.646 1.00 21.31 ? 18  VAL C N   1 
ATOM   821  C CA  . VAL C 1 20 ? -2.164  -19.825 -13.535 1.00 18.73 ? 18  VAL C CA  1 
ATOM   822  C C   . VAL C 1 20 ? -3.411  -20.689 -13.665 1.00 22.47 ? 18  VAL C C   1 
ATOM   823  O O   . VAL C 1 20 ? -3.326  -21.905 -13.881 1.00 21.24 ? 18  VAL C O   1 
ATOM   824  C CB  . VAL C 1 20 ? -1.526  -19.545 -14.903 1.00 17.53 ? 18  VAL C CB  1 
ATOM   825  C CG1 . VAL C 1 20 ? -2.554  -18.871 -15.823 1.00 21.91 ? 18  VAL C CG1 1 
ATOM   826  C CG2 . VAL C 1 20 ? -0.260  -18.657 -14.743 1.00 21.49 ? 18  VAL C CG2 1 
ATOM   827  N N   . GLY C 1 21 ? -4.571  -20.064 -13.482 1.00 19.66 ? 19  GLY C N   1 
ATOM   828  C CA  . GLY C 1 21 ? -5.852  -20.727 -13.654 1.00 19.50 ? 19  GLY C CA  1 
ATOM   829  C C   . GLY C 1 21 ? -6.482  -21.247 -12.377 1.00 23.43 ? 19  GLY C C   1 
ATOM   830  O O   . GLY C 1 21 ? -7.659  -21.626 -12.395 1.00 26.27 ? 19  GLY C O   1 
ATOM   831  N N   . LYS C 1 22 ? -5.740  -21.270 -11.268 1.00 22.67 ? 20  LYS C N   1 
ATOM   832  C CA  . LYS C 1 22 ? -6.192  -21.864 -10.013 1.00 22.28 ? 20  LYS C CA  1 
ATOM   833  C C   . LYS C 1 22 ? -7.111  -20.970 -9.188  1.00 25.80 ? 20  LYS C C   1 
ATOM   834  O O   . LYS C 1 22 ? -7.619  -21.426 -8.157  1.00 29.33 ? 20  LYS C O   1 
ATOM   835  C CB  . LYS C 1 22 ? -4.972  -22.223 -9.163  1.00 21.03 ? 20  LYS C CB  1 
ATOM   836  C CG  . LYS C 1 22 ? -4.136  -23.365 -9.685  1.00 22.67 ? 20  LYS C CG  1 
ATOM   837  C CD  . LYS C 1 22 ? -2.912  -23.542 -8.793  1.00 22.78 ? 20  LYS C CD  1 
ATOM   838  C CE  . LYS C 1 22 ? -2.147  -24.838 -9.080  1.00 27.39 ? 20  LYS C CE  1 
ATOM   839  N NZ  . LYS C 1 22 ? -0.852  -24.872 -8.294  1.00 28.10 ? 20  LYS C NZ  1 
ATOM   840  N N   . ARG C 1 23 ? -7.314  -19.718 -9.585  1.00 23.52 ? 21  ARG C N   1 
ATOM   841  C CA  . ARG C 1 23 ? -8.080  -18.751 -8.797  1.00 23.11 ? 21  ARG C CA  1 
ATOM   842  C C   . ARG C 1 23 ? -7.575  -18.686 -7.352  1.00 19.69 ? 21  ARG C C   1 
ATOM   843  O O   . ARG C 1 23 ? -8.335  -18.737 -6.385  1.00 20.00 ? 21  ARG C O   1 
ATOM   844  C CB  . ARG C 1 23 ? -9.582  -19.055 -8.854  1.00 28.74 ? 21  ARG C CB  1 
ATOM   845  C CG  . ARG C 1 23 ? -10.267 -18.454 -10.081 1.00 39.91 ? 21  ARG C CG  1 
ATOM   846  C CD  . ARG C 1 23 ? -11.774 -18.291 -9.878  1.00 41.88 ? 21  ARG C CD  1 
ATOM   847  N NE  . ARG C 1 23 ? -12.461 -19.576 -9.782  1.00 58.15 ? 21  ARG C NE  1 
ATOM   848  C CZ  . ARG C 1 23 ? -13.252 -20.078 -10.726 1.00 45.55 ? 21  ARG C CZ  1 
ATOM   849  N NH1 . ARG C 1 23 ? -13.827 -21.260 -10.546 1.00 51.81 ? 21  ARG C NH1 1 
ATOM   850  N NH2 . ARG C 1 23 ? -13.472 -19.400 -11.846 1.00 49.82 ? 21  ARG C NH2 1 
ATOM   851  N N   . ILE C 1 24 ? -6.256  -18.576 -7.201  1.00 18.37 ? 22  ILE C N   1 
ATOM   852  C CA  . ILE C 1 24 ? -5.651  -18.358 -5.899  1.00 18.45 ? 22  ILE C CA  1 
ATOM   853  C C   . ILE C 1 24 ? -4.972  -16.999 -5.903  1.00 16.14 ? 22  ILE C C   1 
ATOM   854  O O   . ILE C 1 24 ? -4.817  -16.360 -6.939  1.00 17.54 ? 22  ILE C O   1 
ATOM   855  C CB  . ILE C 1 24 ? -4.634  -19.449 -5.522  1.00 19.18 ? 22  ILE C CB  1 
ATOM   856  C CG1 . ILE C 1 24 ? -3.519  -19.502 -6.567  1.00 19.08 ? 22  ILE C CG1 1 
ATOM   857  C CG2 . ILE C 1 24 ? -5.323  -20.787 -5.338  1.00 22.64 ? 22  ILE C CG2 1 
ATOM   858  C CD1 . ILE C 1 24 ? -2.320  -20.319 -6.118  1.00 24.59 ? 22  ILE C CD1 1 
ATOM   859  N N   . VAL C 1 25 ? -4.570  -16.567 -4.718  1.00 18.69 ? 23  VAL C N   1 
ATOM   860  C CA  . VAL C 1 25 ? -3.637  -15.459 -4.559  1.00 17.10 ? 23  VAL C CA  1 
ATOM   861  C C   . VAL C 1 25 ? -2.613  -15.890 -3.526  1.00 21.34 ? 23  VAL C C   1 
ATOM   862  O O   . VAL C 1 25 ? -2.974  -16.452 -2.486  1.00 19.84 ? 23  VAL C O   1 
ATOM   863  C CB  . VAL C 1 25 ? -4.334  -14.148 -4.135  1.00 20.15 ? 23  VAL C CB  1 
ATOM   864  C CG1 . VAL C 1 25 ? -5.112  -13.565 -5.310  1.00 25.68 ? 23  VAL C CG1 1 
ATOM   865  C CG2 . VAL C 1 25 ? -5.220  -14.344 -2.894  1.00 22.29 ? 23  VAL C CG2 1 
ATOM   866  N N   . ARG C 1 26 ? -1.340  -15.642 -3.812  1.00 18.74 ? 24  ARG C N   1 
ATOM   867  C CA  . ARG C 1 26 ? -0.279  -15.994 -2.876  1.00 17.29 ? 24  ARG C CA  1 
ATOM   868  C C   . ARG C 1 26 ? 0.093   -14.777 -2.040  1.00 22.64 ? 24  ARG C C   1 
ATOM   869  O O   . ARG C 1 26 ? 0.465   -13.735 -2.586  1.00 19.36 ? 24  ARG C O   1 
ATOM   870  C CB  . ARG C 1 26 ? 0.949   -16.534 -3.605  1.00 18.59 ? 24  ARG C CB  1 
ATOM   871  C CG  . ARG C 1 26 ? 0.685   -17.827 -4.343  1.00 21.70 ? 24  ARG C CG  1 
ATOM   872  C CD  . ARG C 1 26 ? 1.960   -18.638 -4.558  1.00 19.68 ? 24  ARG C CD  1 
ATOM   873  N NE  . ARG C 1 26 ? 1.664   -19.937 -5.154  1.00 25.59 ? 24  ARG C NE  1 
ATOM   874  C CZ  . ARG C 1 26 ? 1.360   -21.033 -4.462  1.00 26.02 ? 24  ARG C CZ  1 
ATOM   875  N NH1 . ARG C 1 26 ? 1.318   -21.004 -3.130  1.00 26.67 ? 24  ARG C NH1 1 
ATOM   876  N NH2 . ARG C 1 26 ? 1.102   -22.163 -5.104  1.00 29.99 ? 24  ARG C NH2 1 
ATOM   877  N N   . MET C 1 27 ? -0.045  -14.905 -0.719  1.00 17.91 ? 25  MET C N   1 
ATOM   878  C CA  A MET C 1 27 ? 0.355   -13.868 0.225   0.57 21.42 ? 25  MET C CA  1 
ATOM   879  C CA  B MET C 1 27 ? 0.394   -13.869 0.202   0.43 21.43 ? 25  MET C CA  1 
ATOM   880  C C   . MET C 1 27 ? 1.087   -14.529 1.384   1.00 21.71 ? 25  MET C C   1 
ATOM   881  O O   . MET C 1 27 ? 0.754   -15.647 1.773   1.00 22.53 ? 25  MET C O   1 
ATOM   882  C CB  A MET C 1 27 ? -0.852  -13.091 0.747   0.57 22.49 ? 25  MET C CB  1 
ATOM   883  C CB  B MET C 1 27 ? -0.769  -12.999 0.683   0.43 22.51 ? 25  MET C CB  1 
ATOM   884  C CG  A MET C 1 27 ? -1.826  -12.685 -0.340  0.57 25.77 ? 25  MET C CG  1 
ATOM   885  C CG  B MET C 1 27 ? -1.775  -13.726 1.547   0.43 25.38 ? 25  MET C CG  1 
ATOM   886  S SD  A MET C 1 27 ? -3.289  -11.833 0.267   0.57 29.33 ? 25  MET C SD  1 
ATOM   887  S SD  B MET C 1 27 ? -3.170  -12.677 1.993   0.43 33.24 ? 25  MET C SD  1 
ATOM   888  C CE  A MET C 1 27 ? -4.084  -13.159 1.162   0.57 22.73 ? 25  MET C CE  1 
ATOM   889  C CE  B MET C 1 27 ? -4.074  -12.648 0.451   0.43 24.26 ? 25  MET C CE  1 
ATOM   890  N N   . ASP C 1 28 ? 2.067   -13.820 1.949   1.00 22.26 ? 26  ASP C N   1 
ATOM   891  C CA  . ASP C 1 28 ? 2.919   -14.435 2.958   1.00 25.25 ? 26  ASP C CA  1 
ATOM   892  C C   . ASP C 1 28 ? 2.283   -14.346 4.346   1.00 27.07 ? 26  ASP C C   1 
ATOM   893  O O   . ASP C 1 28 ? 1.186   -13.817 4.532   1.00 25.50 ? 26  ASP C O   1 
ATOM   894  C CB  . ASP C 1 28 ? 4.323   -13.824 2.921   1.00 27.18 ? 26  ASP C CB  1 
ATOM   895  C CG  . ASP C 1 28 ? 4.413   -12.438 3.559   1.00 28.39 ? 26  ASP C CG  1 
ATOM   896  O OD1 . ASP C 1 28 ? 3.437   -11.893 4.115   1.00 25.38 ? 26  ASP C OD1 1 
ATOM   897  O OD2 . ASP C 1 28 ? 5.523   -11.870 3.496   1.00 35.86 ? 26  ASP C OD2 1 
ATOM   898  N N   . LYS C 1 29 ? 3.000   -14.874 5.339   1.00 24.01 ? 27  LYS C N   1 
ATOM   899  C CA  . LYS C 1 29 ? 2.437   -15.006 6.677   1.00 23.14 ? 27  LYS C CA  1 
ATOM   900  C C   . LYS C 1 29 ? 2.142   -13.652 7.309   1.00 21.30 ? 27  LYS C C   1 
ATOM   901  O O   . LYS C 1 29 ? 1.209   -13.538 8.112   1.00 26.40 ? 27  LYS C O   1 
ATOM   902  C CB  . LYS C 1 29 ? 3.394   -15.805 7.560   1.00 28.76 ? 27  LYS C CB  1 
ATOM   903  C CG  . LYS C 1 29 ? 4.768   -15.169 7.682   1.00 30.54 ? 27  LYS C CG  1 
ATOM   904  C CD  . LYS C 1 29 ? 5.618   -15.898 8.703   1.00 36.30 ? 27  LYS C CD  1 
ATOM   905  C CE  . LYS C 1 29 ? 6.939   -15.197 8.892   1.00 34.53 ? 27  LYS C CE  1 
ATOM   906  N NZ  . LYS C 1 29 ? 7.751   -15.903 9.910   1.00 41.05 ? 27  LYS C NZ  1 
ATOM   907  N N   . TYR C 1 30 ? 2.933   -12.625 6.990   1.00 25.34 ? 28  TYR C N   1 
ATOM   908  C CA  . TYR C 1 30 ? 2.690   -11.312 7.581   1.00 25.21 ? 28  TYR C CA  1 
ATOM   909  C C   . TYR C 1 30 ? 1.401   -10.704 7.044   1.00 29.91 ? 28  TYR C C   1 
ATOM   910  O O   . TYR C 1 30 ? 0.614   -10.122 7.802   1.00 27.38 ? 28  TYR C O   1 
ATOM   911  C CB  . TYR C 1 30 ? 3.874   -10.377 7.315   1.00 26.80 ? 28  TYR C CB  1 
ATOM   912  C CG  . TYR C 1 30 ? 5.186   -10.867 7.878   1.00 27.97 ? 28  TYR C CG  1 
ATOM   913  C CD1 . TYR C 1 30 ? 5.435   -10.817 9.239   1.00 33.93 ? 28  TYR C CD1 1 
ATOM   914  C CD2 . TYR C 1 30 ? 6.180   -11.382 7.043   1.00 22.16 ? 28  TYR C CD2 1 
ATOM   915  C CE1 . TYR C 1 30 ? 6.639   -11.261 9.763   1.00 33.24 ? 28  TYR C CE1 1 
ATOM   916  C CE2 . TYR C 1 30 ? 7.386   -11.829 7.555   1.00 30.92 ? 28  TYR C CE2 1 
ATOM   917  C CZ  . TYR C 1 30 ? 7.605   -11.769 8.914   1.00 32.33 ? 28  TYR C CZ  1 
ATOM   918  O OH  . TYR C 1 30 ? 8.803   -12.222 9.428   1.00 30.73 ? 28  TYR C OH  1 
ATOM   919  N N   . GLU C 1 31 ? 1.172   -10.831 5.738   1.00 24.40 ? 29  GLU C N   1 
ATOM   920  C CA  . GLU C 1 31 ? -0.064  -10.331 5.149   1.00 26.09 ? 29  GLU C CA  1 
ATOM   921  C C   . GLU C 1 31 ? -1.273  -11.067 5.712   1.00 26.20 ? 29  GLU C C   1 
ATOM   922  O O   . GLU C 1 31 ? -2.262  -10.443 6.110   1.00 24.89 ? 29  GLU C O   1 
ATOM   923  C CB  . GLU C 1 31 ? -0.024  -10.475 3.627   1.00 22.17 ? 29  GLU C CB  1 
ATOM   924  C CG  . GLU C 1 31 ? 1.082   -9.686  2.936   1.00 30.76 ? 29  GLU C CG  1 
ATOM   925  C CD  . GLU C 1 31 ? 0.857   -8.192  2.986   1.00 35.50 ? 29  GLU C CD  1 
ATOM   926  O OE1 . GLU C 1 31 ? -0.228  -7.764  3.428   1.00 43.31 ? 29  GLU C OE1 1 
ATOM   927  O OE2 . GLU C 1 31 ? 1.767   -7.443  2.575   1.00 41.81 ? 29  GLU C OE2 1 
ATOM   928  N N   . ARG C 1 32 ? -1.210  -12.400 5.747   1.00 24.52 ? 30  ARG C N   1 
ATOM   929  C CA  . ARG C 1 32 ? -2.331  -13.180 6.268   1.00 25.97 ? 30  ARG C CA  1 
ATOM   930  C C   . ARG C 1 32 ? -2.651  -12.802 7.710   1.00 30.02 ? 30  ARG C C   1 
ATOM   931  O O   . ARG C 1 32 ? -3.824  -12.672 8.079   1.00 26.44 ? 30  ARG C O   1 
ATOM   932  C CB  . ARG C 1 32 ? -2.026  -14.673 6.181   1.00 25.46 ? 30  ARG C CB  1 
ATOM   933  C CG  . ARG C 1 32 ? -1.899  -15.204 4.775   1.00 28.87 ? 30  ARG C CG  1 
ATOM   934  C CD  . ARG C 1 32 ? -2.001  -16.715 4.749   1.00 25.70 ? 30  ARG C CD  1 
ATOM   935  N NE  . ARG C 1 32 ? -1.033  -17.361 5.637   1.00 21.77 ? 30  ARG C NE  1 
ATOM   936  C CZ  . ARG C 1 32 ? 0.214   -17.662 5.300   1.00 27.69 ? 30  ARG C CZ  1 
ATOM   937  N NH1 . ARG C 1 32 ? 0.678   -17.357 4.099   1.00 24.77 ? 30  ARG C NH1 1 
ATOM   938  N NH2 . ARG C 1 32 ? 1.006   -18.262 6.180   1.00 28.19 ? 30  ARG C NH2 1 
ATOM   939  N N   . ALA C 1 33 ? -1.622  -12.617 8.541   1.00 27.39 ? 31  ALA C N   1 
ATOM   940  C CA  . ALA C 1 33 ? -1.869  -12.296 9.945   1.00 30.15 ? 31  ALA C CA  1 
ATOM   941  C C   . ALA C 1 33 ? -2.543  -10.938 10.092  1.00 31.65 ? 31  ALA C C   1 
ATOM   942  O O   . ALA C 1 33 ? -3.421  -10.762 10.946  1.00 36.40 ? 31  ALA C O   1 
ATOM   943  C CB  . ALA C 1 33 ? -0.562  -12.344 10.731  1.00 29.66 ? 31  ALA C CB  1 
ATOM   944  N N   . LYS C 1 34 ? -2.168  -9.973  9.250   1.00 32.35 ? 32  LYS C N   1 
ATOM   945  C CA  . LYS C 1 34 ? -2.824  -8.669  9.286   1.00 32.22 ? 32  LYS C CA  1 
ATOM   946  C C   . LYS C 1 34 ? -4.293  -8.787  8.920   1.00 34.26 ? 32  LYS C C   1 
ATOM   947  O O   . LYS C 1 34 ? -5.140  -8.080  9.478   1.00 37.19 ? 32  LYS C O   1 
ATOM   948  C CB  . LYS C 1 34 ? -2.111  -7.699  8.348   1.00 37.21 ? 32  LYS C CB  1 
ATOM   949  C CG  . LYS C 1 34 ? -0.718  -7.322  8.802   1.00 39.42 ? 32  LYS C CG  1 
ATOM   950  C CD  . LYS C 1 34 ? -0.025  -6.421  7.787   1.00 47.20 ? 32  LYS C CD  1 
ATOM   951  C CE  . LYS C 1 34 ? 0.942   -5.471  8.479   1.00 59.75 ? 32  LYS C CE  1 
ATOM   952  N NZ  . LYS C 1 34 ? 0.231   -4.527  9.397   1.00 59.54 ? 32  LYS C NZ  1 
ATOM   953  N N   . LEU C 1 35 ? -4.613  -9.673  7.983   1.00 34.86 ? 33  LEU C N   1 
ATOM   954  C CA  . LEU C 1 35 ? -5.990  -9.856  7.544   1.00 33.98 ? 33  LEU C CA  1 
ATOM   955  C C   . LEU C 1 35 ? -6.777  -10.818 8.423   1.00 37.82 ? 33  LEU C C   1 
ATOM   956  O O   . LEU C 1 35 ? -8.003  -10.895 8.285   1.00 38.23 ? 33  LEU C O   1 
ATOM   957  C CB  . LEU C 1 35 ? -6.016  -10.369 6.105   1.00 31.78 ? 33  LEU C CB  1 
ATOM   958  C CG  . LEU C 1 35 ? -6.503  -9.408  5.029   1.00 36.93 ? 33  LEU C CG  1 
ATOM   959  C CD1 . LEU C 1 35 ? -6.853  -10.201 3.803   1.00 31.54 ? 33  LEU C CD1 1 
ATOM   960  C CD2 . LEU C 1 35 ? -7.696  -8.603  5.520   1.00 38.95 ? 33  LEU C CD2 1 
ATOM   961  N N   . GLY C 1 36 ? -6.112  -11.560 9.299   1.00 29.68 ? 34  GLY C N   1 
ATOM   962  C CA  . GLY C 1 36 ? -6.793  -12.580 10.071  1.00 33.41 ? 34  GLY C CA  1 
ATOM   963  C C   . GLY C 1 36 ? -7.263  -13.753 9.241   1.00 31.93 ? 34  GLY C C   1 
ATOM   964  O O   . GLY C 1 36 ? -8.317  -14.331 9.532   1.00 39.43 ? 34  GLY C O   1 
ATOM   965  N N   . VAL C 1 37 ? -6.514  -14.119 8.207   1.00 28.14 ? 35  VAL C N   1 
ATOM   966  C CA  . VAL C 1 37 ? -6.879  -15.245 7.357   1.00 29.72 ? 35  VAL C CA  1 
ATOM   967  C C   . VAL C 1 37 ? -5.840  -16.345 7.515   1.00 29.13 ? 35  VAL C C   1 
ATOM   968  O O   . VAL C 1 37 ? -4.696  -16.117 7.919   1.00 31.20 ? 35  VAL C O   1 
ATOM   969  C CB  . VAL C 1 37 ? -7.021  -14.856 5.867   1.00 33.21 ? 35  VAL C CB  1 
ATOM   970  C CG1 . VAL C 1 37 ? -8.222  -13.954 5.662   1.00 31.03 ? 35  VAL C CG1 1 
ATOM   971  C CG2 . VAL C 1 37 ? -5.737  -14.183 5.364   1.00 32.07 ? 35  VAL C CG2 1 
ATOM   972  N N   . SER C 1 38 ? -6.261  -17.559 7.190   1.00 29.32 ? 36  SER C N   1 
ATOM   973  C CA  . SER C 1 38 ? -5.380  -18.709 7.113   1.00 32.72 ? 36  SER C CA  1 
ATOM   974  C C   . SER C 1 38 ? -5.335  -19.197 5.674   1.00 28.16 ? 36  SER C C   1 
ATOM   975  O O   . SER C 1 38 ? -6.190  -18.855 4.852   1.00 28.64 ? 36  SER C O   1 
ATOM   976  C CB  . SER C 1 38 ? -5.851  -19.840 8.039   1.00 33.67 ? 36  SER C CB  1 
ATOM   977  O OG  . SER C 1 38 ? -5.970  -19.393 9.380   1.00 44.87 ? 36  SER C OG  1 
ATOM   978  N N   . VAL C 1 39 ? -4.314  -20.002 5.377   1.00 27.62 ? 37  VAL C N   1 
ATOM   979  C CA  . VAL C 1 39 ? -4.244  -20.644 4.075   1.00 25.57 ? 37  VAL C CA  1 
ATOM   980  C C   . VAL C 1 39 ? -5.517  -21.434 3.845   1.00 35.59 ? 37  VAL C C   1 
ATOM   981  O O   . VAL C 1 39 ? -5.969  -22.177 4.723   1.00 34.04 ? 37  VAL C O   1 
ATOM   982  C CB  . VAL C 1 39 ? -2.994  -21.537 3.996   1.00 31.19 ? 37  VAL C CB  1 
ATOM   983  C CG1 . VAL C 1 39 ? -2.880  -22.155 2.611   1.00 36.97 ? 37  VAL C CG1 1 
ATOM   984  C CG2 . VAL C 1 39 ? -1.762  -20.728 4.356   1.00 35.75 ? 37  VAL C CG2 1 
ATOM   985  N N   . GLY C 1 40 ? -6.122  -21.253 2.671   1.00 31.49 ? 38  GLY C N   1 
ATOM   986  C CA  . GLY C 1 40 ? -7.347  -21.920 2.316   1.00 30.95 ? 38  GLY C CA  1 
ATOM   987  C C   . GLY C 1 40 ? -8.595  -21.085 2.494   1.00 27.18 ? 38  GLY C C   1 
ATOM   988  O O   . GLY C 1 40 ? -9.632  -21.424 1.913   1.00 32.18 ? 38  GLY C O   1 
ATOM   989  N N   . ASP C 1 41 ? -8.537  -20.032 3.304   1.00 25.20 ? 39  ASP C N   1 
ATOM   990  C CA  . ASP C 1 41 ? -9.625  -19.067 3.350   1.00 26.63 ? 39  ASP C CA  1 
ATOM   991  C C   . ASP C 1 41 ? -9.777  -18.405 1.990   1.00 26.45 ? 39  ASP C C   1 
ATOM   992  O O   . ASP C 1 41 ? -8.886  -18.463 1.137   1.00 28.67 ? 39  ASP C O   1 
ATOM   993  C CB  . ASP C 1 41 ? -9.367  -17.976 4.389   1.00 28.75 ? 39  ASP C CB  1 
ATOM   994  C CG  . ASP C 1 41 ? -9.506  -18.466 5.821   1.00 36.91 ? 39  ASP C CG  1 
ATOM   995  O OD1 . ASP C 1 41 ? -9.989  -19.595 6.028   1.00 39.34 ? 39  ASP C OD1 1 
ATOM   996  O OD2 . ASP C 1 41 ? -9.135  -17.705 6.738   1.00 34.56 ? 39  ASP C OD2 1 
ATOM   997  N N   . TYR C 1 42 ? -10.919 -17.760 1.792   1.00 24.98 ? 40  TYR C N   1 
ATOM   998  C CA  . TYR C 1 42 ? -11.147 -16.972 0.596   1.00 19.39 ? 40  TYR C CA  1 
ATOM   999  C C   . TYR C 1 42 ? -11.060 -15.496 0.941   1.00 20.02 ? 40  TYR C C   1 
ATOM   1000 O O   . TYR C 1 42 ? -11.432 -15.073 2.040   1.00 24.41 ? 40  TYR C O   1 
ATOM   1001 C CB  . TYR C 1 42 ? -12.518 -17.285 -0.028  1.00 21.79 ? 40  TYR C CB  1 
ATOM   1002 C CG  . TYR C 1 42 ? -12.496 -18.537 -0.870  1.00 21.57 ? 40  TYR C CG  1 
ATOM   1003 C CD1 . TYR C 1 42 ? -12.179 -18.484 -2.215  1.00 24.78 ? 40  TYR C CD1 1 
ATOM   1004 C CD2 . TYR C 1 42 ? -12.756 -19.775 -0.304  1.00 35.14 ? 40  TYR C CD2 1 
ATOM   1005 C CE1 . TYR C 1 42 ? -12.149 -19.635 -2.989  1.00 29.45 ? 40  TYR C CE1 1 
ATOM   1006 C CE2 . TYR C 1 42 ? -12.722 -20.929 -1.061  1.00 30.79 ? 40  TYR C CE2 1 
ATOM   1007 C CZ  . TYR C 1 42 ? -12.413 -20.853 -2.397  1.00 36.67 ? 40  TYR C CZ  1 
ATOM   1008 O OH  . TYR C 1 42 ? -12.382 -22.006 -3.146  1.00 49.14 ? 40  TYR C OH  1 
ATOM   1009 N N   . VAL C 1 43 ? -10.547 -14.715 -0.009  1.00 17.40 ? 41  VAL C N   1 
ATOM   1010 C CA  . VAL C 1 43 ? -10.451 -13.272 0.147   1.00 18.37 ? 41  VAL C CA  1 
ATOM   1011 C C   . VAL C 1 43 ? -11.030 -12.603 -1.089  1.00 19.34 ? 41  VAL C C   1 
ATOM   1012 O O   . VAL C 1 43 ? -11.134 -13.200 -2.165  1.00 18.23 ? 41  VAL C O   1 
ATOM   1013 C CB  . VAL C 1 43 ? -9.004  -12.789 0.375   1.00 19.56 ? 41  VAL C CB  1 
ATOM   1014 C CG1 . VAL C 1 43 ? -8.502  -13.239 1.742   1.00 22.77 ? 41  VAL C CG1 1 
ATOM   1015 C CG2 . VAL C 1 43 ? -8.086  -13.256 -0.776  1.00 19.53 ? 41  VAL C CG2 1 
ATOM   1016 N N   . GLU C 1 44 ? -11.410 -11.342 -0.915  1.00 17.73 ? 42  GLU C N   1 
ATOM   1017 C CA  . GLU C 1 44 ? -11.880 -10.495 -2.002  1.00 19.51 ? 42  GLU C CA  1 
ATOM   1018 C C   . GLU C 1 44 ? -10.795 -9.479  -2.315  1.00 21.31 ? 42  GLU C C   1 
ATOM   1019 O O   . GLU C 1 44 ? -10.285 -8.826  -1.404  1.00 20.02 ? 42  GLU C O   1 
ATOM   1020 C CB  . GLU C 1 44 ? -13.171 -9.780  -1.619  1.00 23.52 ? 42  GLU C CB  1 
ATOM   1021 C CG  . GLU C 1 44 ? -13.643 -8.799  -2.666  1.00 25.29 ? 42  GLU C CG  1 
ATOM   1022 C CD  . GLU C 1 44 ? -15.096 -8.419  -2.485  1.00 34.80 ? 42  GLU C CD  1 
ATOM   1023 O OE1 . GLU C 1 44 ? -15.500 -8.141  -1.339  1.00 38.41 ? 42  GLU C OE1 1 
ATOM   1024 O OE2 . GLU C 1 44 ? -15.838 -8.425  -3.486  1.00 37.55 ? 42  GLU C OE2 1 
ATOM   1025 N N   . VAL C 1 45 ? -10.437 -9.350  -3.590  1.00 18.40 ? 43  VAL C N   1 
ATOM   1026 C CA  . VAL C 1 45 ? -9.397  -8.419  -4.019  1.00 18.53 ? 43  VAL C CA  1 
ATOM   1027 C C   . VAL C 1 45 ? -10.029 -7.345  -4.898  1.00 18.16 ? 43  VAL C C   1 
ATOM   1028 O O   . VAL C 1 45 ? -10.746 -7.662  -5.853  1.00 18.68 ? 43  VAL C O   1 
ATOM   1029 C CB  . VAL C 1 45 ? -8.274  -9.154  -4.761  1.00 15.60 ? 43  VAL C CB  1 
ATOM   1030 C CG1 . VAL C 1 45 ? -7.123  -8.194  -5.094  1.00 17.28 ? 43  VAL C CG1 1 
ATOM   1031 C CG2 . VAL C 1 45 ? -7.799  -10.343 -3.939  1.00 16.73 ? 43  VAL C CG2 1 
ATOM   1032 N N   . LYS C 1 46 ? -9.738  -6.077  -4.590  1.00 17.11 ? 44  LYS C N   1 
ATOM   1033 C CA  . LYS C 1 46 ? -10.293 -4.926  -5.293  1.00 18.57 ? 44  LYS C CA  1 
ATOM   1034 C C   . LYS C 1 46 ? -9.186  -3.928  -5.579  1.00 24.57 ? 44  LYS C C   1 
ATOM   1035 O O   . LYS C 1 46 ? -8.228  -3.814  -4.810  1.00 21.84 ? 44  LYS C O   1 
ATOM   1036 C CB  . LYS C 1 46 ? -11.361 -4.206  -4.467  1.00 23.35 ? 44  LYS C CB  1 
ATOM   1037 C CG  . LYS C 1 46 ? -12.656 -4.952  -4.204  1.00 29.06 ? 44  LYS C CG  1 
ATOM   1038 C CD  . LYS C 1 46 ? -13.435 -4.207  -3.114  1.00 37.90 ? 44  LYS C CD  1 
ATOM   1039 C CE  . LYS C 1 46 ? -14.857 -4.723  -2.959  1.00 46.76 ? 44  LYS C CE  1 
ATOM   1040 N NZ  . LYS C 1 46 ? -15.804 -3.930  -3.790  1.00 50.80 ? 44  LYS C NZ  1 
ATOM   1041 N N   . LYS C 1 47 ? -9.344  -3.178  -6.668  1.00 25.26 ? 45  LYS C N   1 
ATOM   1042 C CA  . LYS C 1 47 ? -8.408  -2.104  -6.977  1.00 24.19 ? 45  LYS C CA  1 
ATOM   1043 C C   . LYS C 1 47 ? -8.502  -1.019  -5.912  1.00 30.38 ? 45  LYS C C   1 
ATOM   1044 O O   . LYS C 1 47 ? -9.577  -0.750  -5.374  1.00 31.58 ? 45  LYS C O   1 
ATOM   1045 C CB  . LYS C 1 47 ? -8.708  -1.531  -8.365  1.00 27.54 ? 45  LYS C CB  1 
ATOM   1046 C CG  . LYS C 1 47 ? -7.515  -0.918  -9.073  1.00 36.39 ? 45  LYS C CG  1 
ATOM   1047 C CD  . LYS C 1 47 ? -7.866  -0.430  -10.477 1.00 34.71 ? 45  LYS C CD  1 
ATOM   1048 C CE  . LYS C 1 47 ? -6.615  -0.304  -11.336 1.00 41.70 ? 45  LYS C CE  1 
ATOM   1049 N NZ  . LYS C 1 47 ? -5.522  0.460   -10.666 1.00 39.72 ? 45  LYS C NZ  1 
ATOM   1050 N N   . VAL C 1 48 ? -7.367  -0.412  -5.576  1.00 24.32 ? 46  VAL C N   1 
ATOM   1051 C CA  . VAL C 1 48 ? -7.372  0.706   -4.639  1.00 22.74 ? 46  VAL C CA  1 
ATOM   1052 C C   . VAL C 1 48 ? -6.350  1.729   -5.121  1.00 31.09 ? 46  VAL C C   1 
ATOM   1053 O O   . VAL C 1 48 ? -5.660  1.472   -6.105  1.00 31.42 ? 46  VAL C O   1 
ATOM   1054 C CB  . VAL C 1 48 ? -7.076  0.251   -3.193  1.00 27.33 ? 46  VAL C CB  1 
ATOM   1055 C CG1 . VAL C 1 48 ? -5.618  -0.119  -3.045  1.00 22.47 ? 46  VAL C CG1 1 
ATOM   1056 C CG2 . VAL C 1 48 ? -7.459  1.322   -2.199  1.00 39.85 ? 46  VAL C CG2 1 
ATOM   1057 O OXT . VAL C 1 48 ? -6.186  2.817   -4.562  1.00 35.27 ? 46  VAL C OXT 1 
ATOM   1058 N N   . LYS D 1 6  ? -16.176 -3.957  -9.042  1.00 36.17 ? 4   LYS D N   1 
ATOM   1059 C CA  . LYS D 1 6  ? -15.367 -5.046  -9.590  1.00 32.60 ? 4   LYS D CA  1 
ATOM   1060 C C   . LYS D 1 6  ? -14.482 -5.660  -8.515  1.00 29.16 ? 4   LYS D C   1 
ATOM   1061 O O   . LYS D 1 6  ? -13.774 -4.945  -7.812  1.00 30.19 ? 4   LYS D O   1 
ATOM   1062 C CB  . LYS D 1 6  ? -14.489 -4.548  -10.730 1.00 32.27 ? 4   LYS D CB  1 
ATOM   1063 C CG  . LYS D 1 6  ? -14.219 -5.575  -11.800 1.00 41.56 ? 4   LYS D CG  1 
ATOM   1064 C CD  . LYS D 1 6  ? -14.889 -5.153  -13.092 1.00 37.41 ? 4   LYS D CD  1 
ATOM   1065 C CE  . LYS D 1 6  ? -14.467 -3.752  -13.494 1.00 44.95 ? 4   LYS D CE  1 
ATOM   1066 N NZ  . LYS D 1 6  ? -12.989 -3.634  -13.593 1.00 35.33 ? 4   LYS D NZ  1 
ATOM   1067 N N   . SER D 1 7  ? -14.511 -6.982  -8.404  1.00 23.37 ? 5   SER D N   1 
ATOM   1068 C CA  . SER D 1 7  ? -13.659 -7.670  -7.445  1.00 20.77 ? 5   SER D CA  1 
ATOM   1069 C C   . SER D 1 7  ? -13.349 -9.068  -7.949  1.00 23.41 ? 5   SER D C   1 
ATOM   1070 O O   . SER D 1 7  ? -14.050 -9.624  -8.804  1.00 25.25 ? 5   SER D O   1 
ATOM   1071 C CB  . SER D 1 7  ? -14.310 -7.760  -6.065  1.00 25.62 ? 5   SER D CB  1 
ATOM   1072 O OG  . SER D 1 7  ? -15.333 -8.743  -6.041  1.00 28.67 ? 5   SER D OG  1 
ATOM   1073 N N   . VAL D 1 8  ? -12.278 -9.630  -7.406  1.00 19.38 ? 6   VAL D N   1 
ATOM   1074 C CA  A VAL D 1 8  ? -11.933 -11.017 -7.648  0.10 19.66 ? 6   VAL D CA  1 
ATOM   1075 C CA  B VAL D 1 8  ? -11.851 -11.005 -7.641  0.90 19.60 ? 6   VAL D CA  1 
ATOM   1076 C C   . VAL D 1 8  ? -11.942 -11.742 -6.313  1.00 21.16 ? 6   VAL D C   1 
ATOM   1077 O O   . VAL D 1 8  ? -11.393 -11.261 -5.310  1.00 22.37 ? 6   VAL D O   1 
ATOM   1078 C CB  A VAL D 1 8  ? -10.588 -11.174 -8.387  0.10 22.36 ? 6   VAL D CB  1 
ATOM   1079 C CB  B VAL D 1 8  ? -10.402 -11.056 -8.176  0.90 22.64 ? 6   VAL D CB  1 
ATOM   1080 C CG1 A VAL D 1 8  ? -10.668 -10.530 -9.764  0.10 24.60 ? 6   VAL D CG1 1 
ATOM   1081 C CG1 B VAL D 1 8  ? -9.806  -12.462 -8.026  0.90 23.16 ? 6   VAL D CG1 1 
ATOM   1082 C CG2 A VAL D 1 8  ? -9.457  -10.576 -7.607  0.10 21.07 ? 6   VAL D CG2 1 
ATOM   1083 C CG2 B VAL D 1 8  ? -10.343 -10.583 -9.625  0.90 25.66 ? 6   VAL D CG2 1 
ATOM   1084 N N   . VAL D 1 9  ? -12.613 -12.882 -6.285  1.00 14.84 ? 7   VAL D N   1 
ATOM   1085 C CA  . VAL D 1 9  ? -12.620 -13.733 -5.106  1.00 15.34 ? 7   VAL D CA  1 
ATOM   1086 C C   . VAL D 1 9  ? -11.670 -14.896 -5.362  1.00 17.71 ? 7   VAL D C   1 
ATOM   1087 O O   . VAL D 1 9  ? -11.739 -15.545 -6.410  1.00 20.23 ? 7   VAL D O   1 
ATOM   1088 C CB  . VAL D 1 9  ? -14.046 -14.202 -4.772  1.00 19.73 ? 7   VAL D CB  1 
ATOM   1089 C CG1 . VAL D 1 9  ? -13.995 -15.242 -3.676  1.00 20.97 ? 7   VAL D CG1 1 
ATOM   1090 C CG2 . VAL D 1 9  ? -14.878 -12.983 -4.333  1.00 21.47 ? 7   VAL D CG2 1 
ATOM   1091 N N   . ALA D 1 10 ? -10.735 -15.117 -4.437  1.00 16.43 ? 8   ALA D N   1 
ATOM   1092 C CA  . ALA D 1 10 ? -9.661  -16.078 -4.652  1.00 17.71 ? 8   ALA D CA  1 
ATOM   1093 C C   . ALA D 1 10 ? -9.310  -16.757 -3.337  1.00 17.00 ? 8   ALA D C   1 
ATOM   1094 O O   . ALA D 1 10 ? -9.537  -16.217 -2.254  1.00 18.33 ? 8   ALA D O   1 
ATOM   1095 C CB  . ALA D 1 10 ? -8.409  -15.393 -5.232  1.00 19.98 ? 8   ALA D CB  1 
ATOM   1096 N N   . ARG D 1 11 ? -8.731  -17.948 -3.447  1.00 18.05 ? 9   ARG D N   1 
ATOM   1097 C CA  . ARG D 1 11 ? -8.341  -18.726 -2.280  1.00 20.19 ? 9   ARG D CA  1 
ATOM   1098 C C   . ARG D 1 11 ? -6.936  -18.317 -1.854  1.00 18.90 ? 9   ARG D C   1 
ATOM   1099 O O   . ARG D 1 11 ? -6.047  -18.197 -2.700  1.00 20.22 ? 9   ARG D O   1 
ATOM   1100 C CB  . ARG D 1 11 ? -8.399  -20.226 -2.589  1.00 27.48 ? 9   ARG D CB  1 
ATOM   1101 C CG  . ARG D 1 11 ? -7.973  -21.111 -1.424  1.00 34.16 ? 9   ARG D CG  1 
ATOM   1102 C CD  . ARG D 1 11 ? -8.288  -22.582 -1.683  1.00 39.46 ? 9   ARG D CD  1 
ATOM   1103 N NE  . ARG D 1 11 ? -7.938  -23.006 -3.040  1.00 45.33 ? 9   ARG D NE  1 
ATOM   1104 C CZ  . ARG D 1 11 ? -6.745  -23.475 -3.397  1.00 45.33 ? 9   ARG D CZ  1 
ATOM   1105 N NH1 . ARG D 1 11 ? -5.773  -23.581 -2.503  1.00 46.97 ? 9   ARG D NH1 1 
ATOM   1106 N NH2 . ARG D 1 11 ? -6.520  -23.838 -4.653  1.00 45.93 ? 9   ARG D NH2 1 
ATOM   1107 N N   . VAL D 1 12 ? -6.753  -18.080 -0.553  1.00 21.04 ? 10  VAL D N   1 
ATOM   1108 C CA  . VAL D 1 12 ? -5.445  -17.687 -0.021  1.00 21.37 ? 10  VAL D CA  1 
ATOM   1109 C C   . VAL D 1 12 ? -4.488  -18.870 -0.062  1.00 26.82 ? 10  VAL D C   1 
ATOM   1110 O O   . VAL D 1 12 ? -4.792  -19.958 0.446   1.00 24.07 ? 10  VAL D O   1 
ATOM   1111 C CB  . VAL D 1 12 ? -5.573  -17.164 1.414   1.00 23.47 ? 10  VAL D CB  1 
ATOM   1112 C CG1 . VAL D 1 12 ? -4.200  -16.789 1.946   1.00 25.36 ? 10  VAL D CG1 1 
ATOM   1113 C CG2 . VAL D 1 12 ? -6.492  -15.984 1.470   1.00 25.20 ? 10  VAL D CG2 1 
ATOM   1114 N N   . ALA D 1 13 ? -3.306  -18.651 -0.629  1.00 20.82 ? 11  ALA D N   1 
ATOM   1115 C CA  . ALA D 1 13 ? -2.262  -19.664 -0.687  1.00 21.95 ? 11  ALA D CA  1 
ATOM   1116 C C   . ALA D 1 13 ? -0.975  -19.058 -0.153  1.00 22.38 ? 11  ALA D C   1 
ATOM   1117 O O   . ALA D 1 13 ? -0.814  -17.837 -0.112  1.00 19.56 ? 11  ALA D O   1 
ATOM   1118 C CB  . ALA D 1 13 ? -2.067  -20.193 -2.120  1.00 23.28 ? 11  ALA D CB  1 
ATOM   1119 N N   . GLU D 1 14 ? -0.063  -19.927 0.286   1.00 25.56 ? 12  GLU D N   1 
ATOM   1120 C CA  . GLU D 1 14 ? 1.174   -19.462 0.897   1.00 25.36 ? 12  GLU D CA  1 
ATOM   1121 C C   . GLU D 1 14 ? 2.084   -18.815 -0.136  1.00 23.79 ? 12  GLU D C   1 
ATOM   1122 O O   . GLU D 1 14 ? 2.006   -19.089 -1.338  1.00 24.03 ? 12  GLU D O   1 
ATOM   1123 C CB  . GLU D 1 14 ? 1.915   -20.625 1.554   1.00 32.57 ? 12  GLU D CB  1 
ATOM   1124 C CG  . GLU D 1 14 ? 1.074   -21.458 2.481   1.00 41.16 ? 12  GLU D CG  1 
ATOM   1125 C CD  . GLU D 1 14 ? 1.876   -22.555 3.151   1.00 63.43 ? 12  GLU D CD  1 
ATOM   1126 O OE1 . GLU D 1 14 ? 2.883   -22.999 2.555   1.00 61.36 ? 12  GLU D OE1 1 
ATOM   1127 O OE2 . GLU D 1 14 ? 1.508   -22.963 4.274   1.00 65.18 ? 12  GLU D OE2 1 
ATOM   1128 N N   . ALA D 1 15 ? 2.998   -17.974 0.351   1.00 23.70 ? 13  ALA D N   1 
ATOM   1129 C CA  . ALA D 1 15 ? 4.017   -17.435 -0.532  1.00 24.79 ? 13  ALA D CA  1 
ATOM   1130 C C   . ALA D 1 15 ? 5.149   -18.442 -0.674  1.00 29.07 ? 13  ALA D C   1 
ATOM   1131 O O   . ALA D 1 15 ? 5.496   -19.144 0.281   1.00 29.46 ? 13  ALA D O   1 
ATOM   1132 C CB  . ALA D 1 15 ? 4.549   -16.099 -0.006  1.00 25.80 ? 13  ALA D CB  1 
ATOM   1133 N N   . TYR D 1 16 ? 5.705   -18.532 -1.877  1.00 26.83 ? 14  TYR D N   1 
ATOM   1134 C CA  . TYR D 1 16 ? 6.905   -19.333 -2.060  1.00 34.15 ? 14  TYR D CA  1 
ATOM   1135 C C   . TYR D 1 16 ? 7.993   -18.797 -1.130  1.00 35.39 ? 14  TYR D C   1 
ATOM   1136 O O   . TYR D 1 16 ? 7.942   -17.629 -0.717  1.00 29.23 ? 14  TYR D O   1 
ATOM   1137 C CB  . TYR D 1 16 ? 7.370   -19.296 -3.516  1.00 36.32 ? 14  TYR D CB  1 
ATOM   1138 C CG  . TYR D 1 16 ? 6.508   -20.119 -4.458  1.00 34.74 ? 14  TYR D CG  1 
ATOM   1139 C CD1 . TYR D 1 16 ? 5.477   -19.534 -5.165  1.00 40.23 ? 14  TYR D CD1 1 
ATOM   1140 C CD2 . TYR D 1 16 ? 6.724   -21.480 -4.627  1.00 47.28 ? 14  TYR D CD2 1 
ATOM   1141 C CE1 . TYR D 1 16 ? 4.681   -20.278 -6.030  1.00 36.45 ? 14  TYR D CE1 1 
ATOM   1142 C CE2 . TYR D 1 16 ? 5.928   -22.235 -5.490  1.00 46.22 ? 14  TYR D CE2 1 
ATOM   1143 C CZ  . TYR D 1 16 ? 4.911   -21.622 -6.189  1.00 43.56 ? 14  TYR D CZ  1 
ATOM   1144 O OH  . TYR D 1 16 ? 4.109   -22.344 -7.053  1.00 41.09 ? 14  TYR D OH  1 
ATOM   1145 N N   . PRO D 1 17 ? 8.966   -19.635 -0.749  1.00 33.92 ? 15  PRO D N   1 
ATOM   1146 C CA  . PRO D 1 17 ? 9.953   -19.181 0.248   1.00 34.79 ? 15  PRO D CA  1 
ATOM   1147 C C   . PRO D 1 17 ? 10.700  -17.935 -0.187  1.00 37.70 ? 15  PRO D C   1 
ATOM   1148 O O   . PRO D 1 17 ? 10.878  -17.011 0.614   1.00 37.35 ? 15  PRO D O   1 
ATOM   1149 C CB  . PRO D 1 17 ? 10.887  -20.394 0.395   1.00 41.97 ? 15  PRO D CB  1 
ATOM   1150 C CG  . PRO D 1 17 ? 10.719  -21.168 -0.869  1.00 46.37 ? 15  PRO D CG  1 
ATOM   1151 C CD  . PRO D 1 17 ? 9.272   -20.988 -1.248  1.00 41.13 ? 15  PRO D CD  1 
ATOM   1152 N N   . GLU D 1 18 ? 11.101  -17.864 -1.457  1.00 37.45 ? 16  GLU D N   1 
ATOM   1153 C CA  . GLU D 1 18 ? 11.809  -16.688 -1.956  1.00 46.26 ? 16  GLU D CA  1 
ATOM   1154 C C   . GLU D 1 18 ? 10.973  -15.417 -1.832  1.00 41.96 ? 16  GLU D C   1 
ATOM   1155 O O   . GLU D 1 18 ? 11.529  -14.317 -1.761  1.00 37.67 ? 16  GLU D O   1 
ATOM   1156 C CB  . GLU D 1 18 ? 12.238  -16.918 -3.411  1.00 48.84 ? 16  GLU D CB  1 
ATOM   1157 C CG  . GLU D 1 18 ? 11.086  -17.164 -4.378  1.00 49.24 ? 16  GLU D CG  1 
ATOM   1158 C CD  . GLU D 1 18 ? 11.080  -18.569 -4.971  1.00 53.63 ? 16  GLU D CD  1 
ATOM   1159 O OE1 . GLU D 1 18 ? 10.996  -18.694 -6.215  1.00 59.52 ? 16  GLU D OE1 1 
ATOM   1160 O OE2 . GLU D 1 18 ? 11.145  -19.549 -4.192  1.00 47.46 ? 16  GLU D OE2 1 
ATOM   1161 N N   . ASP D 1 19 ? 9.648   -15.538 -1.796  1.00 33.85 ? 17  ASP D N   1 
ATOM   1162 C CA  . ASP D 1 19 ? 8.781   -14.372 -1.700  1.00 28.45 ? 17  ASP D CA  1 
ATOM   1163 C C   . ASP D 1 19 ? 8.369   -14.030 -0.274  1.00 26.73 ? 17  ASP D C   1 
ATOM   1164 O O   . ASP D 1 19 ? 7.683   -13.018 -0.078  1.00 30.50 ? 17  ASP D O   1 
ATOM   1165 C CB  . ASP D 1 19 ? 7.506   -14.576 -2.533  1.00 27.17 ? 17  ASP D CB  1 
ATOM   1166 C CG  . ASP D 1 19 ? 7.764   -14.554 -4.030  1.00 32.84 ? 17  ASP D CG  1 
ATOM   1167 O OD1 . ASP D 1 19 ? 8.585   -13.725 -4.493  1.00 30.11 ? 17  ASP D OD1 1 
ATOM   1168 O OD2 . ASP D 1 19 ? 7.136   -15.375 -4.745  1.00 24.92 ? 17  ASP D OD2 1 
ATOM   1169 N N   . VAL D 1 20 ? 8.724   -14.860 0.712   1.00 33.19 ? 18  VAL D N   1 
ATOM   1170 C CA  . VAL D 1 20 ? 8.395   -14.553 2.102   1.00 35.90 ? 18  VAL D CA  1 
ATOM   1171 C C   . VAL D 1 20 ? 9.025   -13.225 2.490   1.00 35.04 ? 18  VAL D C   1 
ATOM   1172 O O   . VAL D 1 20 ? 10.223  -12.993 2.269   1.00 32.44 ? 18  VAL D O   1 
ATOM   1173 C CB  . VAL D 1 20 ? 8.858   -15.685 3.031   1.00 36.34 ? 18  VAL D CB  1 
ATOM   1174 C CG1 . VAL D 1 20 ? 8.555   -15.337 4.497   1.00 35.65 ? 18  VAL D CG1 1 
ATOM   1175 C CG2 . VAL D 1 20 ? 8.190   -16.992 2.643   1.00 37.76 ? 18  VAL D CG2 1 
ATOM   1176 N N   . GLY D 1 21 ? 8.214   -12.336 3.061   1.00 27.87 ? 19  GLY D N   1 
ATOM   1177 C CA  . GLY D 1 21 ? 8.646   -11.010 3.432   1.00 31.78 ? 19  GLY D CA  1 
ATOM   1178 C C   . GLY D 1 21 ? 8.247   -9.922  2.456   1.00 31.92 ? 19  GLY D C   1 
ATOM   1179 O O   . GLY D 1 21 ? 8.279   -8.739  2.816   1.00 28.47 ? 19  GLY D O   1 
ATOM   1180 N N   . LYS D 1 22 ? 7.877   -10.285 1.230   1.00 30.10 ? 20  LYS D N   1 
ATOM   1181 C CA  . LYS D 1 22 ? 7.462   -9.299  0.244   1.00 29.82 ? 20  LYS D CA  1 
ATOM   1182 C C   . LYS D 1 22 ? 5.996   -8.935  0.451   1.00 25.41 ? 20  LYS D C   1 
ATOM   1183 O O   . LYS D 1 22 ? 5.140   -9.819  0.602   1.00 26.59 ? 20  LYS D O   1 
ATOM   1184 C CB  . LYS D 1 22 ? 7.682   -9.835  -1.172  1.00 30.75 ? 20  LYS D CB  1 
ATOM   1185 C CG  . LYS D 1 22 ? 9.136   -10.150 -1.508  1.00 27.59 ? 20  LYS D CG  1 
ATOM   1186 C CD  . LYS D 1 22 ? 9.253   -10.780 -2.884  1.00 37.11 ? 20  LYS D CD  1 
ATOM   1187 C CE  . LYS D 1 22 ? 10.658  -11.288 -3.131  1.00 44.89 ? 20  LYS D CE  1 
ATOM   1188 N NZ  . LYS D 1 22 ? 11.109  -12.142 -2.000  1.00 39.02 ? 20  LYS D NZ  1 
ATOM   1189 N N   . ARG D 1 23 ? 5.706   -7.634  0.430   1.00 25.17 ? 21  ARG D N   1 
ATOM   1190 C CA  . ARG D 1 23 ? 4.352   -7.121  0.639   1.00 20.85 ? 21  ARG D CA  1 
ATOM   1191 C C   . ARG D 1 23 ? 3.587   -7.058  -0.692  1.00 23.75 ? 21  ARG D C   1 
ATOM   1192 O O   . ARG D 1 23 ? 3.093   -6.027  -1.161  1.00 24.12 ? 21  ARG D O   1 
ATOM   1193 C CB  . ARG D 1 23 ? 4.409   -5.775  1.349   1.00 31.58 ? 21  ARG D CB  1 
ATOM   1194 C CG  . ARG D 1 23 ? 4.757   -5.952  2.834   1.00 32.51 ? 21  ARG D CG  1 
ATOM   1195 C CD  . ARG D 1 23 ? 5.211   -4.666  3.485   1.00 27.30 ? 21  ARG D CD  1 
ATOM   1196 N NE  . ARG D 1 23 ? 6.564   -4.322  3.074   1.00 27.54 ? 21  ARG D NE  1 
ATOM   1197 C CZ  . ARG D 1 23 ? 7.285   -3.354  3.635   1.00 24.91 ? 21  ARG D CZ  1 
ATOM   1198 N NH1 . ARG D 1 23 ? 6.769   -2.648  4.624   1.00 28.13 ? 21  ARG D NH1 1 
ATOM   1199 N NH2 . ARG D 1 23 ? 8.505   -3.097  3.200   1.00 26.03 ? 21  ARG D NH2 1 
ATOM   1200 N N   . ILE D 1 24 ? 3.480   -8.232  -1.299  1.00 21.37 ? 22  ILE D N   1 
ATOM   1201 C CA  . ILE D 1 24 ? 2.842   -8.373  -2.598  1.00 19.64 ? 22  ILE D CA  1 
ATOM   1202 C C   . ILE D 1 24 ? 1.727   -9.401  -2.486  1.00 14.95 ? 22  ILE D C   1 
ATOM   1203 O O   . ILE D 1 24 ? 1.652   -10.179 -1.534  1.00 18.59 ? 22  ILE D O   1 
ATOM   1204 C CB  . ILE D 1 24 ? 3.846   -8.803  -3.688  1.00 23.96 ? 22  ILE D CB  1 
ATOM   1205 C CG1 . ILE D 1 24 ? 4.422   -10.167 -3.332  1.00 18.99 ? 22  ILE D CG1 1 
ATOM   1206 C CG2 . ILE D 1 24 ? 4.979   -7.771  -3.838  1.00 23.24 ? 22  ILE D CG2 1 
ATOM   1207 C CD1 . ILE D 1 24 ? 5.300   -10.774 -4.402  1.00 23.01 ? 22  ILE D CD1 1 
ATOM   1208 N N   . VAL D 1 25 ? 0.863   -9.409  -3.501  1.00 15.97 ? 23  VAL D N   1 
ATOM   1209 C CA  A VAL D 1 25 ? -0.090  -10.483 -3.721  0.53 17.50 ? 23  VAL D CA  1 
ATOM   1210 C CA  B VAL D 1 25 ? -0.100  -10.477 -3.729  0.47 17.45 ? 23  VAL D CA  1 
ATOM   1211 C C   . VAL D 1 25 ? 0.126   -10.963 -5.151  1.00 13.37 ? 23  VAL D C   1 
ATOM   1212 O O   . VAL D 1 25 ? 0.054   -10.165 -6.093  1.00 18.58 ? 23  VAL D O   1 
ATOM   1213 C CB  A VAL D 1 25 ? -1.542  -10.037 -3.469  0.53 17.15 ? 23  VAL D CB  1 
ATOM   1214 C CB  B VAL D 1 25 ? -1.550  -10.009 -3.530  0.47 16.88 ? 23  VAL D CB  1 
ATOM   1215 C CG1 A VAL D 1 25 ? -1.719  -9.682  -2.003  0.53 20.53 ? 23  VAL D CG1 1 
ATOM   1216 C CG1 B VAL D 1 25 ? -1.843  -8.802  -4.408  0.47 20.77 ? 23  VAL D CG1 1 
ATOM   1217 C CG2 A VAL D 1 25 ? -1.911  -8.847  -4.307  0.53 20.69 ? 23  VAL D CG2 1 
ATOM   1218 C CG2 B VAL D 1 25 ? -2.516  -11.138 -3.849  0.47 14.16 ? 23  VAL D CG2 1 
ATOM   1219 N N   . ARG D 1 26 ? 0.445   -12.245 -5.313  1.00 13.34 ? 24  ARG D N   1 
ATOM   1220 C CA  . ARG D 1 26 ? 0.661   -12.792 -6.649  1.00 12.90 ? 24  ARG D CA  1 
ATOM   1221 C C   . ARG D 1 26 ? -0.680  -13.229 -7.227  1.00 17.49 ? 24  ARG D C   1 
ATOM   1222 O O   . ARG D 1 26 ? -1.383  -14.038 -6.615  1.00 16.41 ? 24  ARG D O   1 
ATOM   1223 C CB  . ARG D 1 26 ? 1.650   -13.954 -6.632  1.00 14.81 ? 24  ARG D CB  1 
ATOM   1224 C CG  . ARG D 1 26 ? 3.091   -13.490 -6.376  1.00 18.28 ? 24  ARG D CG  1 
ATOM   1225 C CD  . ARG D 1 26 ? 4.071   -14.544 -6.829  1.00 17.89 ? 24  ARG D CD  1 
ATOM   1226 N NE  . ARG D 1 26 ? 5.459   -14.101 -6.593  1.00 19.39 ? 24  ARG D NE  1 
ATOM   1227 C CZ  . ARG D 1 26 ? 6.147   -13.316 -7.420  1.00 21.84 ? 24  ARG D CZ  1 
ATOM   1228 N NH1 . ARG D 1 26 ? 5.616   -12.865 -8.549  1.00 21.06 ? 24  ARG D NH1 1 
ATOM   1229 N NH2 . ARG D 1 26 ? 7.397   -12.978 -7.113  1.00 24.59 ? 24  ARG D NH2 1 
ATOM   1230 N N   . MET D 1 27 ? -1.025  -12.673 -8.390  1.00 15.53 ? 25  MET D N   1 
ATOM   1231 C CA  . MET D 1 27 ? -2.310  -12.860 -9.065  1.00 15.39 ? 25  MET D CA  1 
ATOM   1232 C C   . MET D 1 27 ? -2.033  -13.153 -10.528 1.00 14.58 ? 25  MET D C   1 
ATOM   1233 O O   . MET D 1 27 ? -1.199  -12.483 -11.139 1.00 17.29 ? 25  MET D O   1 
ATOM   1234 C CB  . MET D 1 27 ? -3.191  -11.607 -8.982  1.00 20.18 ? 25  MET D CB  1 
ATOM   1235 C CG  . MET D 1 27 ? -3.465  -11.113 -7.573  1.00 24.93 ? 25  MET D CG  1 
ATOM   1236 S SD  . MET D 1 27 ? -4.355  -9.536  -7.566  1.00 25.20 ? 25  MET D SD  1 
ATOM   1237 C CE  . MET D 1 27 ? -5.831  -9.980  -8.513  1.00 21.30 ? 25  MET D CE  1 
ATOM   1238 N N   . ASP D 1 28 ? -2.748  -14.124 -11.111 1.00 16.65 ? 26  ASP D N   1 
ATOM   1239 C CA  . ASP D 1 28 ? -2.468  -14.450 -12.505 1.00 16.92 ? 26  ASP D CA  1 
ATOM   1240 C C   . ASP D 1 28 ? -3.111  -13.433 -13.455 1.00 20.49 ? 26  ASP D C   1 
ATOM   1241 O O   . ASP D 1 28 ? -3.841  -12.524 -13.045 1.00 16.71 ? 26  ASP D O   1 
ATOM   1242 C CB  . ASP D 1 28 ? -2.865  -15.906 -12.818 1.00 15.10 ? 26  ASP D CB  1 
ATOM   1243 C CG  . ASP D 1 28 ? -4.381  -16.151 -12.867 1.00 19.86 ? 26  ASP D CG  1 
ATOM   1244 O OD1 . ASP D 1 28 ? -5.143  -15.240 -13.200 1.00 18.10 ? 26  ASP D OD1 1 
ATOM   1245 O OD2 . ASP D 1 28 ? -4.795  -17.300 -12.571 1.00 22.34 ? 26  ASP D OD2 1 
ATOM   1246 N N   . LYS D 1 29 ? -2.850  -13.608 -14.760 1.00 20.16 ? 27  LYS D N   1 
ATOM   1247 C CA  . LYS D 1 29 ? -3.270  -12.609 -15.732 1.00 19.87 ? 27  LYS D CA  1 
ATOM   1248 C C   . LYS D 1 29 ? -4.785  -12.525 -15.835 1.00 15.88 ? 27  LYS D C   1 
ATOM   1249 O O   . LYS D 1 29 ? -5.314  -11.462 -16.162 1.00 19.72 ? 27  LYS D O   1 
ATOM   1250 C CB  . LYS D 1 29 ? -2.678  -12.908 -17.109 1.00 21.77 ? 27  LYS D CB  1 
ATOM   1251 C CG  . LYS D 1 29 ? -3.149  -14.219 -17.728 1.00 25.17 ? 27  LYS D CG  1 
ATOM   1252 C CD  . LYS D 1 29 ? -2.516  -14.456 -19.095 1.00 27.01 ? 27  LYS D CD  1 
ATOM   1253 C CE  . LYS D 1 29 ? -3.096  -15.696 -19.759 1.00 35.72 ? 27  LYS D CE  1 
ATOM   1254 N NZ  . LYS D 1 29 ? -2.639  -15.826 -21.177 1.00 43.19 ? 27  LYS D NZ  1 
ATOM   1255 N N   . TYR D 1 30 ? -5.479  -13.635 -15.576 1.00 18.73 ? 28  TYR D N   1 
ATOM   1256 C CA  . TYR D 1 30 ? -6.941  -13.647 -15.622 1.00 18.86 ? 28  TYR D CA  1 
ATOM   1257 C C   . TYR D 1 30 ? -7.526  -12.847 -14.475 1.00 20.03 ? 28  TYR D C   1 
ATOM   1258 O O   . TYR D 1 30 ? -8.434  -12.032 -14.672 1.00 18.66 ? 28  TYR D O   1 
ATOM   1259 C CB  . TYR D 1 30 ? -7.449  -15.082 -15.582 1.00 17.93 ? 28  TYR D CB  1 
ATOM   1260 C CG  . TYR D 1 30 ? -6.948  -15.926 -16.729 1.00 21.04 ? 28  TYR D CG  1 
ATOM   1261 C CD1 . TYR D 1 30 ? -7.134  -15.515 -18.046 1.00 22.93 ? 28  TYR D CD1 1 
ATOM   1262 C CD2 . TYR D 1 30 ? -6.298  -17.129 -16.500 1.00 22.72 ? 28  TYR D CD2 1 
ATOM   1263 C CE1 . TYR D 1 30 ? -6.682  -16.283 -19.101 1.00 29.51 ? 28  TYR D CE1 1 
ATOM   1264 C CE2 . TYR D 1 30 ? -5.835  -17.907 -17.555 1.00 25.11 ? 28  TYR D CE2 1 
ATOM   1265 C CZ  . TYR D 1 30 ? -6.042  -17.481 -18.856 1.00 29.91 ? 28  TYR D CZ  1 
ATOM   1266 O OH  . TYR D 1 30 ? -5.600  -18.246 -19.924 1.00 29.36 ? 28  TYR D OH  1 
ATOM   1267 N N   . GLU D 1 31 ? -6.969  -13.029 -13.270 1.00 18.05 ? 29  GLU D N   1 
ATOM   1268 C CA  . GLU D 1 31 ? -7.398  -12.223 -12.132 1.00 20.49 ? 29  GLU D CA  1 
ATOM   1269 C C   . GLU D 1 31 ? -7.078  -10.750 -12.345 1.00 20.52 ? 29  GLU D C   1 
ATOM   1270 O O   . GLU D 1 31 ? -7.906  -9.875  -12.052 1.00 19.48 ? 29  GLU D O   1 
ATOM   1271 C CB  . GLU D 1 31 ? -6.722  -12.741 -10.859 1.00 15.91 ? 29  GLU D CB  1 
ATOM   1272 C CG  . GLU D 1 31 ? -7.160  -14.130 -10.480 1.00 21.65 ? 29  GLU D CG  1 
ATOM   1273 C CD  . GLU D 1 31 ? -6.294  -14.724 -9.391  1.00 25.92 ? 29  GLU D CD  1 
ATOM   1274 O OE1 . GLU D 1 31 ? -6.704  -15.722 -8.763  1.00 23.54 ? 29  GLU D OE1 1 
ATOM   1275 O OE2 . GLU D 1 31 ? -5.199  -14.174 -9.153  1.00 30.47 ? 29  GLU D OE2 1 
ATOM   1276 N N   . ARG D 1 32 ? -5.871  -10.453 -12.835 1.00 17.61 ? 30  ARG D N   1 
ATOM   1277 C CA  . ARG D 1 32 ? -5.497  -9.069  -13.086 1.00 17.21 ? 30  ARG D CA  1 
ATOM   1278 C C   . ARG D 1 32 ? -6.397  -8.439  -14.137 1.00 19.98 ? 30  ARG D C   1 
ATOM   1279 O O   . ARG D 1 32 ? -6.827  -7.290  -13.986 1.00 21.67 ? 30  ARG D O   1 
ATOM   1280 C CB  . ARG D 1 32 ? -4.047  -8.981  -13.536 1.00 17.26 ? 30  ARG D CB  1 
ATOM   1281 C CG  . ARG D 1 32 ? -3.044  -9.424  -12.472 1.00 17.74 ? 30  ARG D CG  1 
ATOM   1282 C CD  . ARG D 1 32 ? -1.670  -8.881  -12.816 1.00 20.98 ? 30  ARG D CD  1 
ATOM   1283 N NE  . ARG D 1 32 ? -1.202  -9.268  -14.151 1.00 22.18 ? 30  ARG D NE  1 
ATOM   1284 C CZ  . ARG D 1 32 ? -0.615  -10.428 -14.433 1.00 21.13 ? 30  ARG D CZ  1 
ATOM   1285 N NH1 . ARG D 1 32 ? -0.452  -11.347 -13.489 1.00 18.67 ? 30  ARG D NH1 1 
ATOM   1286 N NH2 . ARG D 1 32 ? -0.188  -10.673 -15.670 1.00 19.80 ? 30  ARG D NH2 1 
ATOM   1287 N N   . ALA D 1 33 ? -6.701  -9.184  -15.200 1.00 19.67 ? 31  ALA D N   1 
ATOM   1288 C CA  . ALA D 1 33 ? -7.532  -8.635  -16.265 1.00 24.45 ? 31  ALA D CA  1 
ATOM   1289 C C   . ALA D 1 33 ? -8.925  -8.286  -15.755 1.00 24.33 ? 31  ALA D C   1 
ATOM   1290 O O   . ALA D 1 33 ? -9.490  -7.252  -16.130 1.00 26.09 ? 31  ALA D O   1 
ATOM   1291 C CB  . ALA D 1 33 ? -7.605  -9.626  -17.429 1.00 22.91 ? 31  ALA D CB  1 
ATOM   1292 N N   . LYS D 1 34 ? -9.500  -9.130  -14.901 1.00 23.15 ? 32  LYS D N   1 
ATOM   1293 C CA  . LYS D 1 34 ? -10.841 -8.849  -14.405 1.00 28.37 ? 32  LYS D CA  1 
ATOM   1294 C C   . LYS D 1 34 ? -10.874 -7.553  -13.603 1.00 30.09 ? 32  LYS D C   1 
ATOM   1295 O O   . LYS D 1 34 ? -11.795 -6.740  -13.755 1.00 31.90 ? 32  LYS D O   1 
ATOM   1296 C CB  . LYS D 1 34 ? -11.347 -10.018 -13.566 1.00 25.19 ? 32  LYS D CB  1 
ATOM   1297 C CG  . LYS D 1 34 ? -12.752 -9.795  -13.003 1.00 33.58 ? 32  LYS D CG  1 
ATOM   1298 C CD  . LYS D 1 34 ? -13.249 -11.011 -12.222 1.00 37.07 ? 32  LYS D CD  1 
ATOM   1299 C CE  . LYS D 1 34 ? -14.717 -10.845 -11.818 1.00 32.53 ? 32  LYS D CE  1 
ATOM   1300 N NZ  . LYS D 1 34 ? -15.254 -12.002 -11.053 1.00 45.01 ? 32  LYS D NZ  1 
ATOM   1301 N N   . LEU D 1 35 ? -9.874  -7.335  -12.751 1.00 25.29 ? 33  LEU D N   1 
ATOM   1302 C CA  . LEU D 1 35 ? -9.815  -6.108  -11.969 1.00 24.51 ? 33  LEU D CA  1 
ATOM   1303 C C   . LEU D 1 35 ? -9.340  -4.907  -12.767 1.00 27.26 ? 33  LEU D C   1 
ATOM   1304 O O   . LEU D 1 35 ? -9.475  -3.775  -12.289 1.00 34.35 ? 33  LEU D O   1 
ATOM   1305 C CB  . LEU D 1 35 ? -8.879  -6.296  -10.773 1.00 25.06 ? 33  LEU D CB  1 
ATOM   1306 C CG  . LEU D 1 35 ? -9.490  -6.974  -9.568  1.00 28.94 ? 33  LEU D CG  1 
ATOM   1307 C CD1 . LEU D 1 35 ? -8.450  -6.975  -8.477  1.00 24.37 ? 33  LEU D CD1 1 
ATOM   1308 C CD2 . LEU D 1 35 ? -10.746 -6.216  -9.129  1.00 26.77 ? 33  LEU D CD2 1 
ATOM   1309 N N   . GLY D 1 36 ? -8.775  -5.117  -13.949 1.00 25.91 ? 34  GLY D N   1 
ATOM   1310 C CA  . GLY D 1 36 ? -8.141  -4.023  -14.656 1.00 28.13 ? 34  GLY D CA  1 
ATOM   1311 C C   . GLY D 1 36 ? -6.915  -3.472  -13.955 1.00 31.52 ? 34  GLY D C   1 
ATOM   1312 O O   . GLY D 1 36 ? -6.708  -2.250  -13.935 1.00 31.58 ? 34  GLY D O   1 
ATOM   1313 N N   . VAL D 1 37 ? -6.099  -4.338  -13.364 1.00 26.74 ? 35  VAL D N   1 
ATOM   1314 C CA  . VAL D 1 37 ? -4.856  -3.913  -12.746 1.00 27.70 ? 35  VAL D CA  1 
ATOM   1315 C C   . VAL D 1 37 ? -3.688  -4.394  -13.594 1.00 28.25 ? 35  VAL D C   1 
ATOM   1316 O O   . VAL D 1 37 ? -3.780  -5.375  -14.341 1.00 28.26 ? 35  VAL D O   1 
ATOM   1317 C CB  . VAL D 1 37 ? -4.711  -4.410  -11.291 1.00 26.04 ? 35  VAL D CB  1 
ATOM   1318 C CG1 . VAL D 1 37 ? -5.735  -3.743  -10.405 1.00 32.23 ? 35  VAL D CG1 1 
ATOM   1319 C CG2 . VAL D 1 37 ? -4.851  -5.923  -11.218 1.00 22.15 ? 35  VAL D CG2 1 
ATOM   1320 N N   . SER D 1 38 ? -2.581  -3.674  -13.475 1.00 24.02 ? 36  SER D N   1 
ATOM   1321 C CA  . SER D 1 38 ? -1.288  -4.073  -14.002 1.00 27.14 ? 36  SER D CA  1 
ATOM   1322 C C   . SER D 1 38 ? -0.385  -4.482  -12.849 1.00 26.10 ? 36  SER D C   1 
ATOM   1323 O O   . SER D 1 38 ? -0.653  -4.187  -11.682 1.00 26.28 ? 36  SER D O   1 
ATOM   1324 C CB  . SER D 1 38 ? -0.642  -2.931  -14.794 1.00 37.18 ? 36  SER D CB  1 
ATOM   1325 O OG  . SER D 1 38 ? -1.496  -2.485  -15.829 1.00 41.49 ? 36  SER D OG  1 
ATOM   1326 N N   . VAL D 1 39 ? 0.700   -5.181  -13.186 1.00 23.92 ? 37  VAL D N   1 
ATOM   1327 C CA  . VAL D 1 39 ? 1.708   -5.505  -12.185 1.00 20.87 ? 37  VAL D CA  1 
ATOM   1328 C C   . VAL D 1 39 ? 2.194   -4.215  -11.541 1.00 28.14 ? 37  VAL D C   1 
ATOM   1329 O O   . VAL D 1 39 ? 2.499   -3.231  -12.228 1.00 28.93 ? 37  VAL D O   1 
ATOM   1330 C CB  . VAL D 1 39 ? 2.862   -6.284  -12.834 1.00 25.31 ? 37  VAL D CB  1 
ATOM   1331 C CG1 . VAL D 1 39 ? 4.001   -6.483  -11.847 1.00 29.62 ? 37  VAL D CG1 1 
ATOM   1332 C CG2 . VAL D 1 39 ? 2.348   -7.617  -13.364 1.00 27.42 ? 37  VAL D CG2 1 
ATOM   1333 N N   . GLY D 1 40 ? 2.236   -4.201  -10.214 1.00 22.46 ? 38  GLY D N   1 
ATOM   1334 C CA  . GLY D 1 40 ? 2.653   -3.025  -9.478  1.00 23.93 ? 38  GLY D CA  1 
ATOM   1335 C C   . GLY D 1 40 ? 1.528   -2.112  -9.030  1.00 23.67 ? 38  GLY D C   1 
ATOM   1336 O O   . GLY D 1 40 ? 1.777   -1.214  -8.210  1.00 23.98 ? 38  GLY D O   1 
ATOM   1337 N N   . ASP D 1 41 ? 0.311   -2.303  -9.538  1.00 23.96 ? 39  ASP D N   1 
ATOM   1338 C CA  . ASP D 1 41 ? -0.838  -1.562  -9.033  1.00 23.94 ? 39  ASP D CA  1 
ATOM   1339 C C   . ASP D 1 41 ? -1.126  -1.991  -7.598  1.00 21.98 ? 39  ASP D C   1 
ATOM   1340 O O   . ASP D 1 41 ? -0.705  -3.057  -7.145  1.00 23.25 ? 39  ASP D O   1 
ATOM   1341 C CB  . ASP D 1 41 ? -2.082  -1.800  -9.900  1.00 29.21 ? 39  ASP D CB  1 
ATOM   1342 C CG  . ASP D 1 41 ? -2.059  -1.033  -11.229 1.00 26.54 ? 39  ASP D CG  1 
ATOM   1343 O OD1 . ASP D 1 41 ? -1.095  -0.282  -11.485 1.00 34.75 ? 39  ASP D OD1 1 
ATOM   1344 O OD2 . ASP D 1 41 ? -3.025  -1.182  -12.019 1.00 34.13 ? 39  ASP D OD2 1 
ATOM   1345 N N   . TYR D 1 42 ? -1.845  -1.143  -6.874  1.00 22.47 ? 40  TYR D N   1 
ATOM   1346 C CA  . TYR D 1 42 ? -2.222  -1.439  -5.500  1.00 20.67 ? 40  TYR D CA  1 
ATOM   1347 C C   . TYR D 1 42 ? -3.598  -2.087  -5.472  1.00 22.14 ? 40  TYR D C   1 
ATOM   1348 O O   . TYR D 1 42 ? -4.502  -1.679  -6.207  1.00 23.93 ? 40  TYR D O   1 
ATOM   1349 C CB  . TYR D 1 42 ? -2.260  -0.162  -4.663  1.00 21.28 ? 40  TYR D CB  1 
ATOM   1350 C CG  . TYR D 1 42 ? -0.965  0.603   -4.611  1.00 18.76 ? 40  TYR D CG  1 
ATOM   1351 C CD1 . TYR D 1 42 ? 0.234   0.009   -4.946  1.00 17.95 ? 40  TYR D CD1 1 
ATOM   1352 C CD2 . TYR D 1 42 ? -0.954  1.928   -4.206  1.00 21.53 ? 40  TYR D CD2 1 
ATOM   1353 C CE1 . TYR D 1 42 ? 1.438   0.721   -4.871  1.00 21.33 ? 40  TYR D CE1 1 
ATOM   1354 C CE2 . TYR D 1 42 ? 0.231   2.642   -4.128  1.00 18.44 ? 40  TYR D CE2 1 
ATOM   1355 C CZ  . TYR D 1 42 ? 1.413   2.037   -4.475  1.00 21.82 ? 40  TYR D CZ  1 
ATOM   1356 O OH  . TYR D 1 42 ? 2.581   2.755   -4.400  1.00 17.97 ? 40  TYR D OH  1 
ATOM   1357 N N   . VAL D 1 43 ? -3.757  -3.094  -4.614  1.00 20.79 ? 41  VAL D N   1 
ATOM   1358 C CA  . VAL D 1 43 ? -5.061  -3.695  -4.379  1.00 19.84 ? 41  VAL D CA  1 
ATOM   1359 C C   . VAL D 1 43 ? -5.324  -3.770  -2.885  1.00 20.91 ? 41  VAL D C   1 
ATOM   1360 O O   . VAL D 1 43 ? -4.400  -3.815  -2.064  1.00 20.07 ? 41  VAL D O   1 
ATOM   1361 C CB  . VAL D 1 43 ? -5.199  -5.108  -4.998  1.00 17.49 ? 41  VAL D CB  1 
ATOM   1362 C CG1 . VAL D 1 43 ? -5.203  -5.015  -6.492  1.00 20.97 ? 41  VAL D CG1 1 
ATOM   1363 C CG2 . VAL D 1 43 ? -4.071  -6.007  -4.526  1.00 18.31 ? 41  VAL D CG2 1 
ATOM   1364 N N   . GLU D 1 44 ? -6.609  -3.775  -2.545  1.00 20.86 ? 42  GLU D N   1 
ATOM   1365 C CA  . GLU D 1 44 ? -7.083  -3.991  -1.189  1.00 22.44 ? 42  GLU D CA  1 
ATOM   1366 C C   . GLU D 1 44 ? -7.599  -5.415  -1.088  1.00 24.60 ? 42  GLU D C   1 
ATOM   1367 O O   . GLU D 1 44 ? -8.303  -5.883  -1.983  1.00 21.91 ? 42  GLU D O   1 
ATOM   1368 C CB  . GLU D 1 44 ? -8.199  -2.998  -0.847  1.00 24.84 ? 42  GLU D CB  1 
ATOM   1369 C CG  . GLU D 1 44 ? -8.770  -3.142  0.543   1.00 26.32 ? 42  GLU D CG  1 
ATOM   1370 C CD  . GLU D 1 44 ? -10.102 -2.405  0.712   1.00 31.09 ? 42  GLU D CD  1 
ATOM   1371 O OE1 . GLU D 1 44 ? -10.669 -1.937  -0.299  1.00 43.36 ? 42  GLU D OE1 1 
ATOM   1372 O OE2 . GLU D 1 44 ? -10.578 -2.301  1.858   1.00 44.10 ? 42  GLU D OE2 1 
ATOM   1373 N N   . VAL D 1 45 ? -7.245  -6.102  -0.008  1.00 18.57 ? 43  VAL D N   1 
ATOM   1374 C CA  . VAL D 1 45 ? -7.613  -7.494  0.205   1.00 19.33 ? 43  VAL D CA  1 
ATOM   1375 C C   . VAL D 1 45 ? -8.393  -7.595  1.504   1.00 26.01 ? 43  VAL D C   1 
ATOM   1376 O O   . VAL D 1 45 ? -8.010  -7.002  2.517   1.00 22.44 ? 43  VAL D O   1 
ATOM   1377 C CB  . VAL D 1 45 ? -6.380  -8.421  0.226   1.00 20.64 ? 43  VAL D CB  1 
ATOM   1378 C CG1 . VAL D 1 45 ? -6.816  -9.883  0.239   1.00 18.40 ? 43  VAL D CG1 1 
ATOM   1379 C CG2 . VAL D 1 45 ? -5.494  -8.142  -0.989  1.00 19.33 ? 43  VAL D CG2 1 
ATOM   1380 N N   . LYS D 1 46 ? -9.494  -8.342  1.466   1.00 20.05 ? 44  LYS D N   1 
ATOM   1381 C CA  . LYS D 1 46 ? -10.414 -8.470  2.584   1.00 20.13 ? 44  LYS D CA  1 
ATOM   1382 C C   . LYS D 1 46 ? -10.857 -9.921  2.675   1.00 22.44 ? 44  LYS D C   1 
ATOM   1383 O O   . LYS D 1 46 ? -11.018 -10.584 1.649   1.00 22.93 ? 44  LYS D O   1 
ATOM   1384 C CB  . LYS D 1 46 ? -11.640 -7.561  2.383   1.00 29.45 ? 44  LYS D CB  1 
ATOM   1385 C CG  . LYS D 1 46 ? -11.856 -6.523  3.459   1.00 38.08 ? 44  LYS D CG  1 
ATOM   1386 C CD  . LYS D 1 46 ? -13.069 -5.642  3.157   1.00 46.16 ? 44  LYS D CD  1 
ATOM   1387 C CE  . LYS D 1 46 ? -12.860 -4.799  1.903   1.00 45.68 ? 44  LYS D CE  1 
ATOM   1388 N NZ  . LYS D 1 46 ? -13.894 -3.724  1.775   1.00 51.15 ? 44  LYS D NZ  1 
ATOM   1389 N N   . LYS D 1 47 ? -11.069 -10.409 3.897   1.00 24.57 ? 45  LYS D N   1 
ATOM   1390 C CA  . LYS D 1 47 ? -11.540 -11.777 4.071   1.00 23.36 ? 45  LYS D CA  1 
ATOM   1391 C C   . LYS D 1 47 ? -12.984 -11.914 3.597   1.00 29.05 ? 45  LYS D C   1 
ATOM   1392 O O   . LYS D 1 47 ? -13.799 -11.000 3.755   1.00 30.22 ? 45  LYS D O   1 
ATOM   1393 C CB  . LYS D 1 47 ? -11.421 -12.194 5.541   1.00 26.23 ? 45  LYS D CB  1 
ATOM   1394 C CG  . LYS D 1 47 ? -11.817 -13.637 5.781   1.00 34.27 ? 45  LYS D CG  1 
ATOM   1395 C CD  . LYS D 1 47 ? -11.628 -14.067 7.227   1.00 39.18 ? 45  LYS D CD  1 
ATOM   1396 C CE  . LYS D 1 47 ? -12.004 -15.539 7.382   1.00 47.49 ? 45  LYS D CE  1 
ATOM   1397 N NZ  . LYS D 1 47 ? -11.747 -16.066 8.748   1.00 54.71 ? 45  LYS D NZ  1 
ATOM   1398 N N   . VAL D 1 48 ? -13.289 -13.052 2.986   1.00 24.61 ? 46  VAL D N   1 
ATOM   1399 C CA  . VAL D 1 48 ? -14.655 -13.360 2.585   1.00 26.82 ? 46  VAL D CA  1 
ATOM   1400 C C   . VAL D 1 48 ? -15.297 -14.242 3.646   1.00 36.37 ? 46  VAL D C   1 
ATOM   1401 O O   . VAL D 1 48 ? -16.392 -13.947 4.129   1.00 39.00 ? 46  VAL D O   1 
ATOM   1402 C CB  . VAL D 1 48 ? -14.687 -14.045 1.208   1.00 25.94 ? 46  VAL D CB  1 
ATOM   1403 C CG1 . VAL D 1 48 ? -16.086 -14.573 0.903   1.00 32.26 ? 46  VAL D CG1 1 
ATOM   1404 C CG2 . VAL D 1 48 ? -14.232 -13.075 0.143   1.00 27.20 ? 46  VAL D CG2 1 
ATOM   1405 O OXT . VAL D 1 48 ? -14.729 -15.267 4.037   1.00 35.92 ? 46  VAL D OXT 1 
HETATM 1406 S S   . SO4 E 2 .  ? 0.255   20.279  -13.708 1.00 52.50 ? 101 SO4 B S   1 
HETATM 1407 O O1  . SO4 E 2 .  ? 0.418   18.995  -14.378 1.00 32.36 ? 101 SO4 B O1  1 
HETATM 1408 O O2  . SO4 E 2 .  ? -0.980  20.937  -14.147 1.00 38.38 ? 101 SO4 B O2  1 
HETATM 1409 O O3  . SO4 E 2 .  ? 1.405   21.137  -14.020 1.00 44.65 ? 101 SO4 B O3  1 
HETATM 1410 O O4  . SO4 E 2 .  ? 0.198   20.041  -12.264 1.00 48.19 ? 101 SO4 B O4  1 
HETATM 1411 S S   . SO4 F 2 .  ? 5.192   17.146  -8.742  1.00 24.96 ? 102 SO4 B S   1 
HETATM 1412 O O1  . SO4 F 2 .  ? 4.506   15.990  -9.350  1.00 21.25 ? 102 SO4 B O1  1 
HETATM 1413 O O2  . SO4 F 2 .  ? 4.524   18.375  -9.171  1.00 26.71 ? 102 SO4 B O2  1 
HETATM 1414 O O3  . SO4 F 2 .  ? 6.607   17.143  -9.119  1.00 27.69 ? 102 SO4 B O3  1 
HETATM 1415 O O4  . SO4 F 2 .  ? 5.117   17.053  -7.282  1.00 26.63 ? 102 SO4 B O4  1 
HETATM 1416 S S   . SO4 G 2 .  ? 0.385   22.932  -6.621  1.00 50.64 ? 103 SO4 B S   1 
HETATM 1417 O O1  . SO4 G 2 .  ? -0.920  23.390  -7.097  1.00 43.83 ? 103 SO4 B O1  1 
HETATM 1418 O O2  . SO4 G 2 .  ? 1.229   22.541  -7.747  1.00 43.71 ? 103 SO4 B O2  1 
HETATM 1419 O O3  . SO4 G 2 .  ? 0.180   21.782  -5.748  1.00 42.73 ? 103 SO4 B O3  1 
HETATM 1420 O O4  . SO4 G 2 .  ? 1.035   23.996  -5.856  1.00 53.27 ? 103 SO4 B O4  1 
HETATM 1421 S S   . SO4 H 2 .  ? -0.270  -28.858 -9.066  1.00 23.10 ? 101 SO4 C S   1 
HETATM 1422 O O1  . SO4 H 2 .  ? -1.348  -29.322 -9.958  1.00 19.93 ? 101 SO4 C O1  1 
HETATM 1423 O O2  . SO4 H 2 .  ? 0.043   -27.476 -9.426  1.00 23.89 ? 101 SO4 C O2  1 
HETATM 1424 O O3  . SO4 H 2 .  ? -0.796  -28.924 -7.696  1.00 28.97 ? 101 SO4 C O3  1 
HETATM 1425 O O4  . SO4 H 2 .  ? 0.870   -29.720 -9.328  1.00 23.20 ? 101 SO4 C O4  1 
HETATM 1426 S S   . SO4 I 2 .  ? 4.393   -18.103 4.260   1.00 37.79 ? 102 SO4 C S   1 
HETATM 1427 O O1  . SO4 I 2 .  ? 3.976   -18.881 5.422   1.00 40.66 ? 102 SO4 C O1  1 
HETATM 1428 O O2  . SO4 I 2 .  ? 3.255   -17.948 3.337   1.00 29.68 ? 102 SO4 C O2  1 
HETATM 1429 O O3  . SO4 I 2 .  ? 4.848   -16.785 4.696   1.00 29.64 ? 102 SO4 C O3  1 
HETATM 1430 O O4  . SO4 I 2 .  ? 5.476   -18.807 3.569   1.00 47.76 ? 102 SO4 C O4  1 
HETATM 1431 S S   . CXS J 3 .  ? 0.637   -14.531 -15.270 1.00 23.00 ? 103 CXS C S   1 
HETATM 1432 O O1  . CXS J 3 .  ? -0.680  -15.258 -15.393 1.00 23.57 ? 103 CXS C O1  1 
HETATM 1433 O O2  . CXS J 3 .  ? 0.745   -13.383 -16.228 1.00 23.35 ? 103 CXS C O2  1 
HETATM 1434 O O3  . CXS J 3 .  ? 0.774   -13.846 -13.926 1.00 28.04 ? 103 CXS C O3  1 
HETATM 1435 C C1  . CXS J 3 .  ? 1.991   -15.719 -15.463 1.00 22.15 ? 103 CXS C C1  1 
HETATM 1436 C C2  . CXS J 3 .  ? 3.262   -14.931 -15.768 1.00 26.91 ? 103 CXS C C2  1 
HETATM 1437 C C3  . CXS J 3 .  ? 4.473   -15.645 -15.178 1.00 31.93 ? 103 CXS C C3  1 
HETATM 1438 N N   . CXS J 3 .  ? 4.926   -14.810 -14.071 1.00 36.99 ? 103 CXS C N   1 
HETATM 1439 C C4  . CXS J 3 .  ? 6.283   -15.150 -13.658 1.00 24.65 ? 103 CXS C C4  1 
HETATM 1440 C C5  . CXS J 3 .  ? 6.384   -14.995 -12.129 1.00 27.26 ? 103 CXS C C5  1 
HETATM 1441 C C6  . CXS J 3 .  ? 7.808   -15.109 -11.620 1.00 35.06 ? 103 CXS C C6  1 
HETATM 1442 C C7  . CXS J 3 .  ? 8.670   -14.082 -12.339 1.00 32.28 ? 103 CXS C C7  1 
HETATM 1443 C C8  . CXS J 3 .  ? 8.652   -14.289 -13.854 1.00 36.06 ? 103 CXS C C8  1 
HETATM 1444 C C9  . CXS J 3 .  ? 7.242   -14.241 -14.436 1.00 25.83 ? 103 CXS C C9  1 
HETATM 1445 O O   . HOH K 4 .  ? 15.162  17.739  -0.748  1.00 40.22 ? 101 HOH A O   1 
HETATM 1446 O O   . HOH K 4 .  ? 9.038   23.260  -4.030  1.00 28.76 ? 102 HOH A O   1 
HETATM 1447 O O   . HOH K 4 .  ? 11.358  3.516   -8.324  1.00 47.58 ? 103 HOH A O   1 
HETATM 1448 O O   . HOH K 4 .  ? 9.013   0.178   11.797  1.00 35.62 ? 104 HOH A O   1 
HETATM 1449 O O   . HOH K 4 .  ? 8.833   12.340  -3.786  1.00 25.84 ? 105 HOH A O   1 
HETATM 1450 O O   . HOH K 4 .  ? 3.855   -3.306  -1.588  1.00 22.01 ? 106 HOH A O   1 
HETATM 1451 O O   . HOH K 4 .  ? 4.731   28.806  3.032   1.00 39.41 ? 107 HOH A O   1 
HETATM 1452 O O   . HOH K 4 .  ? -1.911  1.711   -8.403  1.00 33.39 ? 108 HOH A O   1 
HETATM 1453 O O   . HOH K 4 .  ? 11.160  6.289   -6.829  1.00 37.46 ? 109 HOH A O   1 
HETATM 1454 O O   . HOH K 4 .  ? 17.539  7.164   14.480  1.00 39.71 ? 110 HOH A O   1 
HETATM 1455 O O   . HOH K 4 .  ? -1.362  5.381   11.924  1.00 37.62 ? 111 HOH A O   1 
HETATM 1456 O O   . HOH K 4 .  ? 5.721   -2.361  -0.097  1.00 24.06 ? 112 HOH A O   1 
HETATM 1457 O O   . HOH K 4 .  ? 8.498   2.965   12.395  1.00 38.06 ? 113 HOH A O   1 
HETATM 1458 O O   . HOH K 4 .  ? 9.094   15.217  11.012  1.00 34.21 ? 114 HOH A O   1 
HETATM 1459 O O   . HOH K 4 .  ? 9.183   13.752  -13.018 1.00 48.71 ? 115 HOH A O   1 
HETATM 1460 O O   . HOH K 4 .  ? 4.674   9.503   -5.991  1.00 21.71 ? 116 HOH A O   1 
HETATM 1461 O O   . HOH K 4 .  ? 9.504   3.350   10.523  1.00 32.12 ? 117 HOH A O   1 
HETATM 1462 O O   . HOH K 4 .  ? 8.873   8.908   -12.446 1.00 38.83 ? 118 HOH A O   1 
HETATM 1463 O O   . HOH K 4 .  ? 5.085   -0.299  13.430  1.00 46.02 ? 119 HOH A O   1 
HETATM 1464 O O   . HOH K 4 .  ? -0.045  0.072   6.910   1.00 34.22 ? 120 HOH A O   1 
HETATM 1465 O O   . HOH K 4 .  ? 10.467  5.063   12.436  1.00 21.43 ? 121 HOH A O   1 
HETATM 1466 O O   . HOH K 4 .  ? 0.355   -1.319  5.130   1.00 28.54 ? 122 HOH A O   1 
HETATM 1467 O O   . HOH K 4 .  ? 4.689   -2.916  9.753   1.00 39.01 ? 123 HOH A O   1 
HETATM 1468 O O   . HOH K 4 .  ? 9.833   13.544  3.121   1.00 25.62 ? 124 HOH A O   1 
HETATM 1469 O O   . HOH K 4 .  ? 9.719   17.233  -9.393  1.00 37.17 ? 125 HOH A O   1 
HETATM 1470 O O   . HOH K 4 .  ? 2.419   -3.310  4.158   1.00 32.72 ? 126 HOH A O   1 
HETATM 1471 O O   . HOH K 4 .  ? -7.193  10.175  14.545  1.00 54.29 ? 127 HOH A O   1 
HETATM 1472 O O   . HOH K 4 .  ? 6.072   11.365  -3.896  1.00 26.78 ? 128 HOH A O   1 
HETATM 1473 O O   . HOH K 4 .  ? 13.237  5.017   -3.873  1.00 49.98 ? 129 HOH A O   1 
HETATM 1474 O O   . HOH K 4 .  ? 13.553  5.167   -1.601  1.00 38.11 ? 130 HOH A O   1 
HETATM 1475 O O   . HOH K 4 .  ? 12.319  7.001   -12.610 1.00 50.55 ? 131 HOH A O   1 
HETATM 1476 O O   . HOH K 4 .  ? 6.337   24.480  -5.459  1.00 36.95 ? 132 HOH A O   1 
HETATM 1477 O O   . HOH K 4 .  ? -0.433  8.221   -10.146 1.00 28.71 ? 133 HOH A O   1 
HETATM 1478 O O   . HOH L 4 .  ? -1.467  25.495  0.757   1.00 40.51 ? 201 HOH B O   1 
HETATM 1479 O O   . HOH L 4 .  ? -1.407  20.627  -6.667  1.00 43.24 ? 202 HOH B O   1 
HETATM 1480 O O   . HOH L 4 .  ? 17.746  8.341   4.190   1.00 40.95 ? 203 HOH B O   1 
HETATM 1481 O O   . HOH L 4 .  ? 14.465  3.143   1.448   1.00 40.59 ? 204 HOH B O   1 
HETATM 1482 O O   . HOH L 4 .  ? 4.868   2.260   -6.783  1.00 40.65 ? 205 HOH B O   1 
HETATM 1483 O O   . HOH L 4 .  ? -2.533  8.666   -8.107  1.00 45.18 ? 206 HOH B O   1 
HETATM 1484 O O   . HOH L 4 .  ? 2.302   10.778  -4.468  1.00 24.73 ? 207 HOH B O   1 
HETATM 1485 O O   . HOH L 4 .  ? 9.873   15.513  7.429   1.00 38.21 ? 208 HOH B O   1 
HETATM 1486 O O   . HOH L 4 .  ? 1.410   8.874   -8.173  1.00 18.63 ? 209 HOH B O   1 
HETATM 1487 O O   . HOH L 4 .  ? 8.569   22.055  9.890   1.00 44.43 ? 210 HOH B O   1 
HETATM 1488 O O   . HOH L 4 .  ? 3.538   19.776  -11.364 1.00 38.59 ? 211 HOH B O   1 
HETATM 1489 O O   . HOH L 4 .  ? 8.278   2.137   -0.347  1.00 29.67 ? 212 HOH B O   1 
HETATM 1490 O O   . HOH L 4 .  ? 11.693  13.314  1.747   1.00 26.43 ? 213 HOH B O   1 
HETATM 1491 O O   . HOH L 4 .  ? 1.725   -1.361  9.692   1.00 45.31 ? 214 HOH B O   1 
HETATM 1492 O O   . HOH L 4 .  ? 11.112  22.091  2.386   1.00 45.48 ? 215 HOH B O   1 
HETATM 1493 O O   . HOH L 4 .  ? -5.914  24.172  -2.167  1.00 44.75 ? 216 HOH B O   1 
HETATM 1494 O O   . HOH L 4 .  ? 12.158  4.124   0.593   1.00 27.16 ? 217 HOH B O   1 
HETATM 1495 O O   . HOH L 4 .  ? 3.899   24.841  -6.097  1.00 48.11 ? 218 HOH B O   1 
HETATM 1496 O O   . HOH L 4 .  ? -4.274  23.512  4.569   1.00 43.44 ? 219 HOH B O   1 
HETATM 1497 O O   . HOH L 4 .  ? 1.093   23.659  -15.829 1.00 41.10 ? 220 HOH B O   1 
HETATM 1498 O O   . HOH L 4 .  ? 5.250   23.882  -7.682  1.00 48.15 ? 221 HOH B O   1 
HETATM 1499 O O   . HOH M 4 .  ? -10.195 -6.422  6.398   1.00 44.79 ? 201 HOH C O   1 
HETATM 1500 O O   . HOH M 4 .  ? 1.328   -4.892  2.348   1.00 31.31 ? 202 HOH C O   1 
HETATM 1501 O O   . HOH M 4 .  ? -4.524  0.165   -8.281  1.00 34.66 ? 203 HOH C O   1 
HETATM 1502 O O   . HOH M 4 .  ? -8.057  -17.910 10.128  1.00 46.71 ? 204 HOH C O   1 
HETATM 1503 O O   . HOH M 4 .  ? 1.814   -17.698 -8.063  1.00 20.20 ? 205 HOH C O   1 
HETATM 1504 O O   . HOH M 4 .  ? -4.904  -23.160 6.994   1.00 42.45 ? 206 HOH C O   1 
HETATM 1505 O O   . HOH M 4 .  ? -4.322  -18.584 -9.827  1.00 28.94 ? 207 HOH C O   1 
HETATM 1506 O O   . HOH M 4 .  ? 5.111   -9.197  3.888   1.00 39.04 ? 208 HOH C O   1 
HETATM 1507 O O   . HOH M 4 .  ? 7.009   -8.350  -13.151 1.00 31.52 ? 209 HOH C O   1 
HETATM 1508 O O   . HOH M 4 .  ? 1.682   -9.321  10.231  1.00 31.08 ? 210 HOH C O   1 
HETATM 1509 O O   . HOH M 4 .  ? -1.286  -23.771 -14.107 1.00 29.39 ? 211 HOH C O   1 
HETATM 1510 O O   . HOH M 4 .  ? -8.889  -5.938  9.028   1.00 44.28 ? 212 HOH C O   1 
HETATM 1511 O O   . HOH M 4 .  ? -1.986  -17.446 8.339   1.00 38.58 ? 213 HOH C O   1 
HETATM 1512 O O   . HOH M 4 .  ? -3.371  2.294   -10.121 1.00 44.28 ? 214 HOH C O   1 
HETATM 1513 O O   . HOH M 4 .  ? -6.541  5.381   -3.272  1.00 29.22 ? 215 HOH C O   1 
HETATM 1514 O O   . HOH M 4 .  ? 6.685   -5.270  -2.086  1.00 38.46 ? 216 HOH C O   1 
HETATM 1515 O O   . HOH M 4 .  ? 0.181   -24.527 -3.667  1.00 48.66 ? 217 HOH C O   1 
HETATM 1516 O O   . HOH M 4 .  ? -10.340 -20.754 -5.692  1.00 40.40 ? 218 HOH C O   1 
HETATM 1517 O O   . HOH M 4 .  ? 0.001   -15.826 9.548   1.00 34.34 ? 219 HOH C O   1 
HETATM 1518 O O   . HOH M 4 .  ? -2.874  -16.383 -9.181  1.00 28.00 ? 220 HOH C O   1 
HETATM 1519 O O   . HOH M 4 .  ? -11.277 -6.041  -1.039  1.00 33.91 ? 221 HOH C O   1 
HETATM 1520 O O   . HOH M 4 .  ? 5.076   -6.227  -8.182  1.00 37.52 ? 222 HOH C O   1 
HETATM 1521 O O   . HOH M 4 .  ? 3.480   -14.054 -2.631  1.00 23.01 ? 223 HOH C O   1 
HETATM 1522 O O   . HOH M 4 .  ? -1.635  -2.840  4.506   1.00 34.55 ? 224 HOH C O   1 
HETATM 1523 O O   . HOH M 4 .  ? -14.956 -23.713 -12.204 1.00 48.20 ? 225 HOH C O   1 
HETATM 1524 O O   . HOH M 4 .  ? -1.677  -24.990 -5.235  1.00 43.82 ? 226 HOH C O   1 
HETATM 1525 O O   . HOH M 4 .  ? -0.167  -16.884 -18.091 1.00 35.99 ? 227 HOH C O   1 
HETATM 1526 O O   . HOH M 4 .  ? 3.482   -7.496  5.648   1.00 35.33 ? 228 HOH C O   1 
HETATM 1527 O O   . HOH M 4 .  ? 5.151   -7.495  -16.018 1.00 43.58 ? 229 HOH C O   1 
HETATM 1528 O O   . HOH M 4 .  ? 6.340   -3.766  -7.837  1.00 38.00 ? 230 HOH C O   1 
HETATM 1529 O O   . HOH M 4 .  ? 3.340   -4.934  11.250  1.00 50.05 ? 231 HOH C O   1 
HETATM 1530 O O   . HOH M 4 .  ? -1.920  -19.780 8.317   1.00 42.74 ? 232 HOH C O   1 
HETATM 1531 O O   . HOH M 4 .  ? -8.507  -8.370  11.125  1.00 50.35 ? 233 HOH C O   1 
HETATM 1532 O O   . HOH M 4 .  ? -2.271  -19.792 10.664  1.00 54.04 ? 234 HOH C O   1 
HETATM 1533 O O   . HOH M 4 .  ? -11.579 -8.784  10.627  1.00 51.39 ? 235 HOH C O   1 
HETATM 1534 O O   . HOH N 4 .  ? -17.200 -4.608  -7.090  1.00 44.40 ? 101 HOH D O   1 
HETATM 1535 O O   . HOH N 4 .  ? -7.522  -23.721 -6.735  1.00 43.56 ? 102 HOH D O   1 
HETATM 1536 O O   . HOH N 4 .  ? 11.816  -17.846 2.790   1.00 39.39 ? 103 HOH D O   1 
HETATM 1537 O O   . HOH N 4 .  ? -7.204  -17.930 -12.098 1.00 25.04 ? 104 HOH D O   1 
HETATM 1538 O O   . HOH N 4 .  ? -3.553  -0.207  -14.317 1.00 42.45 ? 105 HOH D O   1 
HETATM 1539 O O   . HOH N 4 .  ? -17.487 -10.759 -11.000 1.00 41.97 ? 106 HOH D O   1 
HETATM 1540 O O   . HOH N 4 .  ? -4.928  -22.401 -0.390  1.00 31.25 ? 107 HOH D O   1 
HETATM 1541 O O   . HOH N 4 .  ? -18.208 -12.206 3.475   1.00 46.00 ? 108 HOH D O   1 
HETATM 1542 O O   . HOH N 4 .  ? -11.398 -2.619  -10.960 1.00 35.02 ? 109 HOH D O   1 
HETATM 1543 O O   . HOH N 4 .  ? -11.856 -3.168  -8.050  1.00 29.43 ? 110 HOH D O   1 
HETATM 1544 O O   . HOH N 4 .  ? -3.694  -20.091 -19.873 1.00 38.39 ? 111 HOH D O   1 
HETATM 1545 O O   . HOH N 4 .  ? -5.738  -17.802 -22.556 1.00 45.29 ? 112 HOH D O   1 
HETATM 1546 O O   . HOH N 4 .  ? 2.815   -11.474 0.600   1.00 25.95 ? 113 HOH D O   1 
HETATM 1547 O O   . HOH N 4 .  ? -2.064  -7.311  -15.930 1.00 33.23 ? 114 HOH D O   1 
HETATM 1548 O O   . HOH N 4 .  ? 4.762   -16.354 -3.676  1.00 24.62 ? 115 HOH D O   1 
HETATM 1549 O O   . HOH N 4 .  ? -13.027 -17.502 3.796   1.00 43.32 ? 116 HOH D O   1 
HETATM 1550 O O   . HOH N 4 .  ? -3.741  -9.339  -17.295 1.00 25.62 ? 117 HOH D O   1 
HETATM 1551 O O   . HOH N 4 .  ? -0.765  -16.693 -7.611  1.00 24.61 ? 118 HOH D O   1 
HETATM 1552 O O   . HOH N 4 .  ? 4.832   -13.024 -0.625  1.00 29.96 ? 119 HOH D O   1 
HETATM 1553 O O   . HOH N 4 .  ? -11.459 -8.642  6.250   1.00 35.06 ? 120 HOH D O   1 
HETATM 1554 O O   . HOH N 4 .  ? 0.899   -5.755  -16.233 1.00 44.47 ? 121 HOH D O   1 
HETATM 1555 O O   . HOH N 4 .  ? -16.620 -8.347  -10.242 1.00 42.12 ? 122 HOH D O   1 
HETATM 1556 O O   . HOH N 4 .  ? -0.695  -23.023 -0.140  1.00 35.15 ? 123 HOH D O   1 
HETATM 1557 O O   . HOH N 4 .  ? -1.127  -9.458  -18.740 1.00 43.28 ? 124 HOH D O   1 
HETATM 1558 O O   . HOH N 4 .  ? 0.276   -7.851  -17.629 1.00 45.64 ? 125 HOH D O   1 
HETATM 1559 O O   . HOH N 4 .  ? 1.276   2.215   -8.623  1.00 41.89 ? 126 HOH D O   1 
HETATM 1560 O O   . HOH N 4 .  ? 8.212   -5.215  -0.127  1.00 38.41 ? 127 HOH D O   1 
HETATM 1561 O O   . HOH N 4 .  ? -14.512 -19.132 4.887   1.00 46.95 ? 128 HOH D O   1 
HETATM 1562 O O   . HOH N 4 .  ? -0.490  -5.954  -17.816 1.00 53.00 ? 129 HOH D O   1 
HETATM 1563 O O   . HOH N 4 .  ? -0.688  -5.233  -20.062 1.00 47.59 ? 130 HOH D O   1 
# 
loop_
_pdbx_poly_seq_scheme.asym_id 
_pdbx_poly_seq_scheme.entity_id 
_pdbx_poly_seq_scheme.seq_id 
_pdbx_poly_seq_scheme.mon_id 
_pdbx_poly_seq_scheme.ndb_seq_num 
_pdbx_poly_seq_scheme.pdb_seq_num 
_pdbx_poly_seq_scheme.auth_seq_num 
_pdbx_poly_seq_scheme.pdb_mon_id 
_pdbx_poly_seq_scheme.auth_mon_id 
_pdbx_poly_seq_scheme.pdb_strand_id 
_pdbx_poly_seq_scheme.pdb_ins_code 
_pdbx_poly_seq_scheme.hetero 
A 1 1  GLY 1  -1 -1 GLY GLY A . n 
A 1 2  PRO 2  0  0  PRO PRO A . n 
A 1 3  MET 3  1  1  MET MET A . n 
A 1 4  PRO 4  2  2  PRO PRO A . n 
A 1 5  GLY 5  3  3  GLY GLY A . n 
A 1 6  LYS 6  4  4  LYS LYS A . n 
A 1 7  SER 7  5  5  SER SER A . n 
A 1 8  VAL 8  6  6  VAL VAL A . n 
A 1 9  VAL 9  7  7  VAL VAL A . n 
A 1 10 ALA 10 8  8  ALA ALA A . n 
A 1 11 ARG 11 9  9  ARG ARG A . n 
A 1 12 VAL 12 10 10 VAL VAL A . n 
A 1 13 ALA 13 11 11 ALA ALA A . n 
A 1 14 GLU 14 12 12 GLU GLU A . n 
A 1 15 ALA 15 13 13 ALA ALA A . n 
A 1 16 TYR 16 14 14 TYR TYR A . n 
A 1 17 PRO 17 15 15 PRO PRO A . n 
A 1 18 GLU 18 16 16 GLU GLU A . n 
A 1 19 ASP 19 17 17 ASP ASP A . n 
A 1 20 VAL 20 18 18 VAL VAL A . n 
A 1 21 GLY 21 19 19 GLY GLY A . n 
A 1 22 LYS 22 20 20 LYS LYS A . n 
A 1 23 ARG 23 21 21 ARG ARG A . n 
A 1 24 ILE 24 22 22 ILE ILE A . n 
A 1 25 VAL 25 23 23 VAL VAL A . n 
A 1 26 ARG 26 24 24 ARG ARG A . n 
A 1 27 MET 27 25 25 MET MET A . n 
A 1 28 ASP 28 26 26 ASP ASP A . n 
A 1 29 LYS 29 27 27 LYS LYS A . n 
A 1 30 TYR 30 28 28 TYR TYR A . n 
A 1 31 GLU 31 29 29 GLU GLU A . n 
A 1 32 ARG 32 30 30 ARG ARG A . n 
A 1 33 ALA 33 31 31 ALA ALA A . n 
A 1 34 LYS 34 32 32 LYS LYS A . n 
A 1 35 LEU 35 33 33 LEU LEU A . n 
A 1 36 GLY 36 34 34 GLY GLY A . n 
A 1 37 VAL 37 35 35 VAL VAL A . n 
A 1 38 SER 38 36 36 SER SER A . n 
A 1 39 VAL 39 37 37 VAL VAL A . n 
A 1 40 GLY 40 38 38 GLY GLY A . n 
A 1 41 ASP 41 39 39 ASP ASP A . n 
A 1 42 TYR 42 40 40 TYR TYR A . n 
A 1 43 VAL 43 41 41 VAL VAL A . n 
A 1 44 GLU 44 42 42 GLU GLU A . n 
A 1 45 VAL 45 43 43 VAL VAL A . n 
A 1 46 LYS 46 44 44 LYS LYS A . n 
A 1 47 LYS 47 45 45 LYS LYS A . n 
A 1 48 VAL 48 46 46 VAL VAL A . n 
B 1 1  GLY 1  -1 ?  ?   ?   B . n 
B 1 2  PRO 2  0  ?  ?   ?   B . n 
B 1 3  MET 3  1  ?  ?   ?   B . n 
B 1 4  PRO 4  2  ?  ?   ?   B . n 
B 1 5  GLY 5  3  ?  ?   ?   B . n 
B 1 6  LYS 6  4  4  LYS LYS B . n 
B 1 7  SER 7  5  5  SER SER B . n 
B 1 8  VAL 8  6  6  VAL VAL B . n 
B 1 9  VAL 9  7  7  VAL VAL B . n 
B 1 10 ALA 10 8  8  ALA ALA B . n 
B 1 11 ARG 11 9  9  ARG ARG B . n 
B 1 12 VAL 12 10 10 VAL VAL B . n 
B 1 13 ALA 13 11 11 ALA ALA B . n 
B 1 14 GLU 14 12 12 GLU GLU B . n 
B 1 15 ALA 15 13 13 ALA ALA B . n 
B 1 16 TYR 16 14 14 TYR TYR B . n 
B 1 17 PRO 17 15 15 PRO PRO B . n 
B 1 18 GLU 18 16 16 GLU GLU B . n 
B 1 19 ASP 19 17 17 ASP ASP B . n 
B 1 20 VAL 20 18 18 VAL VAL B . n 
B 1 21 GLY 21 19 19 GLY GLY B . n 
B 1 22 LYS 22 20 20 LYS LYS B . n 
B 1 23 ARG 23 21 21 ARG ARG B . n 
B 1 24 ILE 24 22 22 ILE ILE B . n 
B 1 25 VAL 25 23 23 VAL VAL B . n 
B 1 26 ARG 26 24 24 ARG ARG B . n 
B 1 27 MET 27 25 25 MET MET B . n 
B 1 28 ASP 28 26 26 ASP ASP B . n 
B 1 29 LYS 29 27 27 LYS LYS B . n 
B 1 30 TYR 30 28 28 TYR TYR B . n 
B 1 31 GLU 31 29 29 GLU GLU B . n 
B 1 32 ARG 32 30 30 ARG ARG B . n 
B 1 33 ALA 33 31 31 ALA ALA B . n 
B 1 34 LYS 34 32 32 LYS LYS B . n 
B 1 35 LEU 35 33 33 LEU LEU B . n 
B 1 36 GLY 36 34 34 GLY GLY B . n 
B 1 37 VAL 37 35 35 VAL VAL B . n 
B 1 38 SER 38 36 36 SER SER B . n 
B 1 39 VAL 39 37 37 VAL VAL B . n 
B 1 40 GLY 40 38 38 GLY GLY B . n 
B 1 41 ASP 41 39 39 ASP ASP B . n 
B 1 42 TYR 42 40 40 TYR TYR B . n 
B 1 43 VAL 43 41 41 VAL VAL B . n 
B 1 44 GLU 44 42 42 GLU GLU B . n 
B 1 45 VAL 45 43 43 VAL VAL B . n 
B 1 46 LYS 46 44 44 LYS LYS B . n 
B 1 47 LYS 47 45 45 LYS LYS B . n 
B 1 48 VAL 48 46 46 VAL VAL B . n 
C 1 1  GLY 1  -1 ?  ?   ?   C . n 
C 1 2  PRO 2  0  ?  ?   ?   C . n 
C 1 3  MET 3  1  ?  ?   ?   C . n 
C 1 4  PRO 4  2  ?  ?   ?   C . n 
C 1 5  GLY 5  3  ?  ?   ?   C . n 
C 1 6  LYS 6  4  ?  ?   ?   C . n 
C 1 7  SER 7  5  5  SER SER C . n 
C 1 8  VAL 8  6  6  VAL VAL C . n 
C 1 9  VAL 9  7  7  VAL VAL C . n 
C 1 10 ALA 10 8  8  ALA ALA C . n 
C 1 11 ARG 11 9  9  ARG ARG C . n 
C 1 12 VAL 12 10 10 VAL VAL C . n 
C 1 13 ALA 13 11 11 ALA ALA C . n 
C 1 14 GLU 14 12 12 GLU GLU C . n 
C 1 15 ALA 15 13 13 ALA ALA C . n 
C 1 16 TYR 16 14 14 TYR TYR C . n 
C 1 17 PRO 17 15 15 PRO PRO C . n 
C 1 18 GLU 18 16 16 GLU GLU C . n 
C 1 19 ASP 19 17 17 ASP ASP C . n 
C 1 20 VAL 20 18 18 VAL VAL C . n 
C 1 21 GLY 21 19 19 GLY GLY C . n 
C 1 22 LYS 22 20 20 LYS LYS C . n 
C 1 23 ARG 23 21 21 ARG ARG C . n 
C 1 24 ILE 24 22 22 ILE ILE C . n 
C 1 25 VAL 25 23 23 VAL VAL C . n 
C 1 26 ARG 26 24 24 ARG ARG C . n 
C 1 27 MET 27 25 25 MET MET C . n 
C 1 28 ASP 28 26 26 ASP ASP C . n 
C 1 29 LYS 29 27 27 LYS LYS C . n 
C 1 30 TYR 30 28 28 TYR TYR C . n 
C 1 31 GLU 31 29 29 GLU GLU C . n 
C 1 32 ARG 32 30 30 ARG ARG C . n 
C 1 33 ALA 33 31 31 ALA ALA C . n 
C 1 34 LYS 34 32 32 LYS LYS C . n 
C 1 35 LEU 35 33 33 LEU LEU C . n 
C 1 36 GLY 36 34 34 GLY GLY C . n 
C 1 37 VAL 37 35 35 VAL VAL C . n 
C 1 38 SER 38 36 36 SER SER C . n 
C 1 39 VAL 39 37 37 VAL VAL C . n 
C 1 40 GLY 40 38 38 GLY GLY C . n 
C 1 41 ASP 41 39 39 ASP ASP C . n 
C 1 42 TYR 42 40 40 TYR TYR C . n 
C 1 43 VAL 43 41 41 VAL VAL C . n 
C 1 44 GLU 44 42 42 GLU GLU C . n 
C 1 45 VAL 45 43 43 VAL VAL C . n 
C 1 46 LYS 46 44 44 LYS LYS C . n 
C 1 47 LYS 47 45 45 LYS LYS C . n 
C 1 48 VAL 48 46 46 VAL VAL C . n 
D 1 1  GLY 1  -1 ?  ?   ?   D . n 
D 1 2  PRO 2  0  ?  ?   ?   D . n 
D 1 3  MET 3  1  ?  ?   ?   D . n 
D 1 4  PRO 4  2  ?  ?   ?   D . n 
D 1 5  GLY 5  3  ?  ?   ?   D . n 
D 1 6  LYS 6  4  4  LYS LYS D . n 
D 1 7  SER 7  5  5  SER SER D . n 
D 1 8  VAL 8  6  6  VAL VAL D . n 
D 1 9  VAL 9  7  7  VAL VAL D . n 
D 1 10 ALA 10 8  8  ALA ALA D . n 
D 1 11 ARG 11 9  9  ARG ARG D . n 
D 1 12 VAL 12 10 10 VAL VAL D . n 
D 1 13 ALA 13 11 11 ALA ALA D . n 
D 1 14 GLU 14 12 12 GLU GLU D . n 
D 1 15 ALA 15 13 13 ALA ALA D . n 
D 1 16 TYR 16 14 14 TYR TYR D . n 
D 1 17 PRO 17 15 15 PRO PRO D . n 
D 1 18 GLU 18 16 16 GLU GLU D . n 
D 1 19 ASP 19 17 17 ASP ASP D . n 
D 1 20 VAL 20 18 18 VAL VAL D . n 
D 1 21 GLY 21 19 19 GLY GLY D . n 
D 1 22 LYS 22 20 20 LYS LYS D . n 
D 1 23 ARG 23 21 21 ARG ARG D . n 
D 1 24 ILE 24 22 22 ILE ILE D . n 
D 1 25 VAL 25 23 23 VAL VAL D . n 
D 1 26 ARG 26 24 24 ARG ARG D . n 
D 1 27 MET 27 25 25 MET MET D . n 
D 1 28 ASP 28 26 26 ASP ASP D . n 
D 1 29 LYS 29 27 27 LYS LYS D . n 
D 1 30 TYR 30 28 28 TYR TYR D . n 
D 1 31 GLU 31 29 29 GLU GLU D . n 
D 1 32 ARG 32 30 30 ARG ARG D . n 
D 1 33 ALA 33 31 31 ALA ALA D . n 
D 1 34 LYS 34 32 32 LYS LYS D . n 
D 1 35 LEU 35 33 33 LEU LEU D . n 
D 1 36 GLY 36 34 34 GLY GLY D . n 
D 1 37 VAL 37 35 35 VAL VAL D . n 
D 1 38 SER 38 36 36 SER SER D . n 
D 1 39 VAL 39 37 37 VAL VAL D . n 
D 1 40 GLY 40 38 38 GLY GLY D . n 
D 1 41 ASP 41 39 39 ASP ASP D . n 
D 1 42 TYR 42 40 40 TYR TYR D . n 
D 1 43 VAL 43 41 41 VAL VAL D . n 
D 1 44 GLU 44 42 42 GLU GLU D . n 
D 1 45 VAL 45 43 43 VAL VAL D . n 
D 1 46 LYS 46 44 44 LYS LYS D . n 
D 1 47 LYS 47 45 45 LYS LYS D . n 
D 1 48 VAL 48 46 46 VAL VAL D . n 
# 
loop_
_pdbx_nonpoly_scheme.asym_id 
_pdbx_nonpoly_scheme.entity_id 
_pdbx_nonpoly_scheme.mon_id 
_pdbx_nonpoly_scheme.ndb_seq_num 
_pdbx_nonpoly_scheme.pdb_seq_num 
_pdbx_nonpoly_scheme.auth_seq_num 
_pdbx_nonpoly_scheme.pdb_mon_id 
_pdbx_nonpoly_scheme.auth_mon_id 
_pdbx_nonpoly_scheme.pdb_strand_id 
_pdbx_nonpoly_scheme.pdb_ins_code 
E 2 SO4 1  101 1   SO4 SO4 B . 
F 2 SO4 1  102 4   SO4 SO4 B . 
G 2 SO4 1  103 5   SO4 SO4 B . 
H 2 SO4 1  101 2   SO4 SO4 C . 
I 2 SO4 1  102 3   SO4 SO4 C . 
J 3 CXS 1  103 1   CXS CXS C . 
K 4 HOH 1  101 76  HOH HOH A . 
K 4 HOH 2  102 6   HOH HOH A . 
K 4 HOH 3  103 98  HOH HOH A . 
K 4 HOH 4  104 34  HOH HOH A . 
K 4 HOH 5  105 14  HOH HOH A . 
K 4 HOH 6  106 2   HOH HOH A . 
K 4 HOH 7  107 43  HOH HOH A . 
K 4 HOH 8  108 70  HOH HOH A . 
K 4 HOH 9  109 37  HOH HOH A . 
K 4 HOH 10 110 65  HOH HOH A . 
K 4 HOH 11 111 29  HOH HOH A . 
K 4 HOH 12 112 11  HOH HOH A . 
K 4 HOH 13 113 104 HOH HOH A . 
K 4 HOH 14 114 41  HOH HOH A . 
K 4 HOH 15 115 40  HOH HOH A . 
K 4 HOH 16 116 3   HOH HOH A . 
K 4 HOH 17 117 52  HOH HOH A . 
K 4 HOH 18 118 42  HOH HOH A . 
K 4 HOH 19 119 105 HOH HOH A . 
K 4 HOH 20 120 47  HOH HOH A . 
K 4 HOH 21 121 4   HOH HOH A . 
K 4 HOH 22 122 22  HOH HOH A . 
K 4 HOH 23 123 94  HOH HOH A . 
K 4 HOH 24 124 21  HOH HOH A . 
K 4 HOH 25 125 80  HOH HOH A . 
K 4 HOH 26 126 78  HOH HOH A . 
K 4 HOH 27 127 88  HOH HOH A . 
K 4 HOH 28 128 9   HOH HOH A . 
K 4 HOH 29 129 64  HOH HOH A . 
K 4 HOH 30 130 49  HOH HOH A . 
K 4 HOH 31 131 108 HOH HOH A . 
K 4 HOH 32 132 93  HOH HOH A . 
K 4 HOH 33 133 24  HOH HOH A . 
L 4 HOH 1  201 63  HOH HOH B . 
L 4 HOH 2  202 46  HOH HOH B . 
L 4 HOH 3  203 50  HOH HOH B . 
L 4 HOH 4  204 45  HOH HOH B . 
L 4 HOH 5  205 39  HOH HOH B . 
L 4 HOH 6  206 106 HOH HOH B . 
L 4 HOH 7  207 61  HOH HOH B . 
L 4 HOH 8  208 118 HOH HOH B . 
L 4 HOH 9  209 1   HOH HOH B . 
L 4 HOH 10 210 44  HOH HOH B . 
L 4 HOH 11 211 87  HOH HOH B . 
L 4 HOH 12 212 18  HOH HOH B . 
L 4 HOH 13 213 20  HOH HOH B . 
L 4 HOH 14 214 67  HOH HOH B . 
L 4 HOH 15 215 72  HOH HOH B . 
L 4 HOH 16 216 79  HOH HOH B . 
L 4 HOH 17 217 12  HOH HOH B . 
L 4 HOH 18 218 116 HOH HOH B . 
L 4 HOH 19 219 83  HOH HOH B . 
L 4 HOH 20 220 99  HOH HOH B . 
L 4 HOH 21 221 115 HOH HOH B . 
M 4 HOH 1  201 75  HOH HOH C . 
M 4 HOH 2  202 25  HOH HOH C . 
M 4 HOH 3  203 48  HOH HOH C . 
M 4 HOH 4  204 71  HOH HOH C . 
M 4 HOH 5  205 8   HOH HOH C . 
M 4 HOH 6  206 68  HOH HOH C . 
M 4 HOH 7  207 23  HOH HOH C . 
M 4 HOH 8  208 55  HOH HOH C . 
M 4 HOH 9  209 26  HOH HOH C . 
M 4 HOH 10 210 36  HOH HOH C . 
M 4 HOH 11 211 31  HOH HOH C . 
M 4 HOH 12 212 35  HOH HOH C . 
M 4 HOH 13 213 59  HOH HOH C . 
M 4 HOH 14 214 103 HOH HOH C . 
M 4 HOH 15 215 32  HOH HOH C . 
M 4 HOH 16 216 101 HOH HOH C . 
M 4 HOH 17 217 112 HOH HOH C . 
M 4 HOH 18 218 69  HOH HOH C . 
M 4 HOH 19 219 51  HOH HOH C . 
M 4 HOH 20 220 19  HOH HOH C . 
M 4 HOH 21 221 53  HOH HOH C . 
M 4 HOH 22 222 84  HOH HOH C . 
M 4 HOH 23 223 7   HOH HOH C . 
M 4 HOH 24 224 58  HOH HOH C . 
M 4 HOH 25 225 74  HOH HOH C . 
M 4 HOH 26 226 113 HOH HOH C . 
M 4 HOH 27 227 66  HOH HOH C . 
M 4 HOH 28 228 57  HOH HOH C . 
M 4 HOH 29 229 109 HOH HOH C . 
M 4 HOH 30 230 85  HOH HOH C . 
M 4 HOH 31 231 97  HOH HOH C . 
M 4 HOH 32 232 82  HOH HOH C . 
M 4 HOH 33 233 91  HOH HOH C . 
M 4 HOH 34 234 90  HOH HOH C . 
M 4 HOH 35 235 89  HOH HOH C . 
N 4 HOH 1  101 86  HOH HOH D . 
N 4 HOH 2  102 81  HOH HOH D . 
N 4 HOH 3  103 56  HOH HOH D . 
N 4 HOH 4  104 5   HOH HOH D . 
N 4 HOH 5  105 60  HOH HOH D . 
N 4 HOH 6  106 114 HOH HOH D . 
N 4 HOH 7  107 27  HOH HOH D . 
N 4 HOH 8  108 111 HOH HOH D . 
N 4 HOH 9  109 30  HOH HOH D . 
N 4 HOH 10 110 17  HOH HOH D . 
N 4 HOH 11 111 100 HOH HOH D . 
N 4 HOH 12 112 117 HOH HOH D . 
N 4 HOH 13 113 10  HOH HOH D . 
N 4 HOH 14 114 33  HOH HOH D . 
N 4 HOH 15 115 13  HOH HOH D . 
N 4 HOH 16 116 54  HOH HOH D . 
N 4 HOH 17 117 16  HOH HOH D . 
N 4 HOH 18 118 15  HOH HOH D . 
N 4 HOH 19 119 28  HOH HOH D . 
N 4 HOH 20 120 38  HOH HOH D . 
N 4 HOH 21 121 77  HOH HOH D . 
N 4 HOH 22 122 96  HOH HOH D . 
N 4 HOH 23 123 95  HOH HOH D . 
N 4 HOH 24 124 62  HOH HOH D . 
N 4 HOH 25 125 73  HOH HOH D . 
N 4 HOH 26 126 119 HOH HOH D . 
N 4 HOH 27 127 92  HOH HOH D . 
N 4 HOH 28 128 110 HOH HOH D . 
N 4 HOH 29 129 102 HOH HOH D . 
N 4 HOH 30 130 107 HOH HOH D . 
# 
loop_
_pdbx_struct_assembly.id 
_pdbx_struct_assembly.details 
_pdbx_struct_assembly.method_details 
_pdbx_struct_assembly.oligomeric_details 
_pdbx_struct_assembly.oligomeric_count 
1 author_and_software_defined_assembly PISA dimeric 2 
2 author_and_software_defined_assembly PISA dimeric 2 
# 
loop_
_pdbx_struct_assembly_gen.assembly_id 
_pdbx_struct_assembly_gen.oper_expression 
_pdbx_struct_assembly_gen.asym_id_list 
1 1 A,B,E,F,G,K,L 
2 1 C,D,H,I,J,M,N 
# 
loop_
_pdbx_struct_assembly_prop.biol_id 
_pdbx_struct_assembly_prop.type 
_pdbx_struct_assembly_prop.value 
_pdbx_struct_assembly_prop.details 
1 'ABSA (A^2)' 4920 ? 
1 MORE         -71  ? 
1 'SSA (A^2)'  5300 ? 
2 'ABSA (A^2)' 5150 ? 
2 MORE         -51  ? 
2 'SSA (A^2)'  4830 ? 
# 
_pdbx_struct_oper_list.id                   1 
_pdbx_struct_oper_list.type                 'identity operation' 
_pdbx_struct_oper_list.name                 1_555 
_pdbx_struct_oper_list.symmetry_operation   x,y,z 
_pdbx_struct_oper_list.matrix[1][1]         1.0000000000 
_pdbx_struct_oper_list.matrix[1][2]         0.0000000000 
_pdbx_struct_oper_list.matrix[1][3]         0.0000000000 
_pdbx_struct_oper_list.vector[1]            0.0000000000 
_pdbx_struct_oper_list.matrix[2][1]         0.0000000000 
_pdbx_struct_oper_list.matrix[2][2]         1.0000000000 
_pdbx_struct_oper_list.matrix[2][3]         0.0000000000 
_pdbx_struct_oper_list.vector[2]            0.0000000000 
_pdbx_struct_oper_list.matrix[3][1]         0.0000000000 
_pdbx_struct_oper_list.matrix[3][2]         0.0000000000 
_pdbx_struct_oper_list.matrix[3][3]         1.0000000000 
_pdbx_struct_oper_list.vector[3]            0.0000000000 
# 
loop_
_pdbx_audit_revision_history.ordinal 
_pdbx_audit_revision_history.data_content_type 
_pdbx_audit_revision_history.major_revision 
_pdbx_audit_revision_history.minor_revision 
_pdbx_audit_revision_history.revision_date 
1 'Structure model' 1 0 2021-09-29 
2 'Structure model' 1 1 2021-11-17 
3 'Structure model' 1 2 2023-11-29 
# 
_pdbx_audit_revision_details.ordinal             1 
_pdbx_audit_revision_details.revision_ordinal    1 
_pdbx_audit_revision_details.data_content_type   'Structure model' 
_pdbx_audit_revision_details.provider            repository 
_pdbx_audit_revision_details.type                'Initial release' 
_pdbx_audit_revision_details.description         ? 
_pdbx_audit_revision_details.details             ? 
# 
loop_
_pdbx_audit_revision_group.ordinal 
_pdbx_audit_revision_group.revision_ordinal 
_pdbx_audit_revision_group.data_content_type 
_pdbx_audit_revision_group.group 
1 2 'Structure model' 'Database references'    
2 3 'Structure model' 'Data collection'        
3 3 'Structure model' 'Database references'    
4 3 'Structure model' 'Refinement description' 
# 
loop_
_pdbx_audit_revision_category.ordinal 
_pdbx_audit_revision_category.revision_ordinal 
_pdbx_audit_revision_category.data_content_type 
_pdbx_audit_revision_category.category 
1 2 'Structure model' citation                      
2 2 'Structure model' citation_author               
3 3 'Structure model' chem_comp_atom                
4 3 'Structure model' chem_comp_bond                
5 3 'Structure model' citation                      
6 3 'Structure model' pdbx_initial_refinement_model 
# 
_pdbx_audit_revision_item.ordinal             1 
_pdbx_audit_revision_item.revision_ordinal    3 
_pdbx_audit_revision_item.data_content_type   'Structure model' 
_pdbx_audit_revision_item.item                '_citation.journal_id_ISSN' 
# 
loop_
_software.citation_id 
_software.classification 
_software.compiler_name 
_software.compiler_version 
_software.contact_author 
_software.contact_author_email 
_software.date 
_software.description 
_software.dependencies 
_software.hardware 
_software.language 
_software.location 
_software.mods 
_software.name 
_software.os 
_software.os_version 
_software.type 
_software.version 
_software.pdbx_ordinal 
? refinement        ? ? ? ? ? ? ? ? ? ? ? PHENIX      ? ? ? 1.17.1_3660 1 
? 'data extraction' ? ? ? ? ? ? ? ? ? ? ? PDB_EXTRACT ? ? ? 3.27        2 
? 'data reduction'  ? ? ? ? ? ? ? ? ? ? ? XDS         ? ? ? .           3 
? 'data scaling'    ? ? ? ? ? ? ? ? ? ? ? XDS         ? ? ? .           4 
? phasing           ? ? ? ? ? ? ? ? ? ? ? PHASER      ? ? ? .           5 
# 
_pdbx_entry_details.entry_id                 7DXR 
_pdbx_entry_details.has_ligand_of_interest   N 
_pdbx_entry_details.compound_details         ? 
_pdbx_entry_details.source_details           ? 
_pdbx_entry_details.nonpolymer_details       ? 
_pdbx_entry_details.sequence_details         ? 
# 
loop_
_pdbx_validate_close_contact.id 
_pdbx_validate_close_contact.PDB_model_num 
_pdbx_validate_close_contact.auth_atom_id_1 
_pdbx_validate_close_contact.auth_asym_id_1 
_pdbx_validate_close_contact.auth_comp_id_1 
_pdbx_validate_close_contact.auth_seq_id_1 
_pdbx_validate_close_contact.PDB_ins_code_1 
_pdbx_validate_close_contact.label_alt_id_1 
_pdbx_validate_close_contact.auth_atom_id_2 
_pdbx_validate_close_contact.auth_asym_id_2 
_pdbx_validate_close_contact.auth_comp_id_2 
_pdbx_validate_close_contact.auth_seq_id_2 
_pdbx_validate_close_contact.PDB_ins_code_2 
_pdbx_validate_close_contact.label_alt_id_2 
_pdbx_validate_close_contact.dist 
1 1 N   C SER 5   ? ? O C HOH 201 ? ? 2.04 
2 1 O   D HOH 125 ? ? O D HOH 129 ? ? 2.05 
3 1 O   D HOH 121 ? ? O D HOH 129 ? ? 2.12 
4 1 OH  A TYR 14  ? ? O A HOH 101 ? ? 2.12 
5 1 OD1 B ASP 39  ? ? O B HOH 201 ? ? 2.15 
6 1 O   A HOH 113 ? ? O A HOH 117 ? ? 2.16 
7 1 O3  B SO4 103 ? ? O B HOH 202 ? ? 2.17 
# 
loop_
_pdbx_validate_symm_contact.id 
_pdbx_validate_symm_contact.PDB_model_num 
_pdbx_validate_symm_contact.auth_atom_id_1 
_pdbx_validate_symm_contact.auth_asym_id_1 
_pdbx_validate_symm_contact.auth_comp_id_1 
_pdbx_validate_symm_contact.auth_seq_id_1 
_pdbx_validate_symm_contact.PDB_ins_code_1 
_pdbx_validate_symm_contact.label_alt_id_1 
_pdbx_validate_symm_contact.site_symmetry_1 
_pdbx_validate_symm_contact.auth_atom_id_2 
_pdbx_validate_symm_contact.auth_asym_id_2 
_pdbx_validate_symm_contact.auth_comp_id_2 
_pdbx_validate_symm_contact.auth_seq_id_2 
_pdbx_validate_symm_contact.PDB_ins_code_2 
_pdbx_validate_symm_contact.label_alt_id_2 
_pdbx_validate_symm_contact.site_symmetry_2 
_pdbx_validate_symm_contact.dist 
1 1 O  A HOH 123 ? ? 1_555 O   D HOH 111 ? ? 2_455 1.71 
2 1 O  A HOH 103 ? ? 1_555 O   B HOH 216 ? ? 3_455 2.05 
3 1 OH B TYR 28  ? ? 1_555 OE2 C GLU 42  ? ? 4_445 2.14 
4 1 O  B HOH 215 ? ? 1_555 O   C HOH 229 ? ? 3_445 2.15 
# 
loop_
_pdbx_unobs_or_zero_occ_residues.id 
_pdbx_unobs_or_zero_occ_residues.PDB_model_num 
_pdbx_unobs_or_zero_occ_residues.polymer_flag 
_pdbx_unobs_or_zero_occ_residues.occupancy_flag 
_pdbx_unobs_or_zero_occ_residues.auth_asym_id 
_pdbx_unobs_or_zero_occ_residues.auth_comp_id 
_pdbx_unobs_or_zero_occ_residues.auth_seq_id 
_pdbx_unobs_or_zero_occ_residues.PDB_ins_code 
_pdbx_unobs_or_zero_occ_residues.label_asym_id 
_pdbx_unobs_or_zero_occ_residues.label_comp_id 
_pdbx_unobs_or_zero_occ_residues.label_seq_id 
1  1 Y 1 B GLY -1 ? B GLY 1 
2  1 Y 1 B PRO 0  ? B PRO 2 
3  1 Y 1 B MET 1  ? B MET 3 
4  1 Y 1 B PRO 2  ? B PRO 4 
5  1 Y 1 B GLY 3  ? B GLY 5 
6  1 Y 1 C GLY -1 ? C GLY 1 
7  1 Y 1 C PRO 0  ? C PRO 2 
8  1 Y 1 C MET 1  ? C MET 3 
9  1 Y 1 C PRO 2  ? C PRO 4 
10 1 Y 1 C GLY 3  ? C GLY 5 
11 1 Y 1 C LYS 4  ? C LYS 6 
12 1 Y 1 D GLY -1 ? D GLY 1 
13 1 Y 1 D PRO 0  ? D PRO 2 
14 1 Y 1 D MET 1  ? D MET 3 
15 1 Y 1 D PRO 2  ? D PRO 4 
16 1 Y 1 D GLY 3  ? D GLY 5 
# 
loop_
_chem_comp_atom.comp_id 
_chem_comp_atom.atom_id 
_chem_comp_atom.type_symbol 
_chem_comp_atom.pdbx_aromatic_flag 
_chem_comp_atom.pdbx_stereo_config 
_chem_comp_atom.pdbx_ordinal 
ALA N    N N N 1   
ALA CA   C N S 2   
ALA C    C N N 3   
ALA O    O N N 4   
ALA CB   C N N 5   
ALA OXT  O N N 6   
ALA H    H N N 7   
ALA H2   H N N 8   
ALA HA   H N N 9   
ALA HB1  H N N 10  
ALA HB2  H N N 11  
ALA HB3  H N N 12  
ALA HXT  H N N 13  
ARG N    N N N 14  
ARG CA   C N S 15  
ARG C    C N N 16  
ARG O    O N N 17  
ARG CB   C N N 18  
ARG CG   C N N 19  
ARG CD   C N N 20  
ARG NE   N N N 21  
ARG CZ   C N N 22  
ARG NH1  N N N 23  
ARG NH2  N N N 24  
ARG OXT  O N N 25  
ARG H    H N N 26  
ARG H2   H N N 27  
ARG HA   H N N 28  
ARG HB2  H N N 29  
ARG HB3  H N N 30  
ARG HG2  H N N 31  
ARG HG3  H N N 32  
ARG HD2  H N N 33  
ARG HD3  H N N 34  
ARG HE   H N N 35  
ARG HH11 H N N 36  
ARG HH12 H N N 37  
ARG HH21 H N N 38  
ARG HH22 H N N 39  
ARG HXT  H N N 40  
ASP N    N N N 41  
ASP CA   C N S 42  
ASP C    C N N 43  
ASP O    O N N 44  
ASP CB   C N N 45  
ASP CG   C N N 46  
ASP OD1  O N N 47  
ASP OD2  O N N 48  
ASP OXT  O N N 49  
ASP H    H N N 50  
ASP H2   H N N 51  
ASP HA   H N N 52  
ASP HB2  H N N 53  
ASP HB3  H N N 54  
ASP HD2  H N N 55  
ASP HXT  H N N 56  
CXS S    S N N 57  
CXS O1   O N N 58  
CXS O2   O N N 59  
CXS O3   O N N 60  
CXS C1   C N N 61  
CXS C2   C N N 62  
CXS C3   C N N 63  
CXS N    N N N 64  
CXS C4   C N N 65  
CXS C5   C N N 66  
CXS C6   C N N 67  
CXS C7   C N N 68  
CXS C8   C N N 69  
CXS C9   C N N 70  
CXS HO3  H N N 71  
CXS H11  H N N 72  
CXS H12  H N N 73  
CXS H21  H N N 74  
CXS H22  H N N 75  
CXS H31  H N N 76  
CXS H32  H N N 77  
CXS HN   H N N 78  
CXS H4   H N N 79  
CXS H51  H N N 80  
CXS H52  H N N 81  
CXS H61  H N N 82  
CXS H62  H N N 83  
CXS H71  H N N 84  
CXS H72  H N N 85  
CXS H81  H N N 86  
CXS H82  H N N 87  
CXS H91  H N N 88  
CXS H92  H N N 89  
GLU N    N N N 90  
GLU CA   C N S 91  
GLU C    C N N 92  
GLU O    O N N 93  
GLU CB   C N N 94  
GLU CG   C N N 95  
GLU CD   C N N 96  
GLU OE1  O N N 97  
GLU OE2  O N N 98  
GLU OXT  O N N 99  
GLU H    H N N 100 
GLU H2   H N N 101 
GLU HA   H N N 102 
GLU HB2  H N N 103 
GLU HB3  H N N 104 
GLU HG2  H N N 105 
GLU HG3  H N N 106 
GLU HE2  H N N 107 
GLU HXT  H N N 108 
GLY N    N N N 109 
GLY CA   C N N 110 
GLY C    C N N 111 
GLY O    O N N 112 
GLY OXT  O N N 113 
GLY H    H N N 114 
GLY H2   H N N 115 
GLY HA2  H N N 116 
GLY HA3  H N N 117 
GLY HXT  H N N 118 
HOH O    O N N 119 
HOH H1   H N N 120 
HOH H2   H N N 121 
ILE N    N N N 122 
ILE CA   C N S 123 
ILE C    C N N 124 
ILE O    O N N 125 
ILE CB   C N S 126 
ILE CG1  C N N 127 
ILE CG2  C N N 128 
ILE CD1  C N N 129 
ILE OXT  O N N 130 
ILE H    H N N 131 
ILE H2   H N N 132 
ILE HA   H N N 133 
ILE HB   H N N 134 
ILE HG12 H N N 135 
ILE HG13 H N N 136 
ILE HG21 H N N 137 
ILE HG22 H N N 138 
ILE HG23 H N N 139 
ILE HD11 H N N 140 
ILE HD12 H N N 141 
ILE HD13 H N N 142 
ILE HXT  H N N 143 
LEU N    N N N 144 
LEU CA   C N S 145 
LEU C    C N N 146 
LEU O    O N N 147 
LEU CB   C N N 148 
LEU CG   C N N 149 
LEU CD1  C N N 150 
LEU CD2  C N N 151 
LEU OXT  O N N 152 
LEU H    H N N 153 
LEU H2   H N N 154 
LEU HA   H N N 155 
LEU HB2  H N N 156 
LEU HB3  H N N 157 
LEU HG   H N N 158 
LEU HD11 H N N 159 
LEU HD12 H N N 160 
LEU HD13 H N N 161 
LEU HD21 H N N 162 
LEU HD22 H N N 163 
LEU HD23 H N N 164 
LEU HXT  H N N 165 
LYS N    N N N 166 
LYS CA   C N S 167 
LYS C    C N N 168 
LYS O    O N N 169 
LYS CB   C N N 170 
LYS CG   C N N 171 
LYS CD   C N N 172 
LYS CE   C N N 173 
LYS NZ   N N N 174 
LYS OXT  O N N 175 
LYS H    H N N 176 
LYS H2   H N N 177 
LYS HA   H N N 178 
LYS HB2  H N N 179 
LYS HB3  H N N 180 
LYS HG2  H N N 181 
LYS HG3  H N N 182 
LYS HD2  H N N 183 
LYS HD3  H N N 184 
LYS HE2  H N N 185 
LYS HE3  H N N 186 
LYS HZ1  H N N 187 
LYS HZ2  H N N 188 
LYS HZ3  H N N 189 
LYS HXT  H N N 190 
MET N    N N N 191 
MET CA   C N S 192 
MET C    C N N 193 
MET O    O N N 194 
MET CB   C N N 195 
MET CG   C N N 196 
MET SD   S N N 197 
MET CE   C N N 198 
MET OXT  O N N 199 
MET H    H N N 200 
MET H2   H N N 201 
MET HA   H N N 202 
MET HB2  H N N 203 
MET HB3  H N N 204 
MET HG2  H N N 205 
MET HG3  H N N 206 
MET HE1  H N N 207 
MET HE2  H N N 208 
MET HE3  H N N 209 
MET HXT  H N N 210 
PRO N    N N N 211 
PRO CA   C N S 212 
PRO C    C N N 213 
PRO O    O N N 214 
PRO CB   C N N 215 
PRO CG   C N N 216 
PRO CD   C N N 217 
PRO OXT  O N N 218 
PRO H    H N N 219 
PRO HA   H N N 220 
PRO HB2  H N N 221 
PRO HB3  H N N 222 
PRO HG2  H N N 223 
PRO HG3  H N N 224 
PRO HD2  H N N 225 
PRO HD3  H N N 226 
PRO HXT  H N N 227 
SER N    N N N 228 
SER CA   C N S 229 
SER C    C N N 230 
SER O    O N N 231 
SER CB   C N N 232 
SER OG   O N N 233 
SER OXT  O N N 234 
SER H    H N N 235 
SER H2   H N N 236 
SER HA   H N N 237 
SER HB2  H N N 238 
SER HB3  H N N 239 
SER HG   H N N 240 
SER HXT  H N N 241 
SO4 S    S N N 242 
SO4 O1   O N N 243 
SO4 O2   O N N 244 
SO4 O3   O N N 245 
SO4 O4   O N N 246 
TYR N    N N N 247 
TYR CA   C N S 248 
TYR C    C N N 249 
TYR O    O N N 250 
TYR CB   C N N 251 
TYR CG   C Y N 252 
TYR CD1  C Y N 253 
TYR CD2  C Y N 254 
TYR CE1  C Y N 255 
TYR CE2  C Y N 256 
TYR CZ   C Y N 257 
TYR OH   O N N 258 
TYR OXT  O N N 259 
TYR H    H N N 260 
TYR H2   H N N 261 
TYR HA   H N N 262 
TYR HB2  H N N 263 
TYR HB3  H N N 264 
TYR HD1  H N N 265 
TYR HD2  H N N 266 
TYR HE1  H N N 267 
TYR HE2  H N N 268 
TYR HH   H N N 269 
TYR HXT  H N N 270 
VAL N    N N N 271 
VAL CA   C N S 272 
VAL C    C N N 273 
VAL O    O N N 274 
VAL CB   C N N 275 
VAL CG1  C N N 276 
VAL CG2  C N N 277 
VAL OXT  O N N 278 
VAL H    H N N 279 
VAL H2   H N N 280 
VAL HA   H N N 281 
VAL HB   H N N 282 
VAL HG11 H N N 283 
VAL HG12 H N N 284 
VAL HG13 H N N 285 
VAL HG21 H N N 286 
VAL HG22 H N N 287 
VAL HG23 H N N 288 
VAL HXT  H N N 289 
# 
loop_
_chem_comp_bond.comp_id 
_chem_comp_bond.atom_id_1 
_chem_comp_bond.atom_id_2 
_chem_comp_bond.value_order 
_chem_comp_bond.pdbx_aromatic_flag 
_chem_comp_bond.pdbx_stereo_config 
_chem_comp_bond.pdbx_ordinal 
ALA N   CA   sing N N 1   
ALA N   H    sing N N 2   
ALA N   H2   sing N N 3   
ALA CA  C    sing N N 4   
ALA CA  CB   sing N N 5   
ALA CA  HA   sing N N 6   
ALA C   O    doub N N 7   
ALA C   OXT  sing N N 8   
ALA CB  HB1  sing N N 9   
ALA CB  HB2  sing N N 10  
ALA CB  HB3  sing N N 11  
ALA OXT HXT  sing N N 12  
ARG N   CA   sing N N 13  
ARG N   H    sing N N 14  
ARG N   H2   sing N N 15  
ARG CA  C    sing N N 16  
ARG CA  CB   sing N N 17  
ARG CA  HA   sing N N 18  
ARG C   O    doub N N 19  
ARG C   OXT  sing N N 20  
ARG CB  CG   sing N N 21  
ARG CB  HB2  sing N N 22  
ARG CB  HB3  sing N N 23  
ARG CG  CD   sing N N 24  
ARG CG  HG2  sing N N 25  
ARG CG  HG3  sing N N 26  
ARG CD  NE   sing N N 27  
ARG CD  HD2  sing N N 28  
ARG CD  HD3  sing N N 29  
ARG NE  CZ   sing N N 30  
ARG NE  HE   sing N N 31  
ARG CZ  NH1  sing N N 32  
ARG CZ  NH2  doub N N 33  
ARG NH1 HH11 sing N N 34  
ARG NH1 HH12 sing N N 35  
ARG NH2 HH21 sing N N 36  
ARG NH2 HH22 sing N N 37  
ARG OXT HXT  sing N N 38  
ASP N   CA   sing N N 39  
ASP N   H    sing N N 40  
ASP N   H2   sing N N 41  
ASP CA  C    sing N N 42  
ASP CA  CB   sing N N 43  
ASP CA  HA   sing N N 44  
ASP C   O    doub N N 45  
ASP C   OXT  sing N N 46  
ASP CB  CG   sing N N 47  
ASP CB  HB2  sing N N 48  
ASP CB  HB3  sing N N 49  
ASP CG  OD1  doub N N 50  
ASP CG  OD2  sing N N 51  
ASP OD2 HD2  sing N N 52  
ASP OXT HXT  sing N N 53  
CXS S   O1   doub N N 54  
CXS S   O2   doub N N 55  
CXS S   O3   sing N N 56  
CXS S   C1   sing N N 57  
CXS O3  HO3  sing N N 58  
CXS C1  C2   sing N N 59  
CXS C1  H11  sing N N 60  
CXS C1  H12  sing N N 61  
CXS C2  C3   sing N N 62  
CXS C2  H21  sing N N 63  
CXS C2  H22  sing N N 64  
CXS C3  N    sing N N 65  
CXS C3  H31  sing N N 66  
CXS C3  H32  sing N N 67  
CXS N   C4   sing N N 68  
CXS N   HN   sing N N 69  
CXS C4  C5   sing N N 70  
CXS C4  C9   sing N N 71  
CXS C4  H4   sing N N 72  
CXS C5  C6   sing N N 73  
CXS C5  H51  sing N N 74  
CXS C5  H52  sing N N 75  
CXS C6  C7   sing N N 76  
CXS C6  H61  sing N N 77  
CXS C6  H62  sing N N 78  
CXS C7  C8   sing N N 79  
CXS C7  H71  sing N N 80  
CXS C7  H72  sing N N 81  
CXS C8  C9   sing N N 82  
CXS C8  H81  sing N N 83  
CXS C8  H82  sing N N 84  
CXS C9  H91  sing N N 85  
CXS C9  H92  sing N N 86  
GLU N   CA   sing N N 87  
GLU N   H    sing N N 88  
GLU N   H2   sing N N 89  
GLU CA  C    sing N N 90  
GLU CA  CB   sing N N 91  
GLU CA  HA   sing N N 92  
GLU C   O    doub N N 93  
GLU C   OXT  sing N N 94  
GLU CB  CG   sing N N 95  
GLU CB  HB2  sing N N 96  
GLU CB  HB3  sing N N 97  
GLU CG  CD   sing N N 98  
GLU CG  HG2  sing N N 99  
GLU CG  HG3  sing N N 100 
GLU CD  OE1  doub N N 101 
GLU CD  OE2  sing N N 102 
GLU OE2 HE2  sing N N 103 
GLU OXT HXT  sing N N 104 
GLY N   CA   sing N N 105 
GLY N   H    sing N N 106 
GLY N   H2   sing N N 107 
GLY CA  C    sing N N 108 
GLY CA  HA2  sing N N 109 
GLY CA  HA3  sing N N 110 
GLY C   O    doub N N 111 
GLY C   OXT  sing N N 112 
GLY OXT HXT  sing N N 113 
HOH O   H1   sing N N 114 
HOH O   H2   sing N N 115 
ILE N   CA   sing N N 116 
ILE N   H    sing N N 117 
ILE N   H2   sing N N 118 
ILE CA  C    sing N N 119 
ILE CA  CB   sing N N 120 
ILE CA  HA   sing N N 121 
ILE C   O    doub N N 122 
ILE C   OXT  sing N N 123 
ILE CB  CG1  sing N N 124 
ILE CB  CG2  sing N N 125 
ILE CB  HB   sing N N 126 
ILE CG1 CD1  sing N N 127 
ILE CG1 HG12 sing N N 128 
ILE CG1 HG13 sing N N 129 
ILE CG2 HG21 sing N N 130 
ILE CG2 HG22 sing N N 131 
ILE CG2 HG23 sing N N 132 
ILE CD1 HD11 sing N N 133 
ILE CD1 HD12 sing N N 134 
ILE CD1 HD13 sing N N 135 
ILE OXT HXT  sing N N 136 
LEU N   CA   sing N N 137 
LEU N   H    sing N N 138 
LEU N   H2   sing N N 139 
LEU CA  C    sing N N 140 
LEU CA  CB   sing N N 141 
LEU CA  HA   sing N N 142 
LEU C   O    doub N N 143 
LEU C   OXT  sing N N 144 
LEU CB  CG   sing N N 145 
LEU CB  HB2  sing N N 146 
LEU CB  HB3  sing N N 147 
LEU CG  CD1  sing N N 148 
LEU CG  CD2  sing N N 149 
LEU CG  HG   sing N N 150 
LEU CD1 HD11 sing N N 151 
LEU CD1 HD12 sing N N 152 
LEU CD1 HD13 sing N N 153 
LEU CD2 HD21 sing N N 154 
LEU CD2 HD22 sing N N 155 
LEU CD2 HD23 sing N N 156 
LEU OXT HXT  sing N N 157 
LYS N   CA   sing N N 158 
LYS N   H    sing N N 159 
LYS N   H2   sing N N 160 
LYS CA  C    sing N N 161 
LYS CA  CB   sing N N 162 
LYS CA  HA   sing N N 163 
LYS C   O    doub N N 164 
LYS C   OXT  sing N N 165 
LYS CB  CG   sing N N 166 
LYS CB  HB2  sing N N 167 
LYS CB  HB3  sing N N 168 
LYS CG  CD   sing N N 169 
LYS CG  HG2  sing N N 170 
LYS CG  HG3  sing N N 171 
LYS CD  CE   sing N N 172 
LYS CD  HD2  sing N N 173 
LYS CD  HD3  sing N N 174 
LYS CE  NZ   sing N N 175 
LYS CE  HE2  sing N N 176 
LYS CE  HE3  sing N N 177 
LYS NZ  HZ1  sing N N 178 
LYS NZ  HZ2  sing N N 179 
LYS NZ  HZ3  sing N N 180 
LYS OXT HXT  sing N N 181 
MET N   CA   sing N N 182 
MET N   H    sing N N 183 
MET N   H2   sing N N 184 
MET CA  C    sing N N 185 
MET CA  CB   sing N N 186 
MET CA  HA   sing N N 187 
MET C   O    doub N N 188 
MET C   OXT  sing N N 189 
MET CB  CG   sing N N 190 
MET CB  HB2  sing N N 191 
MET CB  HB3  sing N N 192 
MET CG  SD   sing N N 193 
MET CG  HG2  sing N N 194 
MET CG  HG3  sing N N 195 
MET SD  CE   sing N N 196 
MET CE  HE1  sing N N 197 
MET CE  HE2  sing N N 198 
MET CE  HE3  sing N N 199 
MET OXT HXT  sing N N 200 
PRO N   CA   sing N N 201 
PRO N   CD   sing N N 202 
PRO N   H    sing N N 203 
PRO CA  C    sing N N 204 
PRO CA  CB   sing N N 205 
PRO CA  HA   sing N N 206 
PRO C   O    doub N N 207 
PRO C   OXT  sing N N 208 
PRO CB  CG   sing N N 209 
PRO CB  HB2  sing N N 210 
PRO CB  HB3  sing N N 211 
PRO CG  CD   sing N N 212 
PRO CG  HG2  sing N N 213 
PRO CG  HG3  sing N N 214 
PRO CD  HD2  sing N N 215 
PRO CD  HD3  sing N N 216 
PRO OXT HXT  sing N N 217 
SER N   CA   sing N N 218 
SER N   H    sing N N 219 
SER N   H2   sing N N 220 
SER CA  C    sing N N 221 
SER CA  CB   sing N N 222 
SER CA  HA   sing N N 223 
SER C   O    doub N N 224 
SER C   OXT  sing N N 225 
SER CB  OG   sing N N 226 
SER CB  HB2  sing N N 227 
SER CB  HB3  sing N N 228 
SER OG  HG   sing N N 229 
SER OXT HXT  sing N N 230 
SO4 S   O1   doub N N 231 
SO4 S   O2   doub N N 232 
SO4 S   O3   sing N N 233 
SO4 S   O4   sing N N 234 
TYR N   CA   sing N N 235 
TYR N   H    sing N N 236 
TYR N   H2   sing N N 237 
TYR CA  C    sing N N 238 
TYR CA  CB   sing N N 239 
TYR CA  HA   sing N N 240 
TYR C   O    doub N N 241 
TYR C   OXT  sing N N 242 
TYR CB  CG   sing N N 243 
TYR CB  HB2  sing N N 244 
TYR CB  HB3  sing N N 245 
TYR CG  CD1  doub Y N 246 
TYR CG  CD2  sing Y N 247 
TYR CD1 CE1  sing Y N 248 
TYR CD1 HD1  sing N N 249 
TYR CD2 CE2  doub Y N 250 
TYR CD2 HD2  sing N N 251 
TYR CE1 CZ   doub Y N 252 
TYR CE1 HE1  sing N N 253 
TYR CE2 CZ   sing Y N 254 
TYR CE2 HE2  sing N N 255 
TYR CZ  OH   sing N N 256 
TYR OH  HH   sing N N 257 
TYR OXT HXT  sing N N 258 
VAL N   CA   sing N N 259 
VAL N   H    sing N N 260 
VAL N   H2   sing N N 261 
VAL CA  C    sing N N 262 
VAL CA  CB   sing N N 263 
VAL CA  HA   sing N N 264 
VAL C   O    doub N N 265 
VAL C   OXT  sing N N 266 
VAL CB  CG1  sing N N 267 
VAL CB  CG2  sing N N 268 
VAL CB  HB   sing N N 269 
VAL CG1 HG11 sing N N 270 
VAL CG1 HG12 sing N N 271 
VAL CG1 HG13 sing N N 272 
VAL CG2 HG21 sing N N 273 
VAL CG2 HG22 sing N N 274 
VAL CG2 HG23 sing N N 275 
VAL OXT HXT  sing N N 276 
# 
_pdbx_audit_support.funding_organization   'Japan Society for the Promotion of Science (JSPS)' 
_pdbx_audit_support.country                Japan 
_pdbx_audit_support.grant_number           18H01328 
_pdbx_audit_support.ordinal                1 
# 
loop_
_pdbx_entity_nonpoly.entity_id 
_pdbx_entity_nonpoly.name 
_pdbx_entity_nonpoly.comp_id 
2 'SULFATE ION'                        SO4 
3 '3-CYCLOHEXYL-1-PROPYLSULFONIC ACID' CXS 
4 water                                HOH 
# 
_pdbx_initial_refinement_model.id               1 
_pdbx_initial_refinement_model.entity_id_list   ? 
_pdbx_initial_refinement_model.type             'experimental model' 
_pdbx_initial_refinement_model.source_name      PDB 
_pdbx_initial_refinement_model.accession_code   7DU6 
_pdbx_initial_refinement_model.details          ? 
# 
_pdbx_struct_assembly_auth_evidence.id                     1 
_pdbx_struct_assembly_auth_evidence.assembly_id            1 
_pdbx_struct_assembly_auth_evidence.experimental_support   'gel filtration' 
_pdbx_struct_assembly_auth_evidence.details                ? 
# 
